data_8QYF
#
_entry.id   8QYF
#
_cell.length_a   94.963
_cell.length_b   123.158
_cell.length_c   126.244
_cell.angle_alpha   90.00
_cell.angle_beta   91.23
_cell.angle_gamma   90.00
#
_symmetry.space_group_name_H-M   'P 1 21 1'
#
loop_
_entity.id
_entity.type
_entity.pdbx_description
1 polymer 'ATP-dependent Clp protease proteolytic subunit'
2 non-polymer '[(1~{R})-1-[2-[[2,5-bis(chloranyl)phenyl]carbonylamino]ethanoylamino]-3-methyl-butyl]boronic acid'
3 water water
#
_entity_poly.entity_id   1
_entity_poly.type   'polypeptide(L)'
_entity_poly.pdbx_seq_one_letter_code
;MNLIPTVIETTNRGERAYDIYSRLLKDRIIMLGSQIDDNVANSIVSQLLFLQAQDSEKDIYLYINSPGGSVTAGFAIYDT
IQHIKPDVQTICIGMAASMGSFLLAAGAKGKRFALPNAEVMIHQPLGGAQGQATEIEIAANHILKTREKLNRILSERTGQ
SIEKIQQDTDRDNFLTAAEAKEYGLIDEVMEPEKHHHHHH
;
_entity_poly.pdbx_strand_id   A,B,C,D,E,F,G,H,I,J,K,L,M,N
#
# COMPACT_ATOMS: atom_id res chain seq x y z
N ILE A 4 -21.12 -26.01 -0.19
CA ILE A 4 -21.50 -25.41 1.09
C ILE A 4 -22.64 -26.14 1.89
N PRO A 5 -23.73 -26.60 1.27
CA PRO A 5 -24.87 -27.09 2.06
C PRO A 5 -24.65 -28.48 2.65
N THR A 6 -25.45 -28.77 3.69
CA THR A 6 -25.39 -30.01 4.47
C THR A 6 -26.61 -30.91 4.18
N VAL A 7 -26.43 -32.23 4.34
CA VAL A 7 -27.50 -33.21 4.16
C VAL A 7 -27.43 -34.23 5.30
N ILE A 8 -28.59 -34.53 5.91
CA ILE A 8 -28.66 -35.52 7.00
C ILE A 8 -29.64 -36.62 6.65
N ALA A 17 -24.69 -36.88 8.98
CA ALA A 17 -24.21 -35.53 8.53
C ALA A 17 -22.93 -35.44 7.61
N TYR A 18 -23.19 -34.89 6.43
CA TYR A 18 -22.38 -34.72 5.22
C TYR A 18 -22.52 -33.31 4.63
N ASP A 19 -21.43 -32.75 4.08
CA ASP A 19 -21.59 -31.65 3.12
C ASP A 19 -22.03 -32.24 1.77
N ILE A 20 -22.47 -31.38 0.85
CA ILE A 20 -23.04 -31.89 -0.41
C ILE A 20 -22.02 -32.72 -1.19
N TYR A 21 -20.73 -32.33 -1.15
CA TYR A 21 -19.73 -33.08 -1.91
C TYR A 21 -19.41 -34.42 -1.23
N SER A 22 -19.44 -34.45 0.09
CA SER A 22 -19.25 -35.71 0.81
C SER A 22 -20.40 -36.66 0.51
N ARG A 23 -21.61 -36.12 0.42
CA ARG A 23 -22.76 -36.95 0.05
C ARG A 23 -22.59 -37.55 -1.35
N LEU A 24 -22.10 -36.75 -2.33
CA LEU A 24 -21.89 -37.33 -3.65
C LEU A 24 -20.72 -38.32 -3.68
N LEU A 25 -19.69 -38.10 -2.84
CA LEU A 25 -18.58 -39.06 -2.78
C LEU A 25 -19.07 -40.44 -2.33
N LYS A 26 -20.11 -40.47 -1.48
CA LYS A 26 -20.74 -41.75 -1.12
C LYS A 26 -21.22 -42.52 -2.35
N ASP A 27 -21.66 -41.82 -3.40
CA ASP A 27 -22.04 -42.45 -4.67
C ASP A 27 -20.88 -42.50 -5.68
N ARG A 28 -19.63 -42.37 -5.23
CA ARG A 28 -18.45 -42.50 -6.09
C ARG A 28 -18.37 -41.39 -7.12
N ILE A 29 -18.88 -40.20 -6.78
CA ILE A 29 -18.77 -39.01 -7.61
C ILE A 29 -17.75 -38.07 -6.96
N ILE A 30 -16.74 -37.69 -7.73
CA ILE A 30 -15.75 -36.69 -7.33
C ILE A 30 -15.97 -35.43 -8.16
N MET A 31 -16.02 -34.26 -7.50
CA MET A 31 -16.24 -32.98 -8.17
C MET A 31 -14.93 -32.21 -8.24
N LEU A 32 -14.38 -32.06 -9.45
CA LEU A 32 -13.21 -31.21 -9.68
C LEU A 32 -13.73 -29.91 -10.26
N GLY A 33 -13.89 -28.89 -9.42
CA GLY A 33 -14.57 -27.67 -9.83
C GLY A 33 -13.75 -26.41 -9.59
N SER A 34 -12.44 -26.49 -9.75
CA SER A 34 -11.58 -25.37 -9.45
C SER A 34 -10.28 -25.50 -10.21
N GLN A 35 -9.38 -24.55 -9.96
CA GLN A 35 -8.05 -24.62 -10.52
C GLN A 35 -7.30 -25.78 -9.84
N ILE A 36 -6.42 -26.41 -10.60
CA ILE A 36 -5.70 -27.61 -10.15
C ILE A 36 -4.37 -27.16 -9.57
N ASP A 37 -4.27 -27.16 -8.26
CA ASP A 37 -3.02 -26.93 -7.55
C ASP A 37 -2.74 -28.16 -6.69
N ASP A 38 -1.68 -28.07 -5.88
CA ASP A 38 -1.26 -29.24 -5.10
C ASP A 38 -2.31 -29.68 -4.09
N ASN A 39 -3.03 -28.73 -3.47
CA ASN A 39 -4.04 -29.11 -2.47
C ASN A 39 -5.22 -29.81 -3.13
N VAL A 40 -5.67 -29.28 -4.27
CA VAL A 40 -6.74 -29.90 -5.04
C VAL A 40 -6.34 -31.30 -5.47
N ALA A 41 -5.12 -31.47 -5.99
CA ALA A 41 -4.66 -32.78 -6.41
C ALA A 41 -4.60 -33.74 -5.24
N ASN A 42 -4.11 -33.24 -4.08
CA ASN A 42 -4.01 -34.04 -2.87
C ASN A 42 -5.37 -34.60 -2.48
N SER A 43 -6.39 -33.77 -2.57
CA SER A 43 -7.75 -34.17 -2.22
C SER A 43 -8.30 -35.16 -3.25
N ILE A 44 -8.15 -34.87 -4.54
CA ILE A 44 -8.69 -35.74 -5.58
C ILE A 44 -8.02 -37.11 -5.53
N VAL A 45 -6.69 -37.13 -5.42
CA VAL A 45 -5.96 -38.39 -5.31
C VAL A 45 -6.47 -39.17 -4.11
N SER A 46 -6.63 -38.49 -2.97
CA SER A 46 -7.11 -39.16 -1.77
C SER A 46 -8.51 -39.72 -1.95
N GLN A 47 -9.38 -38.99 -2.65
CA GLN A 47 -10.71 -39.50 -2.91
C GLN A 47 -10.68 -40.71 -3.83
N LEU A 48 -9.81 -40.69 -4.84
CA LEU A 48 -9.67 -41.83 -5.73
C LEU A 48 -9.17 -43.05 -4.97
N LEU A 49 -8.11 -42.90 -4.17
CA LEU A 49 -7.60 -44.03 -3.39
C LEU A 49 -8.67 -44.57 -2.46
N PHE A 50 -9.42 -43.67 -1.82
CA PHE A 50 -10.46 -44.12 -0.90
C PHE A 50 -11.56 -44.87 -1.63
N LEU A 51 -12.02 -44.35 -2.78
CA LEU A 51 -13.09 -45.03 -3.52
C LEU A 51 -12.65 -46.42 -3.95
N GLN A 52 -11.38 -46.56 -4.34
CA GLN A 52 -10.86 -47.86 -4.74
C GLN A 52 -10.79 -48.82 -3.58
N ALA A 53 -10.35 -48.34 -2.41
CA ALA A 53 -10.32 -49.18 -1.23
C ALA A 53 -11.72 -49.63 -0.82
N GLN A 54 -12.75 -48.82 -1.14
CA GLN A 54 -14.11 -49.19 -0.76
C GLN A 54 -14.63 -50.29 -1.68
N ASP A 55 -14.31 -50.19 -2.97
CA ASP A 55 -14.80 -51.12 -3.99
C ASP A 55 -13.89 -50.96 -5.19
N SER A 56 -13.13 -51.99 -5.51
CA SER A 56 -12.15 -51.90 -6.58
C SER A 56 -12.74 -52.16 -7.96
N GLU A 57 -14.02 -52.36 -8.06
CA GLU A 57 -14.51 -52.62 -9.40
C GLU A 57 -15.49 -51.57 -9.86
N LYS A 58 -16.37 -51.05 -8.98
CA LYS A 58 -17.39 -50.10 -9.42
C LYS A 58 -16.75 -48.84 -10.03
N ASP A 59 -17.36 -48.33 -11.09
CA ASP A 59 -16.91 -47.10 -11.73
C ASP A 59 -16.87 -45.93 -10.75
N ILE A 60 -15.96 -44.99 -11.02
CA ILE A 60 -15.90 -43.70 -10.34
C ILE A 60 -16.31 -42.64 -11.36
N TYR A 61 -16.97 -41.58 -10.90
CA TYR A 61 -17.37 -40.50 -11.80
C TYR A 61 -16.67 -39.21 -11.39
N LEU A 62 -15.88 -38.65 -12.31
CA LEU A 62 -15.12 -37.42 -12.08
C LEU A 62 -15.70 -36.32 -12.94
N TYR A 63 -16.43 -35.40 -12.31
CA TYR A 63 -16.92 -34.21 -13.01
C TYR A 63 -15.81 -33.17 -13.05
N ILE A 64 -15.65 -32.53 -14.20
CA ILE A 64 -14.53 -31.61 -14.42
C ILE A 64 -15.11 -30.28 -14.89
N ASN A 65 -14.97 -29.25 -14.06
CA ASN A 65 -15.18 -27.85 -14.44
C ASN A 65 -13.95 -27.10 -13.91
N SER A 66 -12.95 -26.89 -14.78
CA SER A 66 -11.66 -26.43 -14.31
C SER A 66 -10.95 -25.59 -15.37
N PRO A 67 -10.39 -24.44 -15.00
CA PRO A 67 -9.57 -23.66 -15.95
C PRO A 67 -8.16 -24.23 -16.12
N GLY A 68 -7.79 -25.27 -15.39
CA GLY A 68 -6.46 -25.83 -15.51
C GLY A 68 -5.67 -25.67 -14.23
N GLY A 69 -4.35 -25.70 -14.39
CA GLY A 69 -3.49 -25.46 -13.23
C GLY A 69 -2.12 -26.12 -13.43
N SER A 70 -1.53 -26.51 -12.30
CA SER A 70 -0.17 -27.04 -12.26
C SER A 70 -0.06 -28.35 -13.03
N VAL A 71 1.00 -28.48 -13.83
CA VAL A 71 1.18 -29.70 -14.62
C VAL A 71 1.46 -30.87 -13.69
N THR A 72 2.34 -30.69 -12.70
CA THR A 72 2.66 -31.80 -11.81
C THR A 72 1.47 -32.17 -10.93
N ALA A 73 0.71 -31.18 -10.45
CA ALA A 73 -0.50 -31.53 -9.71
C ALA A 73 -1.46 -32.33 -10.58
N GLY A 74 -1.61 -31.92 -11.85
CA GLY A 74 -2.47 -32.66 -12.76
C GLY A 74 -1.97 -34.07 -13.01
N PHE A 75 -0.65 -34.26 -13.06
CA PHE A 75 -0.13 -35.59 -13.28
C PHE A 75 -0.27 -36.48 -12.04
N ALA A 76 -0.27 -35.89 -10.84
CA ALA A 76 -0.60 -36.69 -9.67
C ALA A 76 -1.99 -37.30 -9.82
N ILE A 77 -2.96 -36.50 -10.29
CA ILE A 77 -4.30 -37.01 -10.54
C ILE A 77 -4.30 -37.99 -11.69
N TYR A 78 -3.64 -37.62 -12.81
CA TYR A 78 -3.64 -38.48 -14.00
C TYR A 78 -3.08 -39.87 -13.68
N ASP A 79 -1.90 -39.92 -13.04
CA ASP A 79 -1.29 -41.22 -12.80
C ASP A 79 -2.10 -42.04 -11.80
N THR A 80 -2.78 -41.36 -10.86
CA THR A 80 -3.65 -42.09 -9.94
C THR A 80 -4.84 -42.71 -10.68
N ILE A 81 -5.44 -41.96 -11.62
CA ILE A 81 -6.52 -42.52 -12.43
C ILE A 81 -6.04 -43.79 -13.13
N GLN A 82 -4.89 -43.72 -13.80
CA GLN A 82 -4.42 -44.90 -14.54
C GLN A 82 -3.95 -46.02 -13.62
N HIS A 83 -3.62 -45.70 -12.36
CA HIS A 83 -3.11 -46.73 -11.46
C HIS A 83 -4.23 -47.60 -10.90
N ILE A 84 -5.33 -46.99 -10.46
CA ILE A 84 -6.35 -47.70 -9.70
C ILE A 84 -7.14 -48.65 -10.59
N LYS A 85 -7.70 -49.71 -9.98
CA LYS A 85 -8.47 -50.70 -10.73
C LYS A 85 -9.76 -50.15 -11.29
N PRO A 86 -10.60 -49.39 -10.55
CA PRO A 86 -11.86 -48.91 -11.13
C PRO A 86 -11.65 -48.02 -12.33
N ASP A 87 -12.55 -48.16 -13.31
CA ASP A 87 -12.68 -47.17 -14.36
C ASP A 87 -13.10 -45.83 -13.77
N VAL A 88 -12.52 -44.76 -14.29
CA VAL A 88 -12.88 -43.41 -13.90
C VAL A 88 -13.52 -42.75 -15.12
N GLN A 89 -14.83 -42.52 -15.05
CA GLN A 89 -15.49 -41.74 -16.08
C GLN A 89 -15.21 -40.26 -15.86
N THR A 90 -15.04 -39.51 -16.95
CA THR A 90 -14.84 -38.06 -16.87
C THR A 90 -16.00 -37.38 -17.58
N ILE A 91 -16.57 -36.37 -16.93
CA ILE A 91 -17.72 -35.62 -17.44
C ILE A 91 -17.36 -34.13 -17.37
N CYS A 92 -17.23 -33.51 -18.52
CA CYS A 92 -16.93 -32.08 -18.56
C CYS A 92 -18.24 -31.28 -18.49
N ILE A 93 -18.36 -30.43 -17.47
CA ILE A 93 -19.43 -29.44 -17.40
C ILE A 93 -18.81 -28.06 -17.34
N GLY A 94 -19.38 -27.12 -18.09
CA GLY A 94 -18.86 -25.76 -18.07
C GLY A 94 -17.60 -25.61 -18.89
N MET A 95 -16.44 -25.97 -18.33
CA MET A 95 -15.18 -25.75 -19.03
C MET A 95 -14.15 -26.75 -18.54
N ALA A 96 -13.43 -27.38 -19.48
CA ALA A 96 -12.19 -28.11 -19.18
C ALA A 96 -11.08 -27.49 -20.04
N ALA A 97 -10.21 -26.71 -19.40
CA ALA A 97 -9.18 -25.98 -20.11
C ALA A 97 -7.81 -26.44 -19.64
N SER A 98 -6.86 -26.51 -20.57
CA SER A 98 -5.45 -26.72 -20.22
C SER A 98 -5.38 -28.05 -19.48
N MET A 99 -4.81 -28.12 -18.27
CA MET A 99 -4.71 -29.38 -17.57
C MET A 99 -6.09 -29.98 -17.28
N GLY A 100 -7.12 -29.15 -17.24
CA GLY A 100 -8.46 -29.68 -17.11
C GLY A 100 -8.87 -30.51 -18.31
N SER A 101 -8.53 -30.05 -19.53
CA SER A 101 -8.86 -30.85 -20.70
C SER A 101 -7.96 -32.08 -20.79
N PHE A 102 -6.73 -31.98 -20.29
CA PHE A 102 -5.86 -33.15 -20.24
C PHE A 102 -6.46 -34.24 -19.36
N LEU A 103 -6.99 -33.88 -18.19
CA LEU A 103 -7.60 -34.87 -17.30
C LEU A 103 -8.91 -35.42 -17.87
N LEU A 104 -9.69 -34.58 -18.55
CA LEU A 104 -10.89 -35.04 -19.24
C LEU A 104 -10.55 -36.16 -20.23
N ALA A 105 -9.50 -35.97 -21.03
CA ALA A 105 -9.03 -36.97 -21.98
C ALA A 105 -8.49 -38.21 -21.30
N ALA A 106 -8.23 -38.15 -19.99
CA ALA A 106 -7.61 -39.24 -19.27
C ALA A 106 -8.62 -40.25 -18.72
N GLY A 107 -9.93 -39.99 -18.82
CA GLY A 107 -10.92 -40.94 -18.34
C GLY A 107 -10.85 -42.27 -19.08
N ALA A 108 -11.47 -43.28 -18.48
CA ALA A 108 -11.58 -44.60 -19.12
C ALA A 108 -12.11 -44.47 -20.56
N LYS A 109 -11.40 -45.07 -21.51
CA LYS A 109 -11.78 -44.94 -22.90
C LYS A 109 -13.19 -45.47 -23.12
N GLY A 110 -14.01 -44.71 -23.84
CA GLY A 110 -15.43 -44.97 -23.92
C GLY A 110 -16.28 -44.31 -22.84
N LYS A 111 -15.68 -43.80 -21.78
CA LYS A 111 -16.44 -43.20 -20.68
C LYS A 111 -16.00 -41.75 -20.42
N ARG A 112 -15.66 -41.02 -21.48
CA ARG A 112 -15.27 -39.61 -21.41
C ARG A 112 -16.35 -38.78 -22.10
N PHE A 113 -16.95 -37.86 -21.35
CA PHE A 113 -18.16 -37.14 -21.77
C PHE A 113 -17.98 -35.63 -21.60
N ALA A 114 -18.79 -34.90 -22.36
CA ALA A 114 -19.02 -33.48 -22.10
C ALA A 114 -20.49 -33.19 -22.31
N LEU A 115 -21.02 -32.28 -21.51
CA LEU A 115 -22.39 -31.81 -21.72
C LEU A 115 -22.40 -30.90 -22.96
N PRO A 116 -23.57 -30.71 -23.59
CA PRO A 116 -23.56 -30.12 -24.95
C PRO A 116 -22.95 -28.73 -25.06
N ASN A 117 -23.09 -27.89 -24.04
CA ASN A 117 -22.57 -26.52 -24.12
C ASN A 117 -21.26 -26.33 -23.36
N ALA A 118 -20.70 -27.42 -22.85
CA ALA A 118 -19.40 -27.37 -22.19
C ALA A 118 -18.32 -26.99 -23.21
N GLU A 119 -17.27 -26.34 -22.72
CA GLU A 119 -16.19 -25.85 -23.56
C GLU A 119 -14.91 -26.59 -23.19
N VAL A 120 -14.12 -26.92 -24.21
CA VAL A 120 -12.83 -27.55 -23.98
C VAL A 120 -11.77 -26.64 -24.61
N MET A 121 -10.66 -26.44 -23.89
CA MET A 121 -9.57 -25.65 -24.45
C MET A 121 -8.24 -26.37 -24.24
N ILE A 122 -7.42 -26.42 -25.28
CA ILE A 122 -6.10 -27.03 -25.21
C ILE A 122 -5.07 -25.99 -25.63
N HIS A 123 -3.89 -26.05 -25.01
CA HIS A 123 -2.78 -25.16 -25.34
C HIS A 123 -1.50 -25.73 -24.74
N GLN A 124 -0.42 -25.05 -24.94
CA GLN A 124 0.88 -25.53 -24.49
C GLN A 124 1.14 -25.05 -23.07
N PRO A 125 2.10 -25.67 -22.35
CA PRO A 125 2.41 -25.24 -20.98
C PRO A 125 2.91 -23.80 -20.92
N LEU A 126 2.75 -23.19 -19.75
CA LEU A 126 3.20 -21.84 -19.45
C LEU A 126 4.07 -21.88 -18.21
N GLY A 127 5.06 -20.99 -18.17
CA GLY A 127 5.92 -20.95 -17.02
C GLY A 127 6.71 -19.68 -16.97
N GLY A 128 7.75 -19.71 -16.15
CA GLY A 128 8.62 -18.57 -15.99
C GLY A 128 9.97 -19.06 -15.55
N ALA A 129 10.97 -18.23 -15.79
CA ALA A 129 12.35 -18.56 -15.48
C ALA A 129 13.08 -17.26 -15.20
N GLN A 130 13.84 -17.25 -14.12
CA GLN A 130 14.70 -16.12 -13.81
C GLN A 130 16.06 -16.57 -13.32
N GLY A 131 17.05 -15.79 -13.70
CA GLY A 131 18.37 -16.03 -13.16
C GLY A 131 19.45 -16.02 -14.23
N GLN A 132 20.51 -16.77 -13.99
CA GLN A 132 21.60 -16.87 -14.94
C GLN A 132 21.15 -17.56 -16.24
N ALA A 133 21.85 -17.24 -17.32
CA ALA A 133 21.63 -17.91 -18.61
C ALA A 133 21.54 -19.42 -18.43
N THR A 134 22.46 -19.99 -17.66
CA THR A 134 22.48 -21.43 -17.41
C THR A 134 21.16 -21.89 -16.77
N GLU A 135 20.62 -21.11 -15.82
CA GLU A 135 19.39 -21.52 -15.15
C GLU A 135 18.19 -21.36 -16.07
N ILE A 136 18.19 -20.31 -16.89
CA ILE A 136 17.12 -20.14 -17.86
C ILE A 136 17.12 -21.29 -18.86
N GLU A 137 18.32 -21.72 -19.27
CA GLU A 137 18.44 -22.90 -20.12
C GLU A 137 17.84 -24.13 -19.45
N ILE A 138 18.20 -24.39 -18.19
CA ILE A 138 17.65 -25.54 -17.48
C ILE A 138 16.13 -25.48 -17.43
N ALA A 139 15.58 -24.31 -17.12
CA ALA A 139 14.12 -24.18 -17.06
C ALA A 139 13.48 -24.36 -18.42
N ALA A 140 14.10 -23.82 -19.48
CA ALA A 140 13.56 -24.00 -20.81
C ALA A 140 13.54 -25.47 -21.21
N ASN A 141 14.65 -26.19 -20.99
CA ASN A 141 14.68 -27.61 -21.34
C ASN A 141 13.63 -28.37 -20.57
N HIS A 142 13.47 -28.05 -19.28
CA HIS A 142 12.44 -28.70 -18.48
C HIS A 142 11.04 -28.51 -19.07
N ILE A 143 10.66 -27.26 -19.37
CA ILE A 143 9.28 -27.05 -19.78
C ILE A 143 9.06 -27.61 -21.18
N LEU A 144 10.08 -27.59 -22.03
CA LEU A 144 9.95 -28.21 -23.35
C LEU A 144 9.82 -29.73 -23.24
N LYS A 145 10.60 -30.36 -22.37
CA LYS A 145 10.45 -31.80 -22.17
C LYS A 145 9.08 -32.11 -21.56
N THR A 146 8.56 -31.23 -20.71
CA THR A 146 7.23 -31.44 -20.15
C THR A 146 6.18 -31.36 -21.24
N ARG A 147 6.36 -30.44 -22.19
CA ARG A 147 5.41 -30.33 -23.29
C ARG A 147 5.41 -31.58 -24.16
N GLU A 148 6.61 -32.14 -24.42
CA GLU A 148 6.68 -33.39 -25.17
C GLU A 148 5.98 -34.53 -24.45
N LYS A 149 6.20 -34.65 -23.14
CA LYS A 149 5.51 -35.66 -22.35
C LYS A 149 3.98 -35.50 -22.47
N LEU A 150 3.49 -34.27 -22.34
CA LEU A 150 2.05 -34.03 -22.44
C LEU A 150 1.52 -34.36 -23.83
N ASN A 151 2.27 -34.00 -24.88
CA ASN A 151 1.84 -34.26 -26.25
C ASN A 151 1.80 -35.74 -26.56
N ARG A 152 2.82 -36.48 -26.11
CA ARG A 152 2.84 -37.92 -26.33
C ARG A 152 1.63 -38.58 -25.70
N ILE A 153 1.35 -38.25 -24.43
CA ILE A 153 0.18 -38.82 -23.76
C ILE A 153 -1.12 -38.40 -24.46
N LEU A 154 -1.25 -37.12 -24.78
CA LEU A 154 -2.47 -36.66 -25.44
C LEU A 154 -2.65 -37.33 -26.79
N SER A 155 -1.54 -37.56 -27.51
CA SER A 155 -1.59 -38.30 -28.77
C SER A 155 -2.16 -39.69 -28.57
N GLU A 156 -1.66 -40.45 -27.59
CA GLU A 156 -2.23 -41.76 -27.33
C GLU A 156 -3.71 -41.69 -26.90
N ARG A 157 -4.09 -40.69 -26.06
CA ARG A 157 -5.48 -40.68 -25.59
C ARG A 157 -6.47 -40.24 -26.67
N THR A 158 -6.02 -39.48 -27.67
CA THR A 158 -6.94 -38.95 -28.66
C THR A 158 -6.84 -39.65 -30.00
N GLY A 159 -5.74 -40.33 -30.28
CA GLY A 159 -5.50 -40.83 -31.62
C GLY A 159 -4.91 -39.83 -32.60
N GLN A 160 -4.74 -38.57 -32.21
CA GLN A 160 -4.08 -37.62 -33.10
C GLN A 160 -2.57 -37.81 -33.05
N SER A 161 -1.91 -37.43 -34.14
CA SER A 161 -0.46 -37.50 -34.16
C SER A 161 0.14 -36.44 -33.23
N ILE A 162 1.36 -36.71 -32.77
CA ILE A 162 2.08 -35.73 -31.95
C ILE A 162 2.26 -34.42 -32.69
N GLU A 163 2.38 -34.50 -34.05
CA GLU A 163 2.67 -33.33 -34.89
C GLU A 163 1.43 -32.47 -35.05
N LYS A 164 0.28 -33.09 -34.98
CA LYS A 164 -0.99 -32.36 -34.96
C LYS A 164 -1.25 -31.77 -33.59
N ILE A 165 -1.03 -32.56 -32.51
CA ILE A 165 -1.20 -32.02 -31.15
C ILE A 165 -0.34 -30.76 -30.98
N GLN A 166 0.93 -30.84 -31.43
CA GLN A 166 1.84 -29.71 -31.28
C GLN A 166 1.31 -28.48 -32.00
N GLN A 167 0.75 -28.68 -33.19
CA GLN A 167 0.28 -27.56 -34.00
C GLN A 167 -0.99 -26.97 -33.40
N ASP A 168 -1.82 -27.83 -32.87
CA ASP A 168 -3.10 -27.40 -32.33
C ASP A 168 -3.00 -26.81 -30.93
N THR A 169 -1.84 -26.86 -30.30
CA THR A 169 -1.70 -26.29 -28.96
C THR A 169 -0.74 -25.11 -28.94
N ASP A 170 -0.24 -24.69 -30.10
CA ASP A 170 0.71 -23.58 -30.14
C ASP A 170 0.09 -22.33 -29.52
N ARG A 171 -1.19 -22.08 -29.78
CA ARG A 171 -1.97 -21.02 -29.15
C ARG A 171 -3.21 -21.63 -28.51
N ASP A 172 -3.89 -20.83 -27.68
CA ASP A 172 -5.17 -21.24 -27.11
C ASP A 172 -6.12 -21.71 -28.21
N ASN A 173 -6.60 -22.95 -28.06
CA ASN A 173 -7.46 -23.59 -29.04
C ASN A 173 -8.75 -24.00 -28.34
N PHE A 174 -9.83 -23.25 -28.57
CA PHE A 174 -11.14 -23.58 -28.01
C PHE A 174 -11.92 -24.54 -28.89
N LEU A 175 -12.54 -25.54 -28.25
CA LEU A 175 -13.36 -26.55 -28.91
C LEU A 175 -14.73 -26.63 -28.24
N THR A 176 -15.78 -26.70 -29.06
CA THR A 176 -17.09 -27.11 -28.58
C THR A 176 -17.05 -28.58 -28.14
N ALA A 177 -18.09 -28.99 -27.40
CA ALA A 177 -18.20 -30.40 -27.04
C ALA A 177 -18.15 -31.30 -28.28
N ALA A 178 -18.90 -30.94 -29.33
CA ALA A 178 -18.90 -31.76 -30.55
C ALA A 178 -17.51 -31.82 -31.17
N GLU A 179 -16.82 -30.68 -31.21
CA GLU A 179 -15.45 -30.66 -31.73
C GLU A 179 -14.51 -31.49 -30.86
N ALA A 180 -14.73 -31.45 -29.54
CA ALA A 180 -13.90 -32.26 -28.63
C ALA A 180 -14.09 -33.75 -28.90
N LYS A 181 -15.33 -34.18 -29.21
CA LYS A 181 -15.57 -35.58 -29.56
C LYS A 181 -14.88 -35.94 -30.88
N GLU A 182 -15.12 -35.13 -31.90
CA GLU A 182 -14.43 -35.34 -33.15
C GLU A 182 -12.89 -35.39 -32.98
N TYR A 183 -12.32 -34.60 -32.04
CA TYR A 183 -10.88 -34.56 -31.82
C TYR A 183 -10.37 -35.82 -31.14
N GLY A 184 -11.23 -36.54 -30.42
CA GLY A 184 -10.78 -37.65 -29.59
C GLY A 184 -10.55 -37.31 -28.13
N LEU A 185 -10.88 -36.09 -27.69
CA LEU A 185 -10.70 -35.74 -26.28
C LEU A 185 -11.77 -36.37 -25.41
N ILE A 186 -12.97 -36.56 -25.95
CA ILE A 186 -14.06 -37.27 -25.28
C ILE A 186 -14.61 -38.30 -26.26
N ASP A 187 -15.47 -39.16 -25.74
CA ASP A 187 -16.11 -40.19 -26.56
C ASP A 187 -17.53 -39.84 -26.98
N GLU A 188 -18.28 -39.12 -26.13
CA GLU A 188 -19.69 -38.82 -26.37
C GLU A 188 -20.04 -37.46 -25.78
N VAL A 189 -20.92 -36.76 -26.49
CA VAL A 189 -21.64 -35.61 -25.95
C VAL A 189 -22.94 -36.12 -25.35
N MET A 190 -23.15 -35.78 -24.11
CA MET A 190 -24.22 -36.39 -23.33
C MET A 190 -25.49 -35.61 -23.67
N GLU A 191 -26.44 -36.19 -24.45
CA GLU A 191 -27.58 -35.33 -24.76
C GLU A 191 -28.62 -35.43 -23.67
N PRO A 192 -29.58 -34.47 -23.58
CA PRO A 192 -30.57 -34.49 -22.49
C PRO A 192 -31.57 -35.65 -22.50
N ILE B 4 -10.53 -31.78 1.67
CA ILE B 4 -11.77 -31.10 2.03
C ILE B 4 -13.01 -32.01 2.35
N PRO B 5 -13.28 -33.08 1.58
CA PRO B 5 -14.57 -33.80 1.77
C PRO B 5 -14.58 -34.72 2.99
N THR B 6 -15.81 -35.03 3.43
CA THR B 6 -16.09 -35.83 4.62
C THR B 6 -16.62 -37.22 4.24
N TYR B 18 -15.05 -38.38 9.61
CA TYR B 18 -13.69 -38.20 9.13
C TYR B 18 -13.61 -37.25 7.94
N ASP B 19 -12.55 -36.42 7.85
CA ASP B 19 -12.19 -35.83 6.56
C ASP B 19 -11.49 -36.91 5.71
N ILE B 20 -11.31 -36.65 4.41
CA ILE B 20 -10.78 -37.69 3.53
C ILE B 20 -9.39 -38.13 3.97
N TYR B 21 -8.55 -37.20 4.47
CA TYR B 21 -7.19 -37.59 4.87
C TYR B 21 -7.21 -38.37 6.18
N SER B 22 -8.13 -38.04 7.08
CA SER B 22 -8.28 -38.82 8.31
C SER B 22 -8.75 -40.23 8.00
N ARG B 23 -9.63 -40.37 7.01
CA ARG B 23 -10.06 -41.70 6.57
C ARG B 23 -8.89 -42.50 6.02
N LEU B 24 -8.00 -41.89 5.22
CA LEU B 24 -6.85 -42.66 4.72
C LEU B 24 -5.84 -42.95 5.83
N LEU B 25 -5.71 -42.06 6.83
CA LEU B 25 -4.81 -42.34 7.94
C LEU B 25 -5.24 -43.60 8.69
N LYS B 26 -6.55 -43.87 8.75
CA LYS B 26 -7.04 -45.13 9.31
C LYS B 26 -6.41 -46.35 8.63
N ASP B 27 -6.12 -46.25 7.32
CA ASP B 27 -5.42 -47.31 6.57
C ASP B 27 -3.89 -47.10 6.54
N ARG B 28 -3.34 -46.30 7.44
CA ARG B 28 -1.89 -46.11 7.54
C ARG B 28 -1.31 -45.40 6.32
N ILE B 29 -2.11 -44.56 5.67
CA ILE B 29 -1.67 -43.72 4.55
C ILE B 29 -1.53 -42.29 5.05
N ILE B 30 -0.34 -41.71 4.87
CA ILE B 30 -0.07 -40.29 5.15
C ILE B 30 0.12 -39.57 3.82
N MET B 31 -0.55 -38.42 3.66
CA MET B 31 -0.47 -37.64 2.42
C MET B 31 0.40 -36.40 2.68
N LEU B 32 1.58 -36.36 2.07
CA LEU B 32 2.44 -35.16 2.10
C LEU B 32 2.25 -34.46 0.76
N GLY B 33 1.39 -33.45 0.74
CA GLY B 33 0.99 -32.85 -0.53
C GLY B 33 1.20 -31.35 -0.59
N SER B 34 2.26 -30.86 0.04
CA SER B 34 2.48 -29.42 0.12
C SER B 34 3.96 -29.15 0.36
N GLN B 35 4.30 -27.87 0.43
CA GLN B 35 5.64 -27.48 0.86
C GLN B 35 5.87 -27.95 2.30
N ILE B 36 7.11 -28.24 2.61
CA ILE B 36 7.52 -28.80 3.89
C ILE B 36 8.00 -27.64 4.76
N ASP B 37 7.18 -27.24 5.72
CA ASP B 37 7.53 -26.27 6.74
C ASP B 37 7.36 -26.94 8.10
N ASP B 38 7.55 -26.15 9.16
CA ASP B 38 7.51 -26.72 10.51
C ASP B 38 6.13 -27.30 10.86
N ASN B 39 5.05 -26.66 10.41
CA ASN B 39 3.71 -27.17 10.75
C ASN B 39 3.44 -28.48 10.03
N VAL B 40 3.80 -28.56 8.76
CA VAL B 40 3.67 -29.79 7.99
C VAL B 40 4.48 -30.91 8.62
N ALA B 41 5.72 -30.63 9.02
CA ALA B 41 6.55 -31.64 9.63
C ALA B 41 5.96 -32.10 10.95
N ASN B 42 5.49 -31.16 11.75
CA ASN B 42 4.89 -31.52 13.04
C ASN B 42 3.70 -32.46 12.83
N SER B 43 2.86 -32.20 11.82
CA SER B 43 1.74 -33.07 11.54
C SER B 43 2.20 -34.45 11.07
N ILE B 44 3.14 -34.49 10.12
CA ILE B 44 3.60 -35.76 9.59
C ILE B 44 4.27 -36.58 10.67
N VAL B 45 5.15 -35.95 11.46
CA VAL B 45 5.81 -36.66 12.57
C VAL B 45 4.75 -37.23 13.51
N SER B 46 3.75 -36.40 13.85
CA SER B 46 2.70 -36.85 14.75
C SER B 46 1.92 -38.03 14.17
N GLN B 47 1.67 -38.01 12.87
CA GLN B 47 0.96 -39.12 12.25
C GLN B 47 1.82 -40.38 12.27
N LEU B 48 3.12 -40.24 12.02
CA LEU B 48 4.03 -41.39 12.09
C LEU B 48 4.06 -41.98 13.49
N LEU B 49 4.24 -41.13 14.51
CA LEU B 49 4.26 -41.63 15.89
C LEU B 49 2.95 -42.32 16.23
N PHE B 50 1.83 -41.74 15.81
CA PHE B 50 0.54 -42.33 16.11
C PHE B 50 0.37 -43.69 15.42
N LEU B 51 0.74 -43.78 14.14
CA LEU B 51 0.59 -45.05 13.42
C LEU B 51 1.44 -46.13 14.06
N GLN B 52 2.62 -45.77 14.55
CA GLN B 52 3.49 -46.74 15.22
C GLN B 52 2.90 -47.19 16.54
N ALA B 53 2.34 -46.26 17.31
CA ALA B 53 1.69 -46.62 18.56
C ALA B 53 0.49 -47.53 18.31
N GLN B 54 -0.16 -47.42 17.14
CA GLN B 54 -1.33 -48.26 16.88
C GLN B 54 -0.89 -49.67 16.54
N ASP B 55 0.20 -49.80 15.78
CA ASP B 55 0.70 -51.10 15.31
C ASP B 55 2.14 -50.87 14.88
N SER B 56 3.07 -51.49 15.61
CA SER B 56 4.48 -51.25 15.36
C SER B 56 5.04 -52.13 14.25
N GLU B 57 4.22 -52.96 13.60
CA GLU B 57 4.70 -53.89 12.58
C GLU B 57 4.22 -53.55 11.20
N LYS B 58 2.96 -53.15 11.07
CA LYS B 58 2.39 -52.94 9.74
C LYS B 58 3.05 -51.75 9.03
N ASP B 59 3.25 -51.91 7.73
CA ASP B 59 3.81 -50.84 6.90
C ASP B 59 2.97 -49.55 6.99
N ILE B 60 3.65 -48.42 6.80
CA ILE B 60 3.03 -47.11 6.63
C ILE B 60 3.25 -46.70 5.18
N TYR B 61 2.29 -45.98 4.60
CA TYR B 61 2.44 -45.49 3.22
C TYR B 61 2.44 -43.98 3.21
N LEU B 62 3.55 -43.40 2.72
CA LEU B 62 3.74 -41.95 2.66
C LEU B 62 3.73 -41.52 1.19
N TYR B 63 2.62 -40.91 0.76
CA TYR B 63 2.55 -40.33 -0.57
C TYR B 63 3.20 -38.96 -0.55
N ILE B 64 4.00 -38.66 -1.56
CA ILE B 64 4.79 -37.44 -1.60
C ILE B 64 4.49 -36.70 -2.91
N ASN B 65 3.84 -35.54 -2.80
CA ASN B 65 3.72 -34.56 -3.89
C ASN B 65 4.11 -33.22 -3.26
N SER B 66 5.37 -32.83 -3.43
CA SER B 66 5.90 -31.70 -2.67
C SER B 66 6.99 -30.97 -3.44
N PRO B 67 6.96 -29.64 -3.48
CA PRO B 67 8.06 -28.88 -4.08
C PRO B 67 9.27 -28.75 -3.18
N GLY B 68 9.22 -29.25 -1.95
CA GLY B 68 10.33 -29.15 -1.03
C GLY B 68 10.00 -28.28 0.16
N GLY B 69 11.05 -27.74 0.77
CA GLY B 69 10.85 -26.83 1.88
C GLY B 69 12.06 -26.81 2.81
N SER B 70 11.77 -26.55 4.09
CA SER B 70 12.80 -26.35 5.11
C SER B 70 13.62 -27.63 5.32
N VAL B 71 14.94 -27.47 5.40
CA VAL B 71 15.81 -28.64 5.59
C VAL B 71 15.57 -29.23 6.97
N THR B 72 15.49 -28.40 8.00
CA THR B 72 15.30 -28.94 9.35
C THR B 72 13.91 -29.56 9.50
N ALA B 73 12.88 -28.94 8.93
CA ALA B 73 11.57 -29.59 8.96
C ALA B 73 11.61 -30.95 8.26
N GLY B 74 12.30 -31.01 7.12
CA GLY B 74 12.43 -32.29 6.43
C GLY B 74 13.18 -33.32 7.25
N PHE B 75 14.19 -32.88 8.01
CA PHE B 75 14.94 -33.83 8.83
C PHE B 75 14.13 -34.30 10.04
N ALA B 76 13.22 -33.47 10.55
CA ALA B 76 12.32 -33.97 11.59
C ALA B 76 11.53 -35.16 11.06
N ILE B 77 11.03 -35.07 9.82
CA ILE B 77 10.32 -36.19 9.20
C ILE B 77 11.28 -37.33 8.92
N TYR B 78 12.44 -37.04 8.33
CA TYR B 78 13.39 -38.08 7.96
C TYR B 78 13.81 -38.91 9.18
N ASP B 79 14.23 -38.24 10.27
CA ASP B 79 14.70 -38.99 11.42
C ASP B 79 13.57 -39.76 12.08
N THR B 80 12.34 -39.25 12.03
CA THR B 80 11.21 -40.01 12.56
C THR B 80 10.98 -41.28 11.73
N ILE B 81 11.07 -41.19 10.41
CA ILE B 81 10.94 -42.38 9.57
C ILE B 81 11.97 -43.43 10.00
N GLN B 82 13.23 -43.03 10.12
CA GLN B 82 14.27 -43.99 10.47
C GLN B 82 14.16 -44.47 11.92
N HIS B 83 13.49 -43.71 12.79
CA HIS B 83 13.41 -44.09 14.18
C HIS B 83 12.36 -45.18 14.42
N ILE B 84 11.18 -45.05 13.82
CA ILE B 84 10.05 -45.91 14.17
C ILE B 84 10.26 -47.32 13.63
N LYS B 85 9.61 -48.30 14.30
CA LYS B 85 9.74 -49.70 13.88
C LYS B 85 9.11 -49.99 12.53
N PRO B 86 7.88 -49.53 12.21
CA PRO B 86 7.29 -49.87 10.91
C PRO B 86 8.13 -49.35 9.74
N ASP B 87 8.17 -50.15 8.68
CA ASP B 87 8.63 -49.67 7.39
C ASP B 87 7.70 -48.58 6.89
N VAL B 88 8.29 -47.55 6.29
CA VAL B 88 7.56 -46.46 5.67
C VAL B 88 7.82 -46.55 4.17
N GLN B 89 6.80 -46.93 3.40
CA GLN B 89 6.91 -46.86 1.95
C GLN B 89 6.71 -45.43 1.50
N THR B 90 7.45 -45.02 0.47
CA THR B 90 7.30 -43.69 -0.11
C THR B 90 6.85 -43.84 -1.56
N ILE B 91 5.82 -43.08 -1.93
CA ILE B 91 5.24 -43.12 -3.27
C ILE B 91 5.20 -41.68 -3.80
N CYS B 92 5.98 -41.41 -4.83
CA CYS B 92 5.97 -40.08 -5.44
C CYS B 92 4.87 -39.99 -6.48
N ILE B 93 3.95 -39.04 -6.29
CA ILE B 93 2.97 -38.70 -7.32
C ILE B 93 3.14 -37.22 -7.66
N GLY B 94 3.10 -36.90 -8.95
CA GLY B 94 3.22 -35.51 -9.35
C GLY B 94 4.67 -35.03 -9.32
N MET B 95 5.14 -34.54 -8.15
CA MET B 95 6.48 -33.94 -8.02
C MET B 95 7.08 -34.24 -6.65
N ALA B 96 8.33 -34.77 -6.61
CA ALA B 96 9.13 -34.73 -5.38
C ALA B 96 10.40 -33.94 -5.69
N ALA B 97 10.46 -32.70 -5.20
CA ALA B 97 11.56 -31.80 -5.51
C ALA B 97 12.29 -31.44 -4.23
N SER B 98 13.61 -31.31 -4.32
CA SER B 98 14.41 -30.74 -3.23
C SER B 98 14.18 -31.62 -2.01
N MET B 99 13.76 -31.08 -0.86
CA MET B 99 13.57 -31.91 0.32
C MET B 99 12.48 -32.96 0.09
N GLY B 100 11.59 -32.73 -0.86
CA GLY B 100 10.63 -33.76 -1.21
C GLY B 100 11.29 -34.98 -1.81
N SER B 101 12.29 -34.77 -2.68
CA SER B 101 12.99 -35.93 -3.24
C SER B 101 13.90 -36.57 -2.20
N PHE B 102 14.42 -35.78 -1.26
CA PHE B 102 15.20 -36.34 -0.17
C PHE B 102 14.35 -37.31 0.67
N LEU B 103 13.11 -36.92 1.00
CA LEU B 103 12.24 -37.79 1.79
C LEU B 103 11.78 -39.00 0.99
N LEU B 104 11.55 -38.85 -0.32
CA LEU B 104 11.24 -40.00 -1.18
C LEU B 104 12.34 -41.05 -1.10
N ALA B 105 13.59 -40.62 -1.18
CA ALA B 105 14.75 -41.51 -1.07
C ALA B 105 14.87 -42.12 0.32
N ALA B 106 14.16 -41.58 1.31
CA ALA B 106 14.28 -42.03 2.69
C ALA B 106 13.35 -43.18 3.05
N GLY B 107 12.46 -43.59 2.15
CA GLY B 107 11.58 -44.72 2.44
C GLY B 107 12.35 -46.02 2.65
N ALA B 108 11.67 -46.99 3.25
CA ALA B 108 12.23 -48.33 3.43
C ALA B 108 12.81 -48.85 2.12
N LYS B 109 14.07 -49.30 2.16
CA LYS B 109 14.73 -49.76 0.94
C LYS B 109 13.95 -50.92 0.33
N GLY B 110 13.75 -50.86 -0.99
CA GLY B 110 12.83 -51.75 -1.67
C GLY B 110 11.38 -51.28 -1.72
N LYS B 111 11.00 -50.28 -0.93
CA LYS B 111 9.61 -49.82 -0.91
C LYS B 111 9.50 -48.32 -1.24
N ARG B 112 10.35 -47.85 -2.16
CA ARG B 112 10.34 -46.46 -2.63
C ARG B 112 9.90 -46.45 -4.09
N PHE B 113 8.82 -45.74 -4.37
CA PHE B 113 8.13 -45.80 -5.66
C PHE B 113 7.88 -44.41 -6.23
N ALA B 114 7.70 -44.37 -7.54
CA ALA B 114 7.14 -43.21 -8.22
C ALA B 114 6.19 -43.70 -9.28
N LEU B 115 5.10 -42.96 -9.48
CA LEU B 115 4.20 -43.26 -10.60
C LEU B 115 4.88 -42.84 -11.91
N PRO B 116 4.45 -43.38 -13.05
CA PRO B 116 5.29 -43.27 -14.26
C PRO B 116 5.56 -41.84 -14.72
N ASN B 117 4.63 -40.90 -14.55
CA ASN B 117 4.83 -39.54 -15.02
C ASN B 117 5.22 -38.57 -13.91
N ALA B 118 5.45 -39.09 -12.71
CA ALA B 118 5.92 -38.26 -11.60
C ALA B 118 7.32 -37.74 -11.92
N GLU B 119 7.62 -36.57 -11.37
CA GLU B 119 8.89 -35.89 -11.61
C GLU B 119 9.67 -35.82 -10.32
N VAL B 120 10.98 -36.01 -10.41
CA VAL B 120 11.86 -35.89 -9.25
C VAL B 120 12.88 -34.81 -9.58
N MET B 121 13.15 -33.93 -8.62
CA MET B 121 14.19 -32.92 -8.83
C MET B 121 15.10 -32.85 -7.61
N ILE B 122 16.40 -32.80 -7.85
CA ILE B 122 17.40 -32.68 -6.79
C ILE B 122 18.24 -31.45 -7.07
N HIS B 123 18.67 -30.79 -5.99
CA HIS B 123 19.55 -29.62 -6.09
C HIS B 123 20.13 -29.34 -4.71
N GLN B 124 20.95 -28.32 -4.62
CA GLN B 124 21.63 -28.01 -3.38
C GLN B 124 20.77 -27.09 -2.53
N PRO B 125 21.08 -26.97 -1.22
CA PRO B 125 20.29 -26.08 -0.36
C PRO B 125 20.38 -24.62 -0.78
N LEU B 126 19.35 -23.86 -0.39
CA LEU B 126 19.26 -22.43 -0.64
C LEU B 126 19.03 -21.71 0.68
N GLY B 127 19.56 -20.50 0.77
CA GLY B 127 19.38 -19.76 1.99
C GLY B 127 19.71 -18.29 1.79
N GLY B 128 19.89 -17.61 2.90
CA GLY B 128 20.22 -16.21 2.88
C GLY B 128 20.96 -15.89 4.16
N ALA B 129 21.70 -14.79 4.10
CA ALA B 129 22.52 -14.34 5.21
C ALA B 129 22.64 -12.83 5.11
N GLN B 130 22.33 -12.14 6.20
CA GLN B 130 22.52 -10.69 6.30
C GLN B 130 23.30 -10.33 7.56
N GLY B 131 24.21 -9.34 7.48
CA GLY B 131 24.82 -8.79 8.67
C GLY B 131 26.31 -8.57 8.50
N GLN B 132 27.03 -8.66 9.61
CA GLN B 132 28.47 -8.50 9.59
C GLN B 132 29.15 -9.66 8.84
N ALA B 133 30.34 -9.37 8.30
CA ALA B 133 31.16 -10.38 7.66
C ALA B 133 31.23 -11.66 8.51
N THR B 134 31.46 -11.49 9.81
CA THR B 134 31.52 -12.63 10.72
C THR B 134 30.24 -13.45 10.70
N GLU B 135 29.08 -12.78 10.66
CA GLU B 135 27.80 -13.50 10.67
C GLU B 135 27.55 -14.18 9.34
N ILE B 136 27.94 -13.52 8.23
CA ILE B 136 27.80 -14.15 6.92
C ILE B 136 28.68 -15.38 6.84
N GLU B 137 29.88 -15.31 7.42
CA GLU B 137 30.75 -16.48 7.50
C GLU B 137 30.07 -17.61 8.27
N ILE B 138 29.50 -17.31 9.45
CA ILE B 138 28.82 -18.34 10.23
C ILE B 138 27.69 -18.98 9.42
N ALA B 139 26.89 -18.15 8.74
CA ALA B 139 25.78 -18.69 7.95
C ALA B 139 26.29 -19.52 6.78
N ALA B 140 27.37 -19.08 6.12
CA ALA B 140 27.91 -19.85 5.02
C ALA B 140 28.42 -21.22 5.50
N ASN B 141 29.18 -21.24 6.60
CA ASN B 141 29.68 -22.52 7.11
C ASN B 141 28.53 -23.44 7.47
N HIS B 142 27.48 -22.88 8.08
CA HIS B 142 26.31 -23.68 8.41
C HIS B 142 25.68 -24.33 7.19
N ILE B 143 25.40 -23.53 6.14
CA ILE B 143 24.66 -24.11 5.03
C ILE B 143 25.56 -25.07 4.24
N LEU B 144 26.86 -24.82 4.19
CA LEU B 144 27.77 -25.77 3.55
C LEU B 144 27.85 -27.08 4.33
N LYS B 145 27.92 -27.00 5.67
CA LYS B 145 27.90 -28.23 6.46
C LYS B 145 26.58 -28.97 6.31
N THR B 146 25.48 -28.22 6.15
CA THR B 146 24.18 -28.86 5.94
C THR B 146 24.16 -29.57 4.60
N ARG B 147 24.80 -28.98 3.59
CA ARG B 147 24.84 -29.62 2.28
C ARG B 147 25.64 -30.92 2.33
N GLU B 148 26.76 -30.93 3.09
CA GLU B 148 27.54 -32.15 3.24
C GLU B 148 26.73 -33.23 3.95
N LYS B 149 26.01 -32.86 5.02
CA LYS B 149 25.14 -33.82 5.70
C LYS B 149 24.12 -34.42 4.73
N LEU B 150 23.47 -33.58 3.93
CA LEU B 150 22.47 -34.06 2.97
C LEU B 150 23.10 -34.97 1.92
N ASN B 151 24.29 -34.61 1.43
CA ASN B 151 24.95 -35.41 0.40
C ASN B 151 25.39 -36.77 0.93
N ARG B 152 25.93 -36.80 2.15
CA ARG B 152 26.34 -38.05 2.77
C ARG B 152 25.15 -39.00 2.88
N ILE B 153 24.02 -38.50 3.42
CA ILE B 153 22.83 -39.33 3.55
C ILE B 153 22.32 -39.77 2.18
N LEU B 154 22.23 -38.84 1.23
CA LEU B 154 21.74 -39.20 -0.09
C LEU B 154 22.64 -40.22 -0.76
N SER B 155 23.95 -40.09 -0.54
CA SER B 155 24.90 -41.09 -1.04
C SER B 155 24.58 -42.48 -0.49
N GLU B 156 24.39 -42.59 0.80
CA GLU B 156 24.03 -43.88 1.39
C GLU B 156 22.67 -44.39 0.86
N ARG B 157 21.66 -43.52 0.70
CA ARG B 157 20.35 -44.02 0.27
C ARG B 157 20.30 -44.40 -1.20
N THR B 158 21.18 -43.83 -2.03
CA THR B 158 21.11 -44.08 -3.46
C THR B 158 22.22 -45.00 -3.96
N GLY B 159 23.31 -45.13 -3.22
CA GLY B 159 24.47 -45.82 -3.74
C GLY B 159 25.39 -44.99 -4.61
N GLN B 160 25.04 -43.73 -4.89
CA GLN B 160 25.96 -42.87 -5.64
C GLN B 160 27.04 -42.33 -4.71
N SER B 161 28.19 -42.02 -5.29
CA SER B 161 29.26 -41.40 -4.49
C SER B 161 28.86 -39.98 -4.09
N ILE B 162 29.47 -39.51 -3.00
CA ILE B 162 29.26 -38.14 -2.58
C ILE B 162 29.68 -37.15 -3.65
N GLU B 163 30.79 -37.46 -4.36
CA GLU B 163 31.26 -36.61 -5.44
C GLU B 163 30.21 -36.46 -6.52
N LYS B 164 29.61 -37.58 -6.93
CA LYS B 164 28.58 -37.54 -7.95
C LYS B 164 27.35 -36.77 -7.46
N ILE B 165 26.90 -37.04 -6.22
CA ILE B 165 25.77 -36.28 -5.66
C ILE B 165 26.06 -34.79 -5.73
N GLN B 166 27.28 -34.40 -5.34
CA GLN B 166 27.64 -32.98 -5.33
C GLN B 166 27.56 -32.39 -6.73
N GLN B 167 28.08 -33.11 -7.72
CA GLN B 167 28.08 -32.63 -9.10
C GLN B 167 26.65 -32.56 -9.67
N ASP B 168 25.81 -33.53 -9.31
CA ASP B 168 24.45 -33.59 -9.85
C ASP B 168 23.47 -32.67 -9.14
N THR B 169 23.87 -32.00 -8.06
CA THR B 169 22.98 -31.08 -7.38
C THR B 169 23.45 -29.64 -7.47
N ASP B 170 24.54 -29.37 -8.20
CA ASP B 170 25.04 -28.02 -8.30
C ASP B 170 23.97 -27.07 -8.84
N ARG B 171 23.20 -27.53 -9.82
CA ARG B 171 22.04 -26.82 -10.35
C ARG B 171 20.82 -27.73 -10.26
N ASP B 172 19.64 -27.14 -10.48
CA ASP B 172 18.41 -27.91 -10.56
C ASP B 172 18.56 -29.06 -11.56
N ASN B 173 18.32 -30.27 -11.08
CA ASN B 173 18.47 -31.48 -11.87
C ASN B 173 17.15 -32.23 -11.87
N PHE B 174 16.41 -32.16 -12.98
CA PHE B 174 15.14 -32.88 -13.12
C PHE B 174 15.34 -34.30 -13.64
N LEU B 175 14.63 -35.24 -13.02
CA LEU B 175 14.67 -36.66 -13.38
C LEU B 175 13.25 -37.16 -13.61
N THR B 176 13.08 -37.94 -14.68
CA THR B 176 11.87 -38.76 -14.84
C THR B 176 11.85 -39.85 -13.78
N ALA B 177 10.68 -40.48 -13.61
CA ALA B 177 10.58 -41.61 -12.70
C ALA B 177 11.61 -42.69 -13.05
N ALA B 178 11.74 -43.04 -14.34
CA ALA B 178 12.69 -44.06 -14.74
C ALA B 178 14.11 -43.64 -14.40
N GLU B 179 14.45 -42.37 -14.65
CA GLU B 179 15.78 -41.87 -14.28
C GLU B 179 15.99 -41.89 -12.77
N ALA B 180 14.93 -41.61 -12.01
CA ALA B 180 15.03 -41.64 -10.56
C ALA B 180 15.33 -43.07 -10.07
N LYS B 181 14.73 -44.08 -10.73
CA LYS B 181 15.03 -45.47 -10.36
C LYS B 181 16.47 -45.82 -10.70
N GLU B 182 16.93 -45.45 -11.90
CA GLU B 182 18.31 -45.69 -12.29
C GLU B 182 19.25 -45.02 -11.32
N TYR B 183 18.87 -43.84 -10.83
CA TYR B 183 19.74 -43.08 -9.93
C TYR B 183 19.85 -43.71 -8.55
N GLY B 184 18.87 -44.52 -8.15
CA GLY B 184 18.80 -45.01 -6.79
C GLY B 184 17.91 -44.22 -5.85
N LEU B 185 17.18 -43.21 -6.36
CA LEU B 185 16.30 -42.44 -5.49
C LEU B 185 15.03 -43.23 -5.13
N ILE B 186 14.58 -44.09 -6.04
CA ILE B 186 13.46 -45.00 -5.80
C ILE B 186 13.91 -46.39 -6.23
N ASP B 187 13.09 -47.38 -5.90
CA ASP B 187 13.35 -48.77 -6.25
C ASP B 187 12.56 -49.24 -7.46
N GLU B 188 11.34 -48.74 -7.66
CA GLU B 188 10.45 -49.21 -8.71
C GLU B 188 9.58 -48.07 -9.21
N VAL B 189 9.31 -48.07 -10.52
CA VAL B 189 8.23 -47.29 -11.12
C VAL B 189 6.99 -48.15 -11.13
N MET B 190 5.93 -47.61 -10.58
CA MET B 190 4.74 -48.41 -10.30
C MET B 190 3.95 -48.43 -11.60
N GLU B 191 3.89 -49.57 -12.33
CA GLU B 191 3.16 -49.45 -13.60
C GLU B 191 1.67 -49.72 -13.35
N PRO B 192 0.78 -49.32 -14.29
CA PRO B 192 -0.68 -49.48 -14.07
C PRO B 192 -1.19 -50.93 -14.01
N ILE C 4 -3.46 -31.37 11.76
CA ILE C 4 -4.71 -31.27 11.01
C ILE C 4 -5.65 -32.52 11.05
N PRO C 5 -5.16 -33.76 10.94
CA PRO C 5 -6.07 -34.91 10.76
C PRO C 5 -6.75 -35.34 12.07
N THR C 6 -7.86 -36.07 11.90
CA THR C 6 -8.73 -36.53 12.97
C THR C 6 -8.61 -38.05 13.17
N VAL C 7 -8.67 -38.47 14.40
CA VAL C 7 -8.53 -39.87 14.69
C VAL C 7 -9.81 -40.40 15.32
N TYR C 18 -10.91 -36.79 18.25
CA TYR C 18 -9.65 -36.14 18.53
C TYR C 18 -8.94 -35.62 17.26
N ASP C 19 -8.27 -34.47 17.32
CA ASP C 19 -7.25 -34.17 16.32
C ASP C 19 -5.98 -34.98 16.66
N ILE C 20 -5.02 -35.04 15.72
CA ILE C 20 -3.86 -35.92 15.93
C ILE C 20 -3.08 -35.51 17.18
N TYR C 21 -2.98 -34.20 17.48
CA TYR C 21 -2.22 -33.78 18.65
C TYR C 21 -2.98 -34.08 19.94
N SER C 22 -4.30 -33.98 19.92
CA SER C 22 -5.10 -34.36 21.07
C SER C 22 -4.98 -35.85 21.35
N ARG C 23 -4.92 -36.66 20.29
CA ARG C 23 -4.71 -38.09 20.46
C ARG C 23 -3.36 -38.38 21.10
N LEU C 24 -2.28 -37.68 20.69
CA LEU C 24 -0.99 -37.91 21.34
C LEU C 24 -0.96 -37.38 22.77
N LEU C 25 -1.70 -36.29 23.06
CA LEU C 25 -1.75 -35.80 24.44
C LEU C 25 -2.34 -36.84 25.37
N LYS C 26 -3.27 -37.67 24.88
CA LYS C 26 -3.78 -38.80 25.66
C LYS C 26 -2.65 -39.71 26.14
N ASP C 27 -1.58 -39.87 25.35
CA ASP C 27 -0.40 -40.63 25.75
C ASP C 27 0.69 -39.77 26.40
N ARG C 28 0.34 -38.57 26.90
CA ARG C 28 1.27 -37.70 27.61
C ARG C 28 2.39 -37.19 26.71
N ILE C 29 2.11 -37.03 25.43
CA ILE C 29 3.03 -36.44 24.46
C ILE C 29 2.54 -35.03 24.14
N ILE C 30 3.42 -34.04 24.33
CA ILE C 30 3.18 -32.65 23.93
C ILE C 30 4.09 -32.33 22.75
N MET C 31 3.51 -31.73 21.70
CA MET C 31 4.26 -31.37 20.49
C MET C 31 4.50 -29.86 20.48
N LEU C 32 5.76 -29.44 20.66
CA LEU C 32 6.14 -28.03 20.50
C LEU C 32 6.79 -27.91 19.13
N GLY C 33 6.02 -27.46 18.14
CA GLY C 33 6.47 -27.50 16.76
C GLY C 33 6.41 -26.16 16.05
N SER C 34 6.66 -25.07 16.78
CA SER C 34 6.51 -23.75 16.21
C SER C 34 7.35 -22.76 17.00
N GLN C 35 7.27 -21.49 16.57
CA GLN C 35 7.80 -20.35 17.33
C GLN C 35 7.16 -20.31 18.70
N ILE C 36 7.94 -19.91 19.70
CA ILE C 36 7.46 -19.82 21.08
C ILE C 36 7.03 -18.38 21.32
N ASP C 37 5.72 -18.15 21.34
CA ASP C 37 5.12 -16.90 21.73
C ASP C 37 4.19 -17.15 22.91
N ASP C 38 3.48 -16.11 23.32
CA ASP C 38 2.64 -16.22 24.52
C ASP C 38 1.52 -17.24 24.35
N ASN C 39 0.92 -17.35 23.15
CA ASN C 39 -0.18 -18.30 22.95
C ASN C 39 0.34 -19.74 23.00
N VAL C 40 1.48 -19.98 22.35
CA VAL C 40 2.12 -21.30 22.39
C VAL C 40 2.47 -21.69 23.81
N ALA C 41 3.05 -20.76 24.58
CA ALA C 41 3.40 -21.05 25.97
C ALA C 41 2.17 -21.34 26.79
N ASN C 42 1.10 -20.57 26.58
CA ASN C 42 -0.13 -20.78 27.35
C ASN C 42 -0.73 -22.15 27.08
N SER C 43 -0.62 -22.62 25.84
CA SER C 43 -1.09 -23.96 25.51
C SER C 43 -0.21 -25.03 26.14
N ILE C 44 1.12 -24.89 26.00
CA ILE C 44 2.04 -25.90 26.52
C ILE C 44 1.92 -25.97 28.05
N VAL C 45 1.92 -24.81 28.70
CA VAL C 45 1.76 -24.79 30.16
C VAL C 45 0.47 -25.49 30.55
N SER C 46 -0.62 -25.17 29.84
CA SER C 46 -1.91 -25.78 30.15
C SER C 46 -1.88 -27.29 29.95
N GLN C 47 -1.18 -27.77 28.92
CA GLN C 47 -1.07 -29.21 28.71
C GLN C 47 -0.25 -29.86 29.82
N LEU C 48 0.81 -29.19 30.25
CA LEU C 48 1.63 -29.72 31.35
C LEU C 48 0.81 -29.81 32.63
N LEU C 49 0.10 -28.73 32.99
CA LEU C 49 -0.72 -28.75 34.19
C LEU C 49 -1.77 -29.84 34.10
N PHE C 50 -2.39 -29.99 32.93
CA PHE C 50 -3.42 -31.02 32.78
C PHE C 50 -2.84 -32.42 32.92
N LEU C 51 -1.69 -32.69 32.28
CA LEU C 51 -1.09 -34.01 32.37
C LEU C 51 -0.73 -34.35 33.81
N GLN C 52 -0.26 -33.36 34.57
CA GLN C 52 0.08 -33.58 35.96
C GLN C 52 -1.17 -33.88 36.80
N ALA C 53 -2.25 -33.14 36.55
CA ALA C 53 -3.49 -33.40 37.27
C ALA C 53 -4.03 -34.79 36.95
N GLN C 54 -3.73 -35.32 35.75
CA GLN C 54 -4.24 -36.64 35.39
C GLN C 54 -3.46 -37.72 36.11
N ASP C 55 -2.14 -37.53 36.24
CA ASP C 55 -1.24 -38.52 36.83
C ASP C 55 0.04 -37.77 37.17
N SER C 56 0.33 -37.66 38.47
CA SER C 56 1.47 -36.88 38.91
C SER C 56 2.78 -37.66 38.89
N GLU C 57 2.73 -38.96 38.52
CA GLU C 57 3.83 -39.95 38.56
C GLU C 57 4.44 -40.25 37.19
N LYS C 58 3.61 -40.37 36.17
CA LYS C 58 4.06 -40.84 34.86
C LYS C 58 4.80 -39.73 34.10
N ASP C 59 5.85 -40.12 33.39
CA ASP C 59 6.62 -39.21 32.56
C ASP C 59 5.74 -38.49 31.53
N ILE C 60 6.15 -37.28 31.17
CA ILE C 60 5.59 -36.51 30.05
C ILE C 60 6.67 -36.47 28.96
N TYR C 61 6.23 -36.48 27.70
CA TYR C 61 7.19 -36.39 26.59
C TYR C 61 6.93 -35.11 25.80
N LEU C 62 7.96 -34.25 25.74
CA LEU C 62 7.88 -32.96 25.04
C LEU C 62 8.78 -33.02 23.82
N TYR C 63 8.18 -33.14 22.64
CA TYR C 63 8.93 -33.06 21.39
C TYR C 63 9.13 -31.59 21.03
N ILE C 64 10.34 -31.27 20.60
CA ILE C 64 10.72 -29.87 20.34
C ILE C 64 11.26 -29.77 18.93
N ASN C 65 10.52 -29.07 18.07
CA ASN C 65 11.00 -28.60 16.76
C ASN C 65 10.61 -27.12 16.70
N SER C 66 11.57 -26.24 17.03
CA SER C 66 11.25 -24.84 17.25
C SER C 66 12.42 -23.93 16.91
N PRO C 67 12.18 -22.84 16.18
CA PRO C 67 13.25 -21.86 15.93
C PRO C 67 13.49 -20.94 17.12
N GLY C 68 12.70 -21.03 18.19
CA GLY C 68 12.87 -20.18 19.34
C GLY C 68 11.68 -19.26 19.54
N GLY C 69 11.92 -18.16 20.22
CA GLY C 69 10.86 -17.17 20.40
C GLY C 69 11.11 -16.33 21.66
N SER C 70 9.99 -15.89 22.25
CA SER C 70 10.01 -14.96 23.38
C SER C 70 10.68 -15.59 24.59
N VAL C 71 11.55 -14.82 25.26
CA VAL C 71 12.24 -15.34 26.44
C VAL C 71 11.25 -15.57 27.56
N THR C 72 10.35 -14.61 27.80
CA THR C 72 9.40 -14.78 28.90
C THR C 72 8.40 -15.90 28.61
N ALA C 73 7.95 -16.03 27.36
CA ALA C 73 7.09 -17.17 27.04
C ALA C 73 7.82 -18.49 27.29
N GLY C 74 9.11 -18.55 26.90
CA GLY C 74 9.89 -19.74 27.15
C GLY C 74 10.05 -20.03 28.63
N PHE C 75 10.19 -18.98 29.45
CA PHE C 75 10.34 -19.20 30.88
C PHE C 75 9.02 -19.63 31.53
N ALA C 76 7.88 -19.21 30.98
CA ALA C 76 6.62 -19.77 31.47
C ALA C 76 6.63 -21.28 31.32
N ILE C 77 7.09 -21.78 30.17
CA ILE C 77 7.18 -23.22 29.95
C ILE C 77 8.26 -23.82 30.86
N TYR C 78 9.44 -23.19 30.89
CA TYR C 78 10.56 -23.73 31.68
C TYR C 78 10.18 -23.88 33.15
N ASP C 79 9.63 -22.82 33.76
CA ASP C 79 9.32 -22.90 35.19
C ASP C 79 8.21 -23.90 35.45
N THR C 80 7.27 -24.06 34.50
CA THR C 80 6.23 -25.07 34.68
C THR C 80 6.83 -26.48 34.66
N ILE C 81 7.78 -26.74 33.74
CA ILE C 81 8.46 -28.03 33.73
C ILE C 81 9.09 -28.31 35.08
N GLN C 82 9.86 -27.34 35.61
CA GLN C 82 10.52 -27.58 36.89
C GLN C 82 9.56 -27.62 38.07
N HIS C 83 8.36 -27.06 37.92
CA HIS C 83 7.42 -27.02 39.02
C HIS C 83 6.70 -28.37 39.21
N ILE C 84 6.23 -28.97 38.12
CA ILE C 84 5.34 -30.12 38.22
C ILE C 84 6.10 -31.36 38.68
N LYS C 85 5.35 -32.29 39.31
CA LYS C 85 5.97 -33.53 39.82
C LYS C 85 6.48 -34.44 38.71
N PRO C 86 5.74 -34.71 37.62
CA PRO C 86 6.25 -35.65 36.60
C PRO C 86 7.54 -35.15 35.97
N ASP C 87 8.43 -36.09 35.68
CA ASP C 87 9.55 -35.83 34.79
C ASP C 87 9.04 -35.49 33.40
N VAL C 88 9.68 -34.52 32.77
CA VAL C 88 9.38 -34.12 31.40
C VAL C 88 10.59 -34.50 30.56
N GLN C 89 10.45 -35.50 29.71
CA GLN C 89 11.48 -35.80 28.74
C GLN C 89 11.40 -34.83 27.58
N THR C 90 12.56 -34.42 27.05
CA THR C 90 12.62 -33.54 25.89
C THR C 90 13.28 -34.28 24.75
N ILE C 91 12.67 -34.22 23.56
CA ILE C 91 13.16 -34.89 22.37
C ILE C 91 13.24 -33.86 21.25
N CYS C 92 14.44 -33.56 20.80
CA CYS C 92 14.62 -32.61 19.71
C CYS C 92 14.52 -33.35 18.38
N ILE C 93 13.56 -32.93 17.54
CA ILE C 93 13.49 -33.38 16.14
C ILE C 93 13.59 -32.16 15.25
N GLY C 94 14.38 -32.27 14.18
CA GLY C 94 14.49 -31.15 13.25
C GLY C 94 15.42 -30.07 13.78
N MET C 95 14.92 -29.12 14.59
CA MET C 95 15.70 -27.96 15.06
C MET C 95 15.23 -27.58 16.46
N ALA C 96 16.17 -27.38 17.39
CA ALA C 96 15.91 -26.63 18.63
C ALA C 96 16.90 -25.46 18.66
N ALA C 97 16.40 -24.26 18.39
CA ALA C 97 17.23 -23.07 18.28
C ALA C 97 16.83 -22.08 19.34
N SER C 98 17.82 -21.38 19.91
CA SER C 98 17.55 -20.21 20.77
C SER C 98 16.72 -20.73 21.93
N MET C 99 15.55 -20.14 22.23
CA MET C 99 14.77 -20.61 23.37
C MET C 99 14.32 -22.06 23.19
N GLY C 100 14.28 -22.54 21.95
CA GLY C 100 14.00 -23.95 21.74
C GLY C 100 15.10 -24.83 22.32
N SER C 101 16.37 -24.45 22.12
CA SER C 101 17.45 -25.24 22.70
C SER C 101 17.50 -25.07 24.21
N PHE C 102 17.11 -23.89 24.71
CA PHE C 102 17.03 -23.71 26.16
C PHE C 102 16.02 -24.67 26.78
N LEU C 103 14.84 -24.83 26.16
CA LEU C 103 13.84 -25.75 26.71
C LEU C 103 14.26 -27.21 26.55
N LEU C 104 14.95 -27.55 25.45
CA LEU C 104 15.51 -28.90 25.29
C LEU C 104 16.43 -29.24 26.46
N ALA C 105 17.31 -28.31 26.84
CA ALA C 105 18.22 -28.50 27.97
C ALA C 105 17.47 -28.57 29.29
N ALA C 106 16.20 -28.17 29.33
CA ALA C 106 15.43 -28.10 30.56
C ALA C 106 14.73 -29.41 30.92
N GLY C 107 14.76 -30.42 30.05
CA GLY C 107 14.13 -31.69 30.38
C GLY C 107 14.77 -32.36 31.59
N ALA C 108 14.06 -33.33 32.14
CA ALA C 108 14.57 -34.13 33.26
C ALA C 108 15.96 -34.67 32.93
N LYS C 109 16.91 -34.45 33.84
CA LYS C 109 18.28 -34.86 33.58
C LYS C 109 18.34 -36.37 33.36
N GLY C 110 19.08 -36.79 32.32
CA GLY C 110 19.02 -38.15 31.84
C GLY C 110 17.94 -38.45 30.82
N LYS C 111 16.97 -37.57 30.64
CA LYS C 111 15.87 -37.83 29.69
C LYS C 111 15.76 -36.71 28.64
N ARG C 112 16.90 -36.17 28.21
CA ARG C 112 16.97 -35.14 27.18
C ARG C 112 17.63 -35.75 25.95
N PHE C 113 16.92 -35.73 24.82
CA PHE C 113 17.32 -36.47 23.62
C PHE C 113 17.28 -35.58 22.39
N ALA C 114 18.02 -36.00 21.37
CA ALA C 114 17.87 -35.47 20.03
C ALA C 114 18.00 -36.63 19.05
N LEU C 115 17.22 -36.57 17.97
CA LEU C 115 17.38 -37.55 16.90
C LEU C 115 18.67 -37.24 16.14
N PRO C 116 19.23 -38.22 15.42
CA PRO C 116 20.63 -38.07 14.97
C PRO C 116 20.90 -36.88 14.06
N ASN C 117 19.94 -36.47 13.22
CA ASN C 117 20.17 -35.36 12.29
C ASN C 117 19.53 -34.07 12.75
N ALA C 118 18.98 -34.06 13.96
CA ALA C 118 18.43 -32.83 14.53
C ALA C 118 19.54 -31.82 14.76
N GLU C 119 19.19 -30.54 14.70
CA GLU C 119 20.15 -29.45 14.83
C GLU C 119 19.82 -28.67 16.10
N VAL C 120 20.85 -28.25 16.80
CA VAL C 120 20.68 -27.42 17.99
C VAL C 120 21.45 -26.12 17.74
N MET C 121 20.84 -24.99 18.08
CA MET C 121 21.55 -23.71 17.95
C MET C 121 21.37 -22.89 19.22
N ILE C 122 22.46 -22.31 19.70
CA ILE C 122 22.43 -21.45 20.88
C ILE C 122 23.02 -20.10 20.50
N HIS C 123 22.48 -19.05 21.11
CA HIS C 123 22.98 -17.69 20.89
C HIS C 123 22.42 -16.79 22.00
N GLN C 124 22.76 -15.53 21.95
CA GLN C 124 22.36 -14.61 22.99
C GLN C 124 21.01 -13.99 22.66
N PRO C 125 20.32 -13.39 23.65
CA PRO C 125 19.03 -12.76 23.38
C PRO C 125 19.12 -11.62 22.38
N LEU C 126 17.98 -11.35 21.73
CA LEU C 126 17.83 -10.26 20.77
C LEU C 126 16.66 -9.39 21.18
N GLY C 127 16.77 -8.10 20.89
CA GLY C 127 15.69 -7.22 21.25
C GLY C 127 15.80 -5.90 20.53
N GLY C 128 15.06 -4.94 21.03
CA GLY C 128 15.07 -3.60 20.46
C GLY C 128 14.69 -2.63 21.56
N ALA C 129 15.06 -1.38 21.33
CA ALA C 129 14.83 -0.32 22.28
C ALA C 129 14.71 0.99 21.51
N GLN C 130 13.78 1.80 21.93
CA GLN C 130 13.61 3.09 21.33
C GLN C 130 13.22 4.10 22.38
N GLY C 131 13.63 5.30 22.13
CA GLY C 131 13.18 6.38 22.98
C GLY C 131 14.32 7.21 23.52
N GLN C 132 14.11 7.78 24.70
CA GLN C 132 15.12 8.58 25.35
C GLN C 132 16.32 7.72 25.77
N ALA C 133 17.48 8.37 25.88
CA ALA C 133 18.68 7.72 26.39
C ALA C 133 18.39 6.92 27.67
N THR C 134 17.64 7.53 28.58
CA THR C 134 17.27 6.86 29.84
C THR C 134 16.50 5.56 29.57
N GLU C 135 15.58 5.58 28.60
CA GLU C 135 14.78 4.38 28.32
C GLU C 135 15.62 3.33 27.62
N ILE C 136 16.53 3.75 26.73
CA ILE C 136 17.42 2.79 26.08
C ILE C 136 18.33 2.15 27.12
N GLU C 137 18.79 2.93 28.09
CA GLU C 137 19.55 2.36 29.21
C GLU C 137 18.74 1.31 29.97
N ILE C 138 17.49 1.64 30.32
CA ILE C 138 16.65 0.67 31.03
C ILE C 138 16.50 -0.61 30.22
N ALA C 139 16.24 -0.49 28.92
CA ALA C 139 16.07 -1.69 28.09
C ALA C 139 17.38 -2.47 27.98
N ALA C 140 18.51 -1.77 27.85
CA ALA C 140 19.79 -2.48 27.78
C ALA C 140 20.06 -3.25 29.07
N ASN C 141 19.87 -2.61 30.23
CA ASN C 141 20.11 -3.32 31.49
C ASN C 141 19.19 -4.52 31.62
N HIS C 142 17.94 -4.36 31.21
CA HIS C 142 17.01 -5.49 31.25
C HIS C 142 17.50 -6.67 30.41
N ILE C 143 17.87 -6.42 29.15
CA ILE C 143 18.19 -7.57 28.29
C ILE C 143 19.53 -8.17 28.72
N LEU C 144 20.45 -7.36 29.24
CA LEU C 144 21.70 -7.91 29.76
C LEU C 144 21.46 -8.76 31.00
N LYS C 145 20.60 -8.30 31.91
CA LYS C 145 20.27 -9.10 33.08
C LYS C 145 19.54 -10.39 32.66
N THR C 146 18.73 -10.32 31.60
CA THR C 146 18.05 -11.51 31.12
C THR C 146 19.06 -12.51 30.56
N ARG C 147 20.10 -12.00 29.89
CA ARG C 147 21.13 -12.88 29.35
C ARG C 147 21.89 -13.57 30.47
N GLU C 148 22.19 -12.85 31.56
CA GLU C 148 22.85 -13.47 32.71
C GLU C 148 21.99 -14.55 33.33
N LYS C 149 20.69 -14.28 33.49
CA LYS C 149 19.77 -15.30 34.01
C LYS C 149 19.79 -16.55 33.13
N LEU C 150 19.72 -16.37 31.81
CA LEU C 150 19.73 -17.52 30.89
C LEU C 150 21.05 -18.28 30.97
N ASN C 151 22.18 -17.56 31.06
CA ASN C 151 23.49 -18.20 31.11
C ASN C 151 23.67 -18.99 32.39
N ARG C 152 23.24 -18.42 33.53
CA ARG C 152 23.34 -19.12 34.80
C ARG C 152 22.57 -20.44 34.75
N ILE C 153 21.33 -20.39 34.28
CA ILE C 153 20.52 -21.61 34.18
C ILE C 153 21.15 -22.59 33.21
N LEU C 154 21.57 -22.12 32.04
CA LEU C 154 22.17 -23.03 31.06
C LEU C 154 23.45 -23.65 31.60
N SER C 155 24.22 -22.87 32.36
CA SER C 155 25.41 -23.40 33.02
C SER C 155 25.05 -24.56 33.95
N GLU C 156 24.03 -24.38 34.76
CA GLU C 156 23.64 -25.42 35.67
C GLU C 156 23.13 -26.65 34.88
N ARG C 157 22.33 -26.46 33.78
CA ARG C 157 21.76 -27.61 33.07
C ARG C 157 22.80 -28.36 32.24
N THR C 158 23.88 -27.71 31.83
CA THR C 158 24.85 -28.35 30.95
C THR C 158 26.13 -28.75 31.64
N GLY C 159 26.44 -28.15 32.79
CA GLY C 159 27.74 -28.32 33.40
C GLY C 159 28.84 -27.43 32.85
N GLN C 160 28.57 -26.63 31.82
CA GLN C 160 29.58 -25.69 31.35
C GLN C 160 29.63 -24.47 32.26
N SER C 161 30.80 -23.82 32.30
CA SER C 161 30.91 -22.60 33.07
C SER C 161 30.12 -21.47 32.41
N ILE C 162 29.73 -20.50 33.23
CA ILE C 162 29.05 -19.32 32.71
C ILE C 162 29.91 -18.60 31.68
N GLU C 163 31.22 -18.51 31.93
CA GLU C 163 32.11 -17.87 30.97
C GLU C 163 32.03 -18.56 29.63
N LYS C 164 32.14 -19.90 29.63
CA LYS C 164 32.09 -20.64 28.37
C LYS C 164 30.74 -20.43 27.68
N ILE C 165 29.63 -20.51 28.43
CA ILE C 165 28.31 -20.26 27.83
C ILE C 165 28.31 -18.88 27.17
N GLN C 166 28.85 -17.87 27.87
CA GLN C 166 28.85 -16.51 27.34
C GLN C 166 29.63 -16.44 26.02
N GLN C 167 30.80 -17.08 25.99
CA GLN C 167 31.62 -17.04 24.78
C GLN C 167 30.88 -17.75 23.65
N ASP C 168 30.32 -18.94 23.95
CA ASP C 168 29.72 -19.78 22.91
C ASP C 168 28.38 -19.26 22.41
N THR C 169 27.82 -18.21 23.01
CA THR C 169 26.56 -17.67 22.54
C THR C 169 26.71 -16.26 21.98
N ASP C 170 27.94 -15.74 21.91
CA ASP C 170 28.12 -14.39 21.41
C ASP C 170 27.56 -14.25 19.98
N ARG C 171 27.75 -15.27 19.15
CA ARG C 171 27.15 -15.36 17.83
C ARG C 171 26.38 -16.67 17.73
N ASP C 172 25.56 -16.78 16.67
CA ASP C 172 24.88 -18.03 16.37
C ASP C 172 25.85 -19.20 16.36
N ASN C 173 25.57 -20.20 17.18
CA ASN C 173 26.43 -21.36 17.34
C ASN C 173 25.60 -22.60 17.05
N PHE C 174 25.81 -23.20 15.87
CA PHE C 174 25.13 -24.43 15.49
C PHE C 174 25.87 -25.68 15.97
N LEU C 175 25.10 -26.64 16.51
CA LEU C 175 25.61 -27.90 17.02
C LEU C 175 24.85 -29.05 16.39
N THR C 176 25.57 -30.09 15.96
CA THR C 176 24.97 -31.38 15.65
C THR C 176 24.42 -32.01 16.93
N ALA C 177 23.57 -33.03 16.76
CA ALA C 177 23.09 -33.78 17.91
C ALA C 177 24.25 -34.30 18.76
N ALA C 178 25.28 -34.89 18.12
CA ALA C 178 26.41 -35.42 18.87
C ALA C 178 27.12 -34.31 19.64
N GLU C 179 27.32 -33.15 18.98
CA GLU C 179 27.93 -32.01 19.66
C GLU C 179 27.06 -31.51 20.81
N ALA C 180 25.74 -31.55 20.63
CA ALA C 180 24.85 -31.12 21.70
C ALA C 180 24.97 -32.05 22.92
N LYS C 181 25.16 -33.36 22.68
CA LYS C 181 25.37 -34.28 23.80
C LYS C 181 26.71 -34.01 24.50
N GLU C 182 27.75 -33.77 23.70
CA GLU C 182 29.05 -33.47 24.28
C GLU C 182 29.00 -32.19 25.06
N TYR C 183 28.16 -31.25 24.63
CA TYR C 183 28.06 -29.96 25.30
C TYR C 183 27.32 -30.06 26.63
N GLY C 184 26.47 -31.07 26.81
CA GLY C 184 25.60 -31.14 27.96
C GLY C 184 24.18 -30.63 27.73
N LEU C 185 23.83 -30.26 26.50
CA LEU C 185 22.47 -29.79 26.23
C LEU C 185 21.46 -30.94 26.22
N ILE C 186 21.90 -32.13 25.81
CA ILE C 186 21.10 -33.35 25.87
C ILE C 186 21.94 -34.43 26.52
N ASP C 187 21.30 -35.55 26.84
CA ASP C 187 21.97 -36.69 27.45
C ASP C 187 22.31 -37.79 26.44
N GLU C 188 21.48 -38.00 25.43
CA GLU C 188 21.63 -39.11 24.49
C GLU C 188 21.13 -38.70 23.10
N VAL C 189 21.83 -39.18 22.08
CA VAL C 189 21.33 -39.19 20.71
C VAL C 189 20.60 -40.50 20.50
N MET C 190 19.36 -40.39 20.05
CA MET C 190 18.47 -41.53 20.03
C MET C 190 18.77 -42.28 18.75
N GLU C 191 19.43 -43.47 18.81
CA GLU C 191 19.74 -44.07 17.51
C GLU C 191 18.55 -44.91 17.04
N PRO C 192 18.47 -45.27 15.74
CA PRO C 192 17.31 -46.02 15.21
C PRO C 192 17.15 -47.45 15.73
N ILE D 4 -5.39 -24.52 22.12
CA ILE D 4 -5.82 -25.20 20.90
C ILE D 4 -6.32 -26.69 21.08
N PRO D 5 -5.66 -27.54 21.88
CA PRO D 5 -6.02 -28.97 21.87
C PRO D 5 -7.30 -29.29 22.64
N THR D 6 -7.87 -30.45 22.30
CA THR D 6 -9.14 -30.95 22.84
C THR D 6 -8.92 -32.13 23.80
N VAL D 7 -9.64 -32.16 24.91
CA VAL D 7 -9.43 -33.22 25.90
C VAL D 7 -10.63 -34.18 25.95
N TYR D 18 -14.17 -30.70 25.51
CA TYR D 18 -13.55 -29.50 26.04
C TYR D 18 -12.29 -29.09 25.26
N ASP D 19 -12.05 -27.79 25.06
CA ASP D 19 -10.68 -27.36 24.75
C ASP D 19 -9.85 -27.38 26.05
N ILE D 20 -8.52 -27.25 25.92
CA ILE D 20 -7.67 -27.42 27.09
C ILE D 20 -8.00 -26.37 28.17
N TYR D 21 -8.35 -25.13 27.76
CA TYR D 21 -8.64 -24.10 28.77
C TYR D 21 -9.99 -24.34 29.43
N SER D 22 -10.96 -24.87 28.67
CA SER D 22 -12.25 -25.23 29.26
C SER D 22 -12.07 -26.36 30.26
N ARG D 23 -11.19 -27.31 29.95
CA ARG D 23 -10.90 -28.38 30.90
C ARG D 23 -10.29 -27.84 32.19
N LEU D 24 -9.36 -26.86 32.10
CA LEU D 24 -8.82 -26.31 33.34
C LEU D 24 -9.84 -25.45 34.08
N LEU D 25 -10.75 -24.78 33.36
CA LEU D 25 -11.79 -24.01 34.04
C LEU D 25 -12.66 -24.90 34.91
N LYS D 26 -12.87 -26.16 34.51
CA LYS D 26 -13.55 -27.14 35.34
C LYS D 26 -12.90 -27.27 36.72
N ASP D 27 -11.57 -27.12 36.80
CA ASP D 27 -10.84 -27.13 38.08
C ASP D 27 -10.63 -25.73 38.65
N ARG D 28 -11.43 -24.74 38.21
CA ARG D 28 -11.37 -23.37 38.76
C ARG D 28 -10.04 -22.69 38.45
N ILE D 29 -9.42 -23.03 37.34
CA ILE D 29 -8.22 -22.38 36.84
C ILE D 29 -8.60 -21.49 35.66
N ILE D 30 -8.26 -20.20 35.74
CA ILE D 30 -8.42 -19.25 34.64
C ILE D 30 -7.02 -18.88 34.13
N MET D 31 -6.85 -18.93 32.81
CA MET D 31 -5.56 -18.61 32.17
C MET D 31 -5.64 -17.23 31.53
N LEU D 32 -4.92 -16.25 32.08
CA LEU D 32 -4.77 -14.93 31.47
C LEU D 32 -3.42 -14.91 30.79
N GLY D 33 -3.41 -15.15 29.47
CA GLY D 33 -2.14 -15.36 28.78
C GLY D 33 -1.96 -14.45 27.57
N SER D 34 -2.45 -13.22 27.66
CA SER D 34 -2.41 -12.32 26.52
C SER D 34 -2.49 -10.88 27.02
N GLN D 35 -2.44 -9.95 26.08
CA GLN D 35 -2.71 -8.54 26.37
C GLN D 35 -4.14 -8.42 26.91
N ILE D 36 -4.34 -7.45 27.77
CA ILE D 36 -5.63 -7.21 28.44
C ILE D 36 -6.35 -6.12 27.66
N ASP D 37 -7.35 -6.51 26.89
CA ASP D 37 -8.26 -5.61 26.22
C ASP D 37 -9.69 -5.93 26.69
N ASP D 38 -10.66 -5.25 26.09
CA ASP D 38 -12.04 -5.40 26.55
C ASP D 38 -12.57 -6.82 26.36
N ASN D 39 -12.18 -7.50 25.28
CA ASN D 39 -12.69 -8.86 25.05
C ASN D 39 -12.10 -9.84 26.07
N VAL D 40 -10.80 -9.71 26.33
CA VAL D 40 -10.12 -10.52 27.33
C VAL D 40 -10.75 -10.30 28.71
N ALA D 41 -11.01 -9.04 29.07
CA ALA D 41 -11.61 -8.74 30.36
C ALA D 41 -13.01 -9.33 30.45
N ASN D 42 -13.78 -9.22 29.35
CA ASN D 42 -15.15 -9.72 29.35
C ASN D 42 -15.15 -11.24 29.58
N SER D 43 -14.18 -11.94 28.99
CA SER D 43 -14.08 -13.37 29.19
C SER D 43 -13.66 -13.71 30.62
N ILE D 44 -12.64 -13.03 31.13
CA ILE D 44 -12.13 -13.32 32.48
C ILE D 44 -13.21 -13.01 33.51
N VAL D 45 -13.86 -11.85 33.40
CA VAL D 45 -14.94 -11.50 34.31
C VAL D 45 -16.02 -12.58 34.27
N SER D 46 -16.40 -13.00 33.05
CA SER D 46 -17.43 -14.02 32.91
C SER D 46 -17.01 -15.32 33.55
N GLN D 47 -15.74 -15.70 33.42
CA GLN D 47 -15.28 -16.93 34.06
C GLN D 47 -15.30 -16.81 35.58
N LEU D 48 -14.93 -15.64 36.10
CA LEU D 48 -14.97 -15.41 37.54
C LEU D 48 -16.40 -15.51 38.05
N LEU D 49 -17.34 -14.81 37.40
CA LEU D 49 -18.74 -14.87 37.82
C LEU D 49 -19.25 -16.30 37.78
N PHE D 50 -18.90 -17.04 36.71
CA PHE D 50 -19.37 -18.41 36.59
C PHE D 50 -18.79 -19.31 37.68
N LEU D 51 -17.49 -19.18 37.96
CA LEU D 51 -16.89 -20.01 39.00
C LEU D 51 -17.52 -19.74 40.35
N GLN D 52 -17.85 -18.48 40.62
CA GLN D 52 -18.50 -18.13 41.88
C GLN D 52 -19.91 -18.70 41.97
N ALA D 53 -20.66 -18.63 40.88
CA ALA D 53 -21.99 -19.22 40.86
C ALA D 53 -21.93 -20.73 41.06
N GLN D 54 -20.82 -21.38 40.65
CA GLN D 54 -20.73 -22.83 40.80
C GLN D 54 -20.45 -23.19 42.25
N ASP D 55 -19.60 -22.41 42.91
CA ASP D 55 -19.17 -22.66 44.29
C ASP D 55 -18.59 -21.36 44.81
N SER D 56 -19.26 -20.78 45.79
CA SER D 56 -18.86 -19.48 46.29
C SER D 56 -17.76 -19.55 47.36
N GLU D 57 -17.31 -20.74 47.78
CA GLU D 57 -16.29 -20.87 48.82
C GLU D 57 -14.94 -21.42 48.34
N LYS D 58 -14.88 -22.22 47.25
CA LYS D 58 -13.61 -22.77 46.80
C LYS D 58 -12.76 -21.71 46.10
N ASP D 59 -11.44 -21.77 46.35
CA ASP D 59 -10.50 -20.86 45.70
C ASP D 59 -10.58 -20.94 44.18
N ILE D 60 -10.25 -19.82 43.52
CA ILE D 60 -10.04 -19.74 42.09
C ILE D 60 -8.55 -19.51 41.86
N TYR D 61 -8.02 -20.06 40.76
CA TYR D 61 -6.61 -19.86 40.43
C TYR D 61 -6.49 -19.11 39.11
N LEU D 62 -5.85 -17.93 39.16
CA LEU D 62 -5.68 -17.07 38.00
C LEU D 62 -4.20 -17.05 37.64
N TYR D 63 -3.83 -17.74 36.57
CA TYR D 63 -2.47 -17.68 36.05
C TYR D 63 -2.33 -16.45 35.17
N ILE D 64 -1.22 -15.74 35.32
CA ILE D 64 -1.03 -14.46 34.65
C ILE D 64 0.29 -14.51 33.89
N ASN D 65 0.20 -14.49 32.55
CA ASN D 65 1.33 -14.25 31.66
C ASN D 65 0.84 -13.17 30.68
N SER D 66 1.16 -11.91 30.96
CA SER D 66 0.53 -10.81 30.24
C SER D 66 1.46 -9.60 30.15
N PRO D 67 1.59 -8.99 28.98
CA PRO D 67 2.36 -7.73 28.86
C PRO D 67 1.58 -6.51 29.35
N GLY D 68 0.31 -6.66 29.73
CA GLY D 68 -0.47 -5.54 30.19
C GLY D 68 -1.63 -5.25 29.26
N GLY D 69 -2.10 -4.02 29.31
CA GLY D 69 -3.17 -3.61 28.40
C GLY D 69 -3.97 -2.44 28.97
N SER D 70 -5.24 -2.41 28.59
CA SER D 70 -6.13 -1.30 28.92
C SER D 70 -6.35 -1.20 30.42
N VAL D 71 -6.29 0.04 30.94
CA VAL D 71 -6.49 0.24 32.37
C VAL D 71 -7.91 -0.10 32.77
N THR D 72 -8.89 0.37 31.99
CA THR D 72 -10.28 0.09 32.35
C THR D 72 -10.62 -1.38 32.19
N ALA D 73 -10.10 -2.05 31.16
CA ALA D 73 -10.30 -3.50 31.07
C ALA D 73 -9.71 -4.20 32.28
N GLY D 74 -8.51 -3.79 32.70
CA GLY D 74 -7.90 -4.37 33.87
C GLY D 74 -8.71 -4.13 35.14
N PHE D 75 -9.33 -2.95 35.24
CA PHE D 75 -10.15 -2.68 36.43
C PHE D 75 -11.45 -3.46 36.42
N ALA D 76 -12.00 -3.78 35.24
CA ALA D 76 -13.14 -4.68 35.21
C ALA D 76 -12.77 -6.01 35.87
N ILE D 77 -11.59 -6.54 35.55
CA ILE D 77 -11.12 -7.78 36.18
C ILE D 77 -10.84 -7.55 37.65
N TYR D 78 -10.11 -6.47 37.98
CA TYR D 78 -9.73 -6.20 39.36
C TYR D 78 -10.96 -6.09 40.27
N ASP D 79 -11.93 -5.29 39.88
CA ASP D 79 -13.10 -5.09 40.75
C ASP D 79 -13.92 -6.37 40.86
N THR D 80 -13.94 -7.20 39.80
CA THR D 80 -14.63 -8.47 39.90
C THR D 80 -13.94 -9.41 40.89
N ILE D 81 -12.60 -9.44 40.87
CA ILE D 81 -11.86 -10.24 41.86
C ILE D 81 -12.26 -9.81 43.28
N GLN D 82 -12.23 -8.50 43.55
CA GLN D 82 -12.54 -8.04 44.90
C GLN D 82 -14.02 -8.20 45.24
N HIS D 83 -14.90 -8.30 44.24
CA HIS D 83 -16.32 -8.39 44.51
C HIS D 83 -16.74 -9.80 44.94
N ILE D 84 -16.23 -10.84 44.24
CA ILE D 84 -16.76 -12.18 44.43
C ILE D 84 -16.30 -12.76 45.77
N LYS D 85 -17.09 -13.72 46.28
CA LYS D 85 -16.77 -14.35 47.58
C LYS D 85 -15.51 -15.19 47.53
N PRO D 86 -15.28 -16.06 46.52
CA PRO D 86 -14.06 -16.89 46.54
C PRO D 86 -12.80 -16.06 46.52
N ASP D 87 -11.79 -16.55 47.25
CA ASP D 87 -10.44 -16.07 47.08
C ASP D 87 -9.95 -16.39 45.67
N VAL D 88 -9.22 -15.44 45.08
CA VAL D 88 -8.60 -15.62 43.77
C VAL D 88 -7.10 -15.62 44.00
N GLN D 89 -6.47 -16.78 43.84
CA GLN D 89 -5.01 -16.83 43.85
C GLN D 89 -4.47 -16.35 42.51
N THR D 90 -3.35 -15.63 42.53
CA THR D 90 -2.70 -15.18 41.31
C THR D 90 -1.32 -15.82 41.24
N ILE D 91 -0.99 -16.37 40.07
CA ILE D 91 0.28 -17.05 39.83
C ILE D 91 0.90 -16.45 38.57
N CYS D 92 2.01 -15.77 38.73
CA CYS D 92 2.71 -15.19 37.59
C CYS D 92 3.64 -16.22 36.97
N ILE D 93 3.43 -16.53 35.69
CA ILE D 93 4.38 -17.33 34.91
C ILE D 93 4.84 -16.50 33.71
N GLY D 94 6.13 -16.53 33.44
CA GLY D 94 6.64 -15.79 32.29
C GLY D 94 6.78 -14.31 32.60
N MET D 95 5.69 -13.54 32.52
CA MET D 95 5.75 -12.08 32.62
C MET D 95 4.43 -11.56 33.14
N ALA D 96 4.47 -10.69 34.15
CA ALA D 96 3.33 -9.82 34.50
C ALA D 96 3.82 -8.39 34.45
N ALA D 97 3.43 -7.67 33.39
CA ALA D 97 3.90 -6.31 33.16
C ALA D 97 2.73 -5.36 33.19
N SER D 98 2.96 -4.16 33.74
CA SER D 98 1.99 -3.06 33.62
C SER D 98 0.70 -3.55 34.25
N MET D 99 -0.44 -3.49 33.56
CA MET D 99 -1.69 -3.93 34.18
C MET D 99 -1.65 -5.41 34.55
N GLY D 100 -0.77 -6.18 33.92
CA GLY D 100 -0.59 -7.57 34.34
C GLY D 100 -0.01 -7.66 35.75
N SER D 101 0.97 -6.81 36.07
CA SER D 101 1.51 -6.83 37.43
C SER D 101 0.51 -6.24 38.42
N PHE D 102 -0.31 -5.29 37.98
CA PHE D 102 -1.36 -4.77 38.85
C PHE D 102 -2.34 -5.87 39.24
N LEU D 103 -2.76 -6.72 38.29
CA LEU D 103 -3.69 -7.80 38.61
C LEU D 103 -3.03 -8.89 39.46
N LEU D 104 -1.74 -9.16 39.21
CA LEU D 104 -0.99 -10.10 40.06
C LEU D 104 -1.05 -9.65 41.52
N ALA D 105 -0.81 -8.36 41.78
CA ALA D 105 -0.87 -7.80 43.12
C ALA D 105 -2.28 -7.82 43.70
N ALA D 106 -3.29 -8.06 42.86
CA ALA D 106 -4.68 -8.00 43.29
C ALA D 106 -5.20 -9.33 43.83
N GLY D 107 -4.42 -10.41 43.76
CA GLY D 107 -4.88 -11.68 44.29
C GLY D 107 -5.11 -11.63 45.80
N ALA D 108 -5.84 -12.62 46.30
CA ALA D 108 -6.05 -12.77 47.74
C ALA D 108 -4.73 -12.68 48.50
N LYS D 109 -4.68 -11.82 49.51
CA LYS D 109 -3.44 -11.61 50.25
C LYS D 109 -2.98 -12.93 50.88
N GLY D 110 -1.69 -13.23 50.74
CA GLY D 110 -1.17 -14.55 51.07
C GLY D 110 -1.24 -15.58 49.95
N LYS D 111 -1.98 -15.32 48.88
CA LYS D 111 -2.11 -16.29 47.78
C LYS D 111 -1.69 -15.68 46.44
N ARG D 112 -0.66 -14.82 46.45
CA ARG D 112 -0.10 -14.21 45.25
C ARG D 112 1.31 -14.76 45.05
N PHE D 113 1.53 -15.39 43.89
CA PHE D 113 2.74 -16.16 43.63
C PHE D 113 3.38 -15.76 42.30
N ALA D 114 4.67 -16.06 42.19
CA ALA D 114 5.36 -16.04 40.91
C ALA D 114 6.30 -17.24 40.88
N LEU D 115 6.44 -17.84 39.70
CA LEU D 115 7.44 -18.90 39.52
C LEU D 115 8.83 -18.26 39.50
N PRO D 116 9.89 -19.03 39.78
CA PRO D 116 11.18 -18.40 40.12
C PRO D 116 11.76 -17.52 39.02
N ASN D 117 11.56 -17.83 37.74
CA ASN D 117 12.15 -17.06 36.66
C ASN D 117 11.15 -16.12 36.00
N ALA D 118 9.94 -16.03 36.54
CA ALA D 118 8.95 -15.08 36.05
C ALA D 118 9.43 -13.66 36.29
N GLU D 119 9.00 -12.74 35.41
CA GLU D 119 9.42 -11.36 35.45
C GLU D 119 8.21 -10.49 35.77
N VAL D 120 8.42 -9.47 36.59
CA VAL D 120 7.36 -8.51 36.90
C VAL D 120 7.86 -7.14 36.47
N MET D 121 7.00 -6.35 35.84
CA MET D 121 7.37 -4.99 35.47
C MET D 121 6.25 -4.02 35.85
N ILE D 122 6.64 -2.91 36.46
CA ILE D 122 5.69 -1.86 36.83
C ILE D 122 6.13 -0.56 36.19
N HIS D 123 5.15 0.26 35.81
CA HIS D 123 5.42 1.58 35.22
C HIS D 123 4.12 2.39 35.26
N GLN D 124 4.19 3.61 34.78
CA GLN D 124 3.04 4.50 34.82
C GLN D 124 2.18 4.31 33.59
N PRO D 125 0.91 4.78 33.62
CA PRO D 125 0.04 4.64 32.45
C PRO D 125 0.58 5.38 31.24
N LEU D 126 0.14 4.91 30.06
CA LEU D 126 0.48 5.51 28.77
C LEU D 126 -0.80 5.82 28.02
N GLY D 127 -0.76 6.89 27.23
CA GLY D 127 -1.94 7.24 26.48
C GLY D 127 -1.60 8.23 25.37
N GLY D 128 -2.64 8.85 24.86
CA GLY D 128 -2.50 9.81 23.81
C GLY D 128 -3.66 10.77 23.87
N ALA D 129 -3.46 11.94 23.28
CA ALA D 129 -4.44 13.00 23.30
C ALA D 129 -4.24 13.83 22.04
N GLN D 130 -5.34 14.16 21.38
CA GLN D 130 -5.30 15.00 20.21
C GLN D 130 -6.47 15.97 20.20
N GLY D 131 -6.20 17.17 19.75
CA GLY D 131 -7.27 18.12 19.56
C GLY D 131 -6.95 19.49 20.12
N GLN D 132 -7.98 20.20 20.54
CA GLN D 132 -7.81 21.52 21.13
C GLN D 132 -7.07 21.44 22.46
N ALA D 133 -6.40 22.55 22.80
CA ALA D 133 -5.76 22.69 24.11
C ALA D 133 -6.68 22.23 25.23
N THR D 134 -7.93 22.66 25.20
CA THR D 134 -8.92 22.26 26.20
C THR D 134 -9.08 20.75 26.27
N GLU D 135 -9.11 20.07 25.11
CA GLU D 135 -9.30 18.62 25.12
C GLU D 135 -8.04 17.91 25.58
N ILE D 136 -6.86 18.44 25.23
CA ILE D 136 -5.61 17.85 25.71
C ILE D 136 -5.53 18.00 27.23
N GLU D 137 -5.99 19.15 27.75
CA GLU D 137 -6.07 19.32 29.20
C GLU D 137 -6.98 18.27 29.83
N ILE D 138 -8.18 18.07 29.28
CA ILE D 138 -9.09 17.07 29.82
C ILE D 138 -8.44 15.69 29.83
N ALA D 139 -7.79 15.32 28.72
CA ALA D 139 -7.15 14.00 28.66
C ALA D 139 -6.00 13.89 29.65
N ALA D 140 -5.21 14.96 29.80
CA ALA D 140 -4.11 14.92 30.75
C ALA D 140 -4.64 14.74 32.18
N ASN D 141 -5.66 15.52 32.57
CA ASN D 141 -6.19 15.38 33.92
C ASN D 141 -6.73 13.98 34.14
N HIS D 142 -7.41 13.44 33.13
CA HIS D 142 -7.91 12.08 33.24
C HIS D 142 -6.80 11.06 33.51
N ILE D 143 -5.73 11.09 32.69
CA ILE D 143 -4.73 10.03 32.84
C ILE D 143 -3.93 10.24 34.13
N LEU D 144 -3.74 11.48 34.55
CA LEU D 144 -3.08 11.72 35.84
C LEU D 144 -3.94 11.24 37.01
N LYS D 145 -5.25 11.49 36.96
CA LYS D 145 -6.13 10.98 38.01
C LYS D 145 -6.16 9.45 37.99
N THR D 146 -6.06 8.86 36.80
CA THR D 146 -6.02 7.40 36.72
C THR D 146 -4.75 6.86 37.34
N ARG D 147 -3.63 7.58 37.16
CA ARG D 147 -2.38 7.15 37.75
C ARG D 147 -2.44 7.21 39.28
N GLU D 148 -3.07 8.26 39.82
CA GLU D 148 -3.25 8.35 41.27
C GLU D 148 -4.10 7.21 41.80
N LYS D 149 -5.20 6.89 41.11
CA LYS D 149 -6.03 5.76 41.50
C LYS D 149 -5.21 4.47 41.53
N LEU D 150 -4.42 4.23 40.48
CA LEU D 150 -3.60 3.01 40.43
C LEU D 150 -2.57 2.98 41.54
N ASN D 151 -1.93 4.12 41.83
CA ASN D 151 -0.90 4.18 42.86
C ASN D 151 -1.48 3.96 44.24
N ARG D 152 -2.64 4.56 44.52
CA ARG D 152 -3.30 4.36 45.81
C ARG D 152 -3.59 2.89 46.04
N ILE D 153 -4.20 2.23 45.04
CA ILE D 153 -4.51 0.80 45.17
C ILE D 153 -3.23 -0.02 45.32
N LEU D 154 -2.23 0.25 44.47
CA LEU D 154 -0.99 -0.51 44.56
C LEU D 154 -0.31 -0.31 45.90
N SER D 155 -0.39 0.91 46.45
CA SER D 155 0.13 1.18 47.78
C SER D 155 -0.54 0.28 48.82
N GLU D 156 -1.89 0.16 48.74
CA GLU D 156 -2.64 -0.69 49.66
C GLU D 156 -2.25 -2.15 49.50
N ARG D 157 -2.08 -2.60 48.26
CA ARG D 157 -1.83 -4.03 48.05
C ARG D 157 -0.39 -4.43 48.38
N THR D 158 0.56 -3.50 48.32
CA THR D 158 1.96 -3.84 48.53
C THR D 158 2.49 -3.40 49.88
N GLY D 159 1.85 -2.44 50.53
CA GLY D 159 2.44 -1.84 51.71
C GLY D 159 3.44 -0.74 51.45
N GLN D 160 3.79 -0.46 50.19
CA GLN D 160 4.67 0.67 49.91
C GLN D 160 3.89 1.97 49.96
N SER D 161 4.61 3.06 50.27
CA SER D 161 3.97 4.37 50.25
C SER D 161 3.63 4.77 48.81
N ILE D 162 2.64 5.66 48.69
CA ILE D 162 2.28 6.21 47.39
C ILE D 162 3.46 6.93 46.75
N GLU D 163 4.24 7.67 47.54
CA GLU D 163 5.40 8.35 46.96
C GLU D 163 6.40 7.37 46.39
N LYS D 164 6.68 6.27 47.13
CA LYS D 164 7.60 5.27 46.60
C LYS D 164 7.04 4.64 45.32
N ILE D 165 5.75 4.27 45.31
CA ILE D 165 5.14 3.73 44.09
C ILE D 165 5.34 4.71 42.94
N GLN D 166 5.10 5.99 43.19
CA GLN D 166 5.21 7.01 42.15
C GLN D 166 6.64 7.05 41.61
N GLN D 167 7.61 7.04 42.51
CA GLN D 167 9.01 7.10 42.11
C GLN D 167 9.42 5.85 41.34
N ASP D 168 8.95 4.68 41.75
CA ASP D 168 9.35 3.41 41.16
C ASP D 168 8.61 3.11 39.85
N THR D 169 7.63 3.92 39.45
CA THR D 169 6.93 3.67 38.21
C THR D 169 7.17 4.77 37.19
N ASP D 170 8.01 5.75 37.51
CA ASP D 170 8.25 6.85 36.58
C ASP D 170 8.76 6.32 35.24
N ARG D 171 9.63 5.31 35.26
CA ARG D 171 10.09 4.60 34.08
C ARG D 171 9.81 3.11 34.26
N ASP D 172 9.95 2.36 33.16
CA ASP D 172 9.86 0.90 33.23
C ASP D 172 10.78 0.35 34.31
N ASN D 173 10.20 -0.39 35.23
CA ASN D 173 10.92 -0.94 36.38
C ASN D 173 10.73 -2.46 36.37
N PHE D 174 11.77 -3.20 35.97
CA PHE D 174 11.73 -4.66 35.96
C PHE D 174 12.18 -5.25 37.29
N LEU D 175 11.42 -6.26 37.76
CA LEU D 175 11.69 -6.95 39.01
C LEU D 175 11.74 -8.45 38.75
N THR D 176 12.73 -9.12 39.35
CA THR D 176 12.72 -10.57 39.47
C THR D 176 11.58 -11.00 40.39
N ALA D 177 11.26 -12.29 40.35
CA ALA D 177 10.26 -12.83 41.29
C ALA D 177 10.63 -12.52 42.73
N ALA D 178 11.91 -12.73 43.11
CA ALA D 178 12.33 -12.46 44.48
C ALA D 178 12.16 -10.98 44.82
N GLU D 179 12.52 -10.10 43.89
CA GLU D 179 12.32 -8.66 44.10
C GLU D 179 10.84 -8.31 44.20
N ALA D 180 10.01 -8.99 43.41
CA ALA D 180 8.57 -8.75 43.49
C ALA D 180 8.02 -9.14 44.86
N LYS D 181 8.54 -10.22 45.45
CA LYS D 181 8.10 -10.60 46.80
C LYS D 181 8.57 -9.58 47.83
N GLU D 182 9.83 -9.14 47.76
CA GLU D 182 10.29 -8.08 48.66
C GLU D 182 9.43 -6.85 48.52
N TYR D 183 9.06 -6.55 47.29
CA TYR D 183 8.32 -5.31 47.06
C TYR D 183 6.91 -5.36 47.65
N GLY D 184 6.36 -6.56 47.85
CA GLY D 184 4.97 -6.70 48.24
C GLY D 184 4.00 -6.96 47.10
N LEU D 185 4.50 -7.15 45.87
CA LEU D 185 3.61 -7.45 44.74
C LEU D 185 3.08 -8.88 44.79
N ILE D 186 3.88 -9.80 45.34
CA ILE D 186 3.47 -11.18 45.57
C ILE D 186 3.83 -11.53 47.01
N ASP D 187 3.35 -12.69 47.45
CA ASP D 187 3.63 -13.18 48.79
C ASP D 187 4.73 -14.24 48.83
N GLU D 188 4.83 -15.08 47.79
CA GLU D 188 5.77 -16.20 47.77
C GLU D 188 6.25 -16.45 46.34
N VAL D 189 7.52 -16.84 46.23
CA VAL D 189 8.07 -17.45 45.03
C VAL D 189 7.90 -18.95 45.16
N MET D 190 7.28 -19.53 44.16
CA MET D 190 6.84 -20.91 44.25
C MET D 190 8.04 -21.76 43.90
N GLU D 191 8.69 -22.46 44.87
CA GLU D 191 9.87 -23.19 44.42
C GLU D 191 9.47 -24.57 43.92
N PRO D 192 10.34 -25.27 43.16
CA PRO D 192 9.97 -26.57 42.56
C PRO D 192 9.76 -27.72 43.56
N ILE E 4 -14.47 -16.86 25.23
CA ILE E 4 -13.84 -17.97 24.53
C ILE E 4 -14.06 -19.38 25.16
N PRO E 5 -13.99 -19.58 26.49
CA PRO E 5 -13.98 -20.96 27.02
C PRO E 5 -15.36 -21.60 27.05
N THR E 6 -15.35 -22.94 27.12
CA THR E 6 -16.54 -23.80 27.09
C THR E 6 -16.81 -24.42 28.46
N VAL E 7 -18.11 -24.64 28.72
CA VAL E 7 -18.62 -25.19 29.97
C VAL E 7 -19.50 -26.45 29.78
N TYR E 18 -22.00 -25.19 26.17
CA TYR E 18 -22.11 -23.74 26.24
C TYR E 18 -20.75 -23.03 26.15
N ASP E 19 -20.68 -21.87 25.47
CA ASP E 19 -19.55 -20.97 25.74
C ASP E 19 -19.83 -20.23 27.07
N ILE E 20 -18.80 -19.54 27.61
CA ILE E 20 -18.96 -18.95 28.93
C ILE E 20 -20.10 -17.93 28.96
N TYR E 21 -20.30 -17.17 27.86
CA TYR E 21 -21.37 -16.16 27.87
C TYR E 21 -22.74 -16.81 27.75
N SER E 22 -22.83 -17.91 27.00
CA SER E 22 -24.09 -18.65 26.91
C SER E 22 -24.45 -19.24 28.27
N ARG E 23 -23.44 -19.72 29.01
CA ARG E 23 -23.68 -20.21 30.36
C ARG E 23 -24.22 -19.11 31.27
N LEU E 24 -23.65 -17.89 31.20
CA LEU E 24 -24.19 -16.82 32.04
C LEU E 24 -25.58 -16.36 31.58
N LEU E 25 -25.87 -16.43 30.27
CA LEU E 25 -27.20 -16.07 29.80
C LEU E 25 -28.26 -16.99 30.39
N LYS E 26 -27.91 -18.26 30.66
CA LYS E 26 -28.81 -19.16 31.37
C LYS E 26 -29.24 -18.59 32.72
N ASP E 27 -28.37 -17.82 33.41
CA ASP E 27 -28.69 -17.13 34.65
C ASP E 27 -29.18 -15.70 34.43
N ARG E 28 -29.63 -15.35 33.21
CA ARG E 28 -30.19 -14.04 32.91
C ARG E 28 -29.15 -12.92 33.03
N ILE E 29 -27.89 -13.24 32.77
CA ILE E 29 -26.81 -12.26 32.72
C ILE E 29 -26.44 -12.02 31.26
N ILE E 30 -26.48 -10.76 30.83
CA ILE E 30 -26.01 -10.33 29.51
C ILE E 30 -24.73 -9.53 29.69
N MET E 31 -23.70 -9.84 28.89
CA MET E 31 -22.40 -9.17 28.98
C MET E 31 -22.27 -8.22 27.78
N LEU E 32 -22.29 -6.91 28.04
CA LEU E 32 -22.01 -5.91 27.01
C LEU E 32 -20.58 -5.44 27.24
N GLY E 33 -19.64 -6.01 26.47
CA GLY E 33 -18.22 -5.79 26.75
C GLY E 33 -17.45 -5.28 25.56
N SER E 34 -18.07 -4.44 24.73
CA SER E 34 -17.42 -3.99 23.51
C SER E 34 -18.06 -2.67 23.07
N GLN E 35 -17.46 -2.07 22.06
CA GLN E 35 -18.15 -1.04 21.28
C GLN E 35 -19.62 -1.42 21.03
N ILE E 36 -20.50 -0.45 20.85
CA ILE E 36 -21.91 -0.66 20.52
C ILE E 36 -22.10 -0.30 19.05
N ASP E 37 -22.22 -1.31 18.21
CA ASP E 37 -22.58 -1.16 16.81
C ASP E 37 -23.86 -1.96 16.57
N ASP E 38 -24.28 -2.01 15.31
CA ASP E 38 -25.55 -2.65 14.98
C ASP E 38 -25.55 -4.14 15.30
N ASN E 39 -24.42 -4.84 15.12
CA ASN E 39 -24.40 -6.28 15.40
C ASN E 39 -24.50 -6.54 16.90
N VAL E 40 -23.76 -5.75 17.69
CA VAL E 40 -23.82 -5.84 19.15
C VAL E 40 -25.23 -5.57 19.64
N ALA E 41 -25.88 -4.52 19.11
CA ALA E 41 -27.24 -4.20 19.53
C ALA E 41 -28.20 -5.31 19.15
N ASN E 42 -28.03 -5.89 17.95
CA ASN E 42 -28.92 -6.96 17.55
CA ASN E 42 -28.91 -6.98 17.53
C ASN E 42 -28.81 -8.13 18.51
N SER E 43 -27.60 -8.45 18.91
CA SER E 43 -27.41 -9.56 19.83
C SER E 43 -28.02 -9.25 21.20
N ILE E 44 -27.74 -8.05 21.72
CA ILE E 44 -28.25 -7.69 23.05
C ILE E 44 -29.76 -7.65 23.05
N VAL E 45 -30.35 -7.00 22.03
CA VAL E 45 -31.81 -6.96 21.92
C VAL E 45 -32.37 -8.38 21.87
N SER E 46 -31.74 -9.24 21.07
CA SER E 46 -32.22 -10.62 20.96
C SER E 46 -32.12 -11.36 22.29
N GLN E 47 -31.05 -11.11 23.05
CA GLN E 47 -30.94 -11.75 24.36
C GLN E 47 -32.00 -11.24 25.32
N LEU E 48 -32.29 -9.93 25.27
CA LEU E 48 -33.33 -9.37 26.12
C LEU E 48 -34.69 -9.97 25.78
N LEU E 49 -35.03 -10.00 24.48
CA LEU E 49 -36.32 -10.58 24.08
C LEU E 49 -36.40 -12.03 24.51
N PHE E 50 -35.31 -12.78 24.35
CA PHE E 50 -35.33 -14.19 24.73
C PHE E 50 -35.50 -14.37 26.23
N LEU E 51 -34.77 -13.57 27.03
CA LEU E 51 -34.89 -13.71 28.49
C LEU E 51 -36.31 -13.39 28.94
N GLN E 52 -36.95 -12.42 28.31
CA GLN E 52 -38.33 -12.07 28.65
C GLN E 52 -39.29 -13.18 28.28
N ALA E 53 -39.11 -13.79 27.10
CA ALA E 53 -39.94 -14.91 26.70
C ALA E 53 -39.77 -16.09 27.65
N GLN E 54 -38.59 -16.22 28.27
CA GLN E 54 -38.37 -17.36 29.17
C GLN E 54 -39.09 -17.13 30.49
N ASP E 55 -39.07 -15.89 30.97
CA ASP E 55 -39.64 -15.53 32.28
C ASP E 55 -39.81 -14.01 32.26
N SER E 56 -41.05 -13.56 32.29
CA SER E 56 -41.32 -12.14 32.16
C SER E 56 -41.24 -11.40 33.50
N GLU E 57 -40.94 -12.09 34.63
CA GLU E 57 -40.88 -11.45 35.95
C GLU E 57 -39.48 -11.35 36.54
N LYS E 58 -38.64 -12.33 36.30
CA LYS E 58 -37.32 -12.33 36.93
C LYS E 58 -36.42 -11.23 36.35
N ASP E 59 -35.64 -10.60 37.23
CA ASP E 59 -34.69 -9.58 36.82
C ASP E 59 -33.70 -10.11 35.77
N ILE E 60 -33.22 -9.20 34.92
CA ILE E 60 -32.12 -9.44 34.01
C ILE E 60 -30.93 -8.62 34.50
N TYR E 61 -29.72 -9.13 34.31
CA TYR E 61 -28.52 -8.40 34.71
C TYR E 61 -27.67 -8.07 33.49
N LEU E 62 -27.45 -6.79 33.25
CA LEU E 62 -26.69 -6.29 32.10
C LEU E 62 -25.39 -5.69 32.61
N TYR E 63 -24.28 -6.41 32.43
CA TYR E 63 -22.97 -5.87 32.74
C TYR E 63 -22.49 -5.01 31.58
N ILE E 64 -21.93 -3.85 31.90
CA ILE E 64 -21.55 -2.87 30.88
C ILE E 64 -20.07 -2.52 31.07
N ASN E 65 -19.24 -2.91 30.11
CA ASN E 65 -17.87 -2.43 29.95
C ASN E 65 -17.74 -2.03 28.47
N SER E 66 -17.93 -0.74 28.18
CA SER E 66 -18.08 -0.31 26.80
C SER E 66 -17.57 1.11 26.60
N PRO E 67 -16.79 1.35 25.54
CA PRO E 67 -16.38 2.74 25.22
C PRO E 67 -17.48 3.54 24.53
N GLY E 68 -18.62 2.93 24.21
CA GLY E 68 -19.69 3.63 23.54
C GLY E 68 -19.94 3.07 22.15
N GLY E 69 -20.52 3.91 21.31
CA GLY E 69 -20.74 3.50 19.92
C GLY E 69 -21.91 4.28 19.30
N SER E 70 -22.56 3.60 18.36
CA SER E 70 -23.63 4.20 17.55
C SER E 70 -24.81 4.61 18.42
N VAL E 71 -25.33 5.81 18.17
CA VAL E 71 -26.47 6.29 18.94
C VAL E 71 -27.70 5.46 18.65
N THR E 72 -27.95 5.17 17.36
CA THR E 72 -29.15 4.41 17.03
C THR E 72 -29.03 2.96 17.51
N ALA E 73 -27.84 2.35 17.41
CA ALA E 73 -27.69 1.01 17.98
C ALA E 73 -27.95 1.04 19.49
N GLY E 74 -27.44 2.06 20.17
CA GLY E 74 -27.70 2.18 21.60
C GLY E 74 -29.17 2.35 21.91
N PHE E 75 -29.90 3.08 21.07
CA PHE E 75 -31.32 3.27 21.31
C PHE E 75 -32.13 2.01 21.03
N ALA E 76 -31.66 1.15 20.11
CA ALA E 76 -32.31 -0.14 19.96
C ALA E 76 -32.25 -0.91 21.27
N ILE E 77 -31.10 -0.89 21.94
CA ILE E 77 -30.98 -1.53 23.25
C ILE E 77 -31.81 -0.80 24.29
N TYR E 78 -31.69 0.54 24.34
CA TYR E 78 -32.40 1.32 25.35
C TYR E 78 -33.91 1.10 25.27
N ASP E 79 -34.49 1.21 24.08
CA ASP E 79 -35.94 1.07 23.97
C ASP E 79 -36.39 -0.35 24.28
N THR E 80 -35.54 -1.34 23.97
CA THR E 80 -35.89 -2.72 24.34
C THR E 80 -35.89 -2.90 25.85
N ILE E 81 -34.92 -2.30 26.56
CA ILE E 81 -34.92 -2.36 28.02
C ILE E 81 -36.23 -1.79 28.56
N GLN E 82 -36.62 -0.60 28.09
CA GLN E 82 -37.84 0.01 28.62
C GLN E 82 -39.10 -0.71 28.17
N HIS E 83 -39.03 -1.48 27.08
CA HIS E 83 -40.22 -2.15 26.57
C HIS E 83 -40.56 -3.40 27.38
N ILE E 84 -39.56 -4.23 27.68
CA ILE E 84 -39.83 -5.56 28.23
C ILE E 84 -40.30 -5.46 29.68
N LYS E 85 -41.05 -6.49 30.12
CA LYS E 85 -41.59 -6.50 31.49
C LYS E 85 -40.49 -6.65 32.54
N PRO E 86 -39.50 -7.55 32.43
CA PRO E 86 -38.49 -7.68 33.50
C PRO E 86 -37.72 -6.39 33.72
N ASP E 87 -37.41 -6.12 34.98
CA ASP E 87 -36.40 -5.15 35.32
C ASP E 87 -35.05 -5.57 34.78
N VAL E 88 -34.29 -4.61 34.26
CA VAL E 88 -32.94 -4.84 33.79
C VAL E 88 -32.01 -4.07 34.72
N GLN E 89 -31.25 -4.79 35.53
CA GLN E 89 -30.20 -4.16 36.32
C GLN E 89 -28.99 -3.88 35.44
N THR E 90 -28.33 -2.74 35.67
CA THR E 90 -27.11 -2.40 34.94
C THR E 90 -25.97 -2.32 35.93
N ILE E 91 -24.84 -2.95 35.58
CA ILE E 91 -23.65 -3.00 36.43
C ILE E 91 -22.47 -2.55 35.58
N CYS E 92 -21.89 -1.42 35.92
CA CYS E 92 -20.72 -0.93 35.20
C CYS E 92 -19.45 -1.54 35.79
N ILE E 93 -18.68 -2.26 34.97
CA ILE E 93 -17.34 -2.70 35.34
C ILE E 93 -16.35 -2.11 34.33
N GLY E 94 -15.24 -1.61 34.83
CA GLY E 94 -14.23 -1.08 33.94
C GLY E 94 -14.58 0.32 33.45
N MET E 95 -15.41 0.47 32.41
CA MET E 95 -15.70 1.78 31.80
C MET E 95 -17.08 1.72 31.16
N ALA E 96 -17.92 2.70 31.45
CA ALA E 96 -19.12 3.00 30.65
C ALA E 96 -18.98 4.43 30.13
N ALA E 97 -18.68 4.54 28.84
CA ALA E 97 -18.41 5.85 28.23
C ALA E 97 -19.44 6.11 27.15
N SER E 98 -19.86 7.38 27.04
CA SER E 98 -20.67 7.81 25.89
C SER E 98 -21.94 6.98 25.90
N MET E 99 -22.30 6.30 24.81
CA MET E 99 -23.53 5.52 24.81
C MET E 99 -23.49 4.40 25.85
N GLY E 100 -22.31 3.98 26.26
CA GLY E 100 -22.23 3.03 27.35
C GLY E 100 -22.73 3.62 28.66
N SER E 101 -22.39 4.88 28.95
CA SER E 101 -22.92 5.48 30.18
C SER E 101 -24.41 5.80 30.03
N PHE E 102 -24.87 6.08 28.81
CA PHE E 102 -26.29 6.28 28.59
C PHE E 102 -27.08 5.01 28.92
N LEU E 103 -26.58 3.84 28.48
CA LEU E 103 -27.28 2.58 28.78
C LEU E 103 -27.18 2.21 30.26
N LEU E 104 -26.05 2.51 30.90
CA LEU E 104 -25.94 2.32 32.35
C LEU E 104 -27.03 3.06 33.10
N ALA E 105 -27.26 4.33 32.73
CA ALA E 105 -28.30 5.15 33.32
C ALA E 105 -29.69 4.64 33.00
N ALA E 106 -29.82 3.74 32.03
CA ALA E 106 -31.12 3.25 31.56
C ALA E 106 -31.63 2.05 32.35
N GLY E 107 -30.83 1.47 33.26
CA GLY E 107 -31.30 0.35 34.04
C GLY E 107 -32.48 0.71 34.93
N ALA E 108 -33.18 -0.33 35.41
CA ALA E 108 -34.28 -0.15 36.35
C ALA E 108 -33.86 0.76 37.51
N LYS E 109 -34.66 1.79 37.77
CA LYS E 109 -34.29 2.75 38.82
C LYS E 109 -34.17 2.03 40.17
N GLY E 110 -33.10 2.33 40.90
CA GLY E 110 -32.71 1.56 42.07
C GLY E 110 -31.82 0.35 41.79
N LYS E 111 -31.68 -0.07 40.55
CA LYS E 111 -30.86 -1.25 40.24
C LYS E 111 -29.76 -0.93 39.23
N ARG E 112 -29.18 0.28 39.32
CA ARG E 112 -28.08 0.73 38.48
C ARG E 112 -26.83 0.85 39.35
N PHE E 113 -25.78 0.11 39.00
CA PHE E 113 -24.60 -0.05 39.84
C PHE E 113 -23.32 0.22 39.05
N ALA E 114 -22.28 0.54 39.81
CA ALA E 114 -20.91 0.51 39.29
C ALA E 114 -20.02 -0.07 40.37
N LEU E 115 -19.01 -0.83 39.95
CA LEU E 115 -17.99 -1.30 40.88
C LEU E 115 -17.09 -0.13 41.26
N PRO E 116 -16.39 -0.21 42.40
CA PRO E 116 -15.80 1.02 42.98
C PRO E 116 -14.79 1.73 42.07
N ASN E 117 -14.02 1.00 41.26
CA ASN E 117 -13.00 1.63 40.43
C ASN E 117 -13.43 1.78 38.97
N ALA E 118 -14.68 1.44 38.67
CA ALA E 118 -15.23 1.64 37.33
C ALA E 118 -15.29 3.13 37.01
N GLU E 119 -15.16 3.45 35.73
CA GLU E 119 -15.13 4.83 35.26
C GLU E 119 -16.36 5.07 34.39
N VAL E 120 -16.95 6.25 34.53
CA VAL E 120 -18.08 6.66 33.70
C VAL E 120 -17.67 7.92 32.97
N MET E 121 -17.99 8.00 31.68
CA MET E 121 -17.72 9.22 30.93
C MET E 121 -18.93 9.62 30.11
N ILE E 122 -19.27 10.90 30.16
CA ILE E 122 -20.39 11.44 29.38
C ILE E 122 -19.86 12.55 28.50
N HIS E 123 -20.45 12.69 27.31
CA HIS E 123 -20.09 13.75 26.37
C HIS E 123 -21.18 13.85 25.30
N GLN E 124 -21.02 14.75 24.39
CA GLN E 124 -22.03 14.99 23.37
C GLN E 124 -21.79 14.08 22.17
N PRO E 125 -22.79 13.91 21.30
CA PRO E 125 -22.61 13.06 20.11
C PRO E 125 -21.53 13.58 19.18
N LEU E 126 -20.98 12.66 18.39
CA LEU E 126 -19.96 12.96 17.38
C LEU E 126 -20.42 12.42 16.04
N GLY E 127 -20.05 13.11 14.98
CA GLY E 127 -20.45 12.66 13.67
C GLY E 127 -19.63 13.32 12.59
N GLY E 128 -20.13 13.22 11.38
CA GLY E 128 -19.49 13.81 10.23
C GLY E 128 -20.54 14.08 9.18
N ALA E 129 -20.19 14.99 8.28
CA ALA E 129 -21.09 15.43 7.24
C ALA E 129 -20.25 15.88 6.06
N GLN E 130 -20.60 15.40 4.87
CA GLN E 130 -19.95 15.84 3.66
C GLN E 130 -20.97 16.13 2.55
N GLY E 131 -20.68 17.13 1.76
CA GLY E 131 -21.49 17.38 0.59
C GLY E 131 -21.87 18.84 0.44
N GLN E 132 -23.01 19.06 -0.18
CA GLN E 132 -23.52 20.41 -0.37
C GLN E 132 -23.88 21.07 0.96
N ALA E 133 -23.82 22.41 0.97
CA ALA E 133 -24.27 23.19 2.13
C ALA E 133 -25.61 22.68 2.66
N THR E 134 -26.56 22.45 1.76
CA THR E 134 -27.87 21.94 2.14
C THR E 134 -27.78 20.61 2.88
N GLU E 135 -26.90 19.71 2.42
CA GLU E 135 -26.78 18.41 3.07
C GLU E 135 -26.08 18.53 4.42
N ILE E 136 -25.07 19.41 4.51
CA ILE E 136 -24.41 19.63 5.78
C ILE E 136 -25.40 20.22 6.78
N GLU E 137 -26.27 21.11 6.32
CA GLU E 137 -27.34 21.63 7.18
C GLU E 137 -28.25 20.50 7.68
N ILE E 138 -28.68 19.62 6.78
CA ILE E 138 -29.54 18.50 7.19
C ILE E 138 -28.84 17.65 8.24
N ALA E 139 -27.55 17.34 8.02
CA ALA E 139 -26.83 16.51 8.98
C ALA E 139 -26.65 17.23 10.31
N ALA E 140 -26.37 18.53 10.27
CA ALA E 140 -26.22 19.29 11.51
C ALA E 140 -27.53 19.29 12.31
N ASN E 141 -28.66 19.58 11.65
CA ASN E 141 -29.93 19.58 12.36
C ASN E 141 -30.23 18.22 12.95
N HIS E 142 -29.93 17.16 12.20
CA HIS E 142 -30.13 15.82 12.71
C HIS E 142 -29.33 15.56 13.99
N ILE E 143 -28.03 15.85 13.98
CA ILE E 143 -27.22 15.47 15.14
C ILE E 143 -27.56 16.37 16.32
N LEU E 144 -27.93 17.62 16.07
CA LEU E 144 -28.36 18.49 17.16
C LEU E 144 -29.68 18.02 17.76
N LYS E 145 -30.64 17.60 16.93
CA LYS E 145 -31.88 17.06 17.45
C LYS E 145 -31.62 15.75 18.21
N THR E 146 -30.65 14.96 17.75
CA THR E 146 -30.31 13.74 18.46
C THR E 146 -29.72 14.05 19.83
N ARG E 147 -28.92 15.12 19.92
CA ARG E 147 -28.35 15.51 21.19
C ARG E 147 -29.44 15.95 22.17
N GLU E 148 -30.44 16.70 21.68
CA GLU E 148 -31.56 17.11 22.53
C GLU E 148 -32.33 15.89 23.03
N LYS E 149 -32.60 14.92 22.16
CA LYS E 149 -33.26 13.69 22.57
C LYS E 149 -32.48 12.99 23.68
N LEU E 150 -31.16 12.87 23.50
CA LEU E 150 -30.32 12.21 24.51
C LEU E 150 -30.32 12.98 25.83
N ASN E 151 -30.26 14.32 25.76
CA ASN E 151 -30.23 15.13 26.96
C ASN E 151 -31.54 15.05 27.73
N ARG E 152 -32.66 15.09 27.01
CA ARG E 152 -33.97 14.99 27.65
C ARG E 152 -34.07 13.67 28.41
N ILE E 153 -33.73 12.56 27.76
CA ILE E 153 -33.79 11.26 28.43
C ILE E 153 -32.82 11.20 29.60
N LEU E 154 -31.59 11.65 29.41
CA LEU E 154 -30.62 11.62 30.50
C LEU E 154 -31.08 12.48 31.67
N SER E 155 -31.71 13.61 31.37
CA SER E 155 -32.29 14.46 32.41
C SER E 155 -33.31 13.69 33.24
N GLU E 156 -34.24 13.01 32.54
CA GLU E 156 -35.24 12.16 33.20
C GLU E 156 -34.59 11.05 34.05
N ARG E 157 -33.54 10.39 33.54
CA ARG E 157 -32.97 9.25 34.26
C ARG E 157 -32.09 9.68 35.43
N THR E 158 -31.53 10.88 35.41
CA THR E 158 -30.62 11.31 36.45
C THR E 158 -31.21 12.30 37.43
N GLY E 159 -32.29 12.99 37.05
CA GLY E 159 -32.77 14.10 37.84
C GLY E 159 -32.06 15.41 37.62
N GLN E 160 -31.01 15.47 36.79
CA GLN E 160 -30.38 16.74 36.48
C GLN E 160 -31.19 17.49 35.44
N SER E 161 -31.08 18.82 35.46
CA SER E 161 -31.75 19.61 34.45
C SER E 161 -31.10 19.40 33.08
N ILE E 162 -31.88 19.64 32.04
CA ILE E 162 -31.36 19.58 30.68
C ILE E 162 -30.21 20.55 30.49
N GLU E 163 -30.31 21.78 31.02
CA GLU E 163 -29.20 22.75 30.88
C GLU E 163 -27.93 22.25 31.56
N LYS E 164 -28.03 21.59 32.75
CA LYS E 164 -26.85 21.04 33.37
C LYS E 164 -26.27 19.90 32.54
N ILE E 165 -27.13 18.99 32.05
CA ILE E 165 -26.65 17.90 31.18
C ILE E 165 -25.90 18.50 29.99
N GLN E 166 -26.46 19.54 29.37
CA GLN E 166 -25.85 20.15 28.20
C GLN E 166 -24.47 20.70 28.55
N GLN E 167 -24.37 21.45 29.64
CA GLN E 167 -23.08 22.00 30.06
C GLN E 167 -22.06 20.89 30.42
N ASP E 168 -22.50 19.83 31.08
CA ASP E 168 -21.59 18.78 31.51
C ASP E 168 -21.19 17.82 30.41
N THR E 169 -21.76 17.93 29.21
CA THR E 169 -21.38 17.06 28.12
C THR E 169 -20.72 17.80 26.98
N ASP E 170 -20.49 19.11 27.14
CA ASP E 170 -19.88 19.88 26.07
C ASP E 170 -18.52 19.30 25.68
N ARG E 171 -17.74 18.87 26.67
CA ARG E 171 -16.49 18.14 26.46
C ARG E 171 -16.56 16.82 27.21
N ASP E 172 -15.58 15.95 26.92
CA ASP E 172 -15.44 14.69 27.66
C ASP E 172 -15.42 14.97 29.16
N ASN E 173 -16.33 14.33 29.88
CA ASN E 173 -16.49 14.51 31.31
C ASN E 173 -16.35 13.15 31.99
N PHE E 174 -15.20 12.91 32.62
CA PHE E 174 -14.97 11.66 33.35
C PHE E 174 -15.46 11.75 34.80
N LEU E 175 -16.14 10.68 35.24
CA LEU E 175 -16.67 10.56 36.60
C LEU E 175 -16.20 9.26 37.22
N THR E 176 -15.77 9.33 38.49
CA THR E 176 -15.62 8.13 39.31
C THR E 176 -16.98 7.50 39.57
N ALA E 177 -16.96 6.25 40.03
CA ALA E 177 -18.20 5.59 40.43
C ALA E 177 -18.97 6.44 41.46
N ALA E 178 -18.27 6.95 42.47
CA ALA E 178 -18.95 7.77 43.50
C ALA E 178 -19.55 9.02 42.87
N GLU E 179 -18.82 9.68 41.97
CA GLU E 179 -19.35 10.84 41.28
C GLU E 179 -20.54 10.47 40.41
N ALA E 180 -20.50 9.30 39.78
CA ALA E 180 -21.62 8.86 38.96
C ALA E 180 -22.87 8.66 39.81
N LYS E 181 -22.72 8.15 41.04
CA LYS E 181 -23.85 8.00 41.94
C LYS E 181 -24.41 9.36 42.35
N GLU E 182 -23.51 10.28 42.76
CA GLU E 182 -23.92 11.65 43.08
C GLU E 182 -24.62 12.33 41.89
N TYR E 183 -24.22 12.00 40.68
CA TYR E 183 -24.80 12.62 39.51
C TYR E 183 -26.20 12.09 39.21
N GLY E 184 -26.52 10.88 39.67
CA GLY E 184 -27.76 10.22 39.28
C GLY E 184 -27.64 9.23 38.13
N LEU E 185 -26.42 8.95 37.66
CA LEU E 185 -26.25 7.99 36.58
C LEU E 185 -26.42 6.55 37.08
N ILE E 186 -26.05 6.30 38.33
CA ILE E 186 -26.26 5.02 38.99
C ILE E 186 -26.90 5.29 40.34
N ASP E 187 -27.35 4.22 40.99
CA ASP E 187 -27.96 4.31 42.31
C ASP E 187 -27.02 3.94 43.44
N GLU E 188 -26.10 3.00 43.22
CA GLU E 188 -25.22 2.49 44.27
C GLU E 188 -23.87 2.10 43.67
N VAL E 189 -22.82 2.34 44.45
CA VAL E 189 -21.51 1.75 44.23
C VAL E 189 -21.46 0.44 45.00
N MET E 190 -21.13 -0.62 44.30
CA MET E 190 -21.28 -1.95 44.84
C MET E 190 -20.01 -2.20 45.67
N GLU E 191 -20.08 -2.23 47.02
CA GLU E 191 -18.80 -2.40 47.70
C GLU E 191 -18.52 -3.90 47.85
N PRO E 192 -17.26 -4.29 48.14
CA PRO E 192 -16.89 -5.73 48.22
C PRO E 192 -17.52 -6.51 49.38
N ILE F 4 -24.30 -13.96 18.59
CA ILE F 4 -23.18 -14.80 19.00
C ILE F 4 -23.51 -15.93 20.05
N PRO F 5 -24.33 -15.69 21.09
CA PRO F 5 -24.44 -16.70 22.16
C PRO F 5 -25.33 -17.89 21.78
N THR F 6 -25.13 -18.98 22.52
CA THR F 6 -25.80 -20.27 22.32
C THR F 6 -26.83 -20.55 23.42
N VAL F 7 -27.89 -21.27 23.09
CA VAL F 7 -28.93 -21.56 24.09
C VAL F 7 -29.10 -23.06 24.44
N TYR F 18 -28.82 -24.24 19.55
CA TYR F 18 -29.21 -23.07 18.79
C TYR F 18 -28.30 -21.85 19.08
N ASP F 19 -27.99 -21.02 18.07
CA ASP F 19 -27.54 -19.66 18.38
C ASP F 19 -28.77 -18.81 18.76
N ILE F 20 -28.53 -17.61 19.31
CA ILE F 20 -29.65 -16.82 19.83
C ILE F 20 -30.65 -16.50 18.73
N TYR F 21 -30.19 -16.24 17.50
CA TYR F 21 -31.13 -15.89 16.42
C TYR F 21 -31.91 -17.12 15.95
N SER F 22 -31.27 -18.28 15.95
CA SER F 22 -31.97 -19.52 15.62
C SER F 22 -33.05 -19.82 16.66
N ARG F 23 -32.74 -19.54 17.93
CA ARG F 23 -33.75 -19.71 18.97
C ARG F 23 -34.95 -18.78 18.76
N LEU F 24 -34.71 -17.51 18.37
CA LEU F 24 -35.86 -16.63 18.12
C LEU F 24 -36.61 -17.02 16.84
N LEU F 25 -35.91 -17.57 15.84
CA LEU F 25 -36.61 -18.03 14.63
C LEU F 25 -37.60 -19.13 14.95
N LYS F 26 -37.31 -19.96 15.97
CA LYS F 26 -38.28 -20.95 16.44
C LYS F 26 -39.61 -20.30 16.85
N ASP F 27 -39.58 -19.07 17.38
CA ASP F 27 -40.78 -18.30 17.70
C ASP F 27 -41.23 -17.38 16.56
N ARG F 28 -40.78 -17.63 15.32
CA ARG F 28 -41.21 -16.87 14.15
C ARG F 28 -40.76 -15.41 14.20
N ILE F 29 -39.62 -15.16 14.84
CA ILE F 29 -38.99 -13.84 14.89
C ILE F 29 -37.77 -13.86 13.96
N ILE F 30 -37.74 -12.94 13.00
CA ILE F 30 -36.58 -12.72 12.13
C ILE F 30 -35.93 -11.40 12.50
N MET F 31 -34.60 -11.39 12.67
CA MET F 31 -33.85 -10.19 13.06
C MET F 31 -33.11 -9.66 11.83
N LEU F 32 -33.53 -8.50 11.31
CA LEU F 32 -32.81 -7.80 10.25
C LEU F 32 -32.03 -6.69 10.92
N GLY F 33 -30.74 -6.93 11.18
CA GLY F 33 -29.96 -6.00 12.00
C GLY F 33 -28.69 -5.53 11.32
N SER F 34 -28.72 -5.35 10.02
CA SER F 34 -27.51 -4.99 9.28
C SER F 34 -27.89 -4.31 7.98
N GLN F 35 -26.87 -3.98 7.19
CA GLN F 35 -27.06 -3.54 5.84
C GLN F 35 -27.77 -4.60 5.04
N ILE F 36 -28.52 -4.17 4.05
CA ILE F 36 -29.26 -5.10 3.20
C ILE F 36 -28.46 -5.29 1.92
N ASP F 37 -27.80 -6.43 1.80
CA ASP F 37 -27.14 -6.85 0.59
C ASP F 37 -27.73 -8.19 0.15
N ASP F 38 -27.16 -8.76 -0.90
CA ASP F 38 -27.73 -9.98 -1.46
C ASP F 38 -27.69 -11.15 -0.48
N ASN F 39 -26.64 -11.27 0.34
CA ASN F 39 -26.56 -12.39 1.28
C ASN F 39 -27.60 -12.25 2.39
N VAL F 40 -27.75 -11.01 2.91
CA VAL F 40 -28.76 -10.74 3.92
C VAL F 40 -30.16 -11.02 3.37
N ALA F 41 -30.45 -10.59 2.13
CA ALA F 41 -31.75 -10.84 1.55
C ALA F 41 -31.98 -12.33 1.35
N ASN F 42 -30.99 -13.05 0.86
CA ASN F 42 -31.14 -14.49 0.69
CA ASN F 42 -31.16 -14.49 0.69
C ASN F 42 -31.49 -15.17 2.01
N SER F 43 -30.83 -14.76 3.11
CA SER F 43 -31.13 -15.36 4.40
C SER F 43 -32.54 -15.01 4.85
N ILE F 44 -32.92 -13.73 4.75
CA ILE F 44 -34.25 -13.30 5.21
C ILE F 44 -35.33 -13.98 4.38
N VAL F 45 -35.17 -13.99 3.05
CA VAL F 45 -36.14 -14.66 2.19
C VAL F 45 -36.26 -16.12 2.60
N SER F 46 -35.12 -16.78 2.82
CA SER F 46 -35.13 -18.19 3.20
C SER F 46 -35.84 -18.40 4.53
N GLN F 47 -35.64 -17.49 5.48
CA GLN F 47 -36.33 -17.62 6.76
C GLN F 47 -37.83 -17.41 6.60
N LEU F 48 -38.24 -16.47 5.74
CA LEU F 48 -39.66 -16.25 5.49
C LEU F 48 -40.28 -17.48 4.85
N LEU F 49 -39.65 -18.03 3.80
CA LEU F 49 -40.18 -19.23 3.15
C LEU F 49 -40.28 -20.37 4.14
N PHE F 50 -39.25 -20.54 4.99
CA PHE F 50 -39.28 -21.62 5.96
C PHE F 50 -40.39 -21.44 6.99
N LEU F 51 -40.56 -20.22 7.51
CA LEU F 51 -41.61 -19.99 8.50
C LEU F 51 -42.99 -20.26 7.91
N GLN F 52 -43.18 -19.92 6.64
CA GLN F 52 -44.45 -20.17 5.98
C GLN F 52 -44.69 -21.67 5.79
N ALA F 53 -43.65 -22.40 5.40
CA ALA F 53 -43.78 -23.85 5.26
C ALA F 53 -44.09 -24.50 6.59
N GLN F 54 -43.65 -23.90 7.71
CA GLN F 54 -43.90 -24.51 9.01
C GLN F 54 -45.35 -24.29 9.43
N ASP F 55 -45.89 -23.11 9.13
CA ASP F 55 -47.24 -22.72 9.53
C ASP F 55 -47.62 -21.53 8.65
N SER F 56 -48.61 -21.72 7.79
CA SER F 56 -48.97 -20.69 6.84
C SER F 56 -49.94 -19.66 7.41
N GLU F 57 -50.36 -19.79 8.67
CA GLU F 57 -51.31 -18.83 9.22
C GLU F 57 -50.75 -17.96 10.34
N LYS F 58 -49.83 -18.47 11.16
CA LYS F 58 -49.33 -17.68 12.29
C LYS F 58 -48.49 -16.49 11.80
N ASP F 59 -48.63 -15.36 12.47
CA ASP F 59 -47.86 -14.17 12.17
C ASP F 59 -46.35 -14.44 12.25
N ILE F 60 -45.59 -13.67 11.45
CA ILE F 60 -44.14 -13.60 11.53
C ILE F 60 -43.78 -12.22 12.07
N TYR F 61 -42.69 -12.14 12.85
CA TYR F 61 -42.24 -10.85 13.36
C TYR F 61 -40.86 -10.53 12.81
N LEU F 62 -40.77 -9.39 12.10
CA LEU F 62 -39.53 -8.94 11.47
C LEU F 62 -39.07 -7.68 12.19
N TYR F 63 -38.03 -7.81 13.01
CA TYR F 63 -37.40 -6.67 13.64
C TYR F 63 -36.41 -6.03 12.66
N ILE F 64 -36.43 -4.71 12.58
CA ILE F 64 -35.65 -3.98 11.58
C ILE F 64 -34.80 -2.95 12.30
N ASN F 65 -33.48 -3.15 12.27
CA ASN F 65 -32.48 -2.15 12.64
C ASN F 65 -31.46 -2.15 11.50
N SER F 66 -31.62 -1.24 10.54
CA SER F 66 -30.87 -1.32 9.31
C SER F 66 -30.60 0.06 8.71
N PRO F 67 -29.39 0.35 8.27
CA PRO F 67 -29.12 1.61 7.56
C PRO F 67 -29.56 1.58 6.10
N GLY F 68 -30.06 0.46 5.60
CA GLY F 68 -30.48 0.36 4.23
C GLY F 68 -29.63 -0.61 3.43
N GLY F 69 -29.61 -0.40 2.12
CA GLY F 69 -28.75 -1.22 1.27
C GLY F 69 -29.30 -1.29 -0.15
N SER F 70 -29.01 -2.42 -0.79
CA SER F 70 -29.32 -2.62 -2.21
C SER F 70 -30.82 -2.60 -2.45
N VAL F 71 -31.23 -1.90 -3.51
CA VAL F 71 -32.66 -1.82 -3.81
C VAL F 71 -33.19 -3.18 -4.24
N THR F 72 -32.45 -3.89 -5.10
CA THR F 72 -32.95 -5.19 -5.56
C THR F 72 -32.93 -6.21 -4.43
N ALA F 73 -31.90 -6.20 -3.57
CA ALA F 73 -31.94 -7.09 -2.41
C ALA F 73 -33.15 -6.79 -1.53
N GLY F 74 -33.45 -5.51 -1.33
CA GLY F 74 -34.62 -5.14 -0.55
C GLY F 74 -35.91 -5.59 -1.19
N PHE F 75 -35.98 -5.55 -2.53
CA PHE F 75 -37.19 -6.00 -3.20
C PHE F 75 -37.35 -7.52 -3.17
N ALA F 76 -36.24 -8.25 -3.12
CA ALA F 76 -36.36 -9.69 -2.89
C ALA F 76 -37.10 -9.95 -1.58
N ILE F 77 -36.74 -9.22 -0.53
CA ILE F 77 -37.41 -9.34 0.76
C ILE F 77 -38.84 -8.84 0.66
N TYR F 78 -39.02 -7.64 0.07
CA TYR F 78 -40.36 -7.03 -0.02
C TYR F 78 -41.34 -7.95 -0.74
N ASP F 79 -40.96 -8.46 -1.92
CA ASP F 79 -41.90 -9.28 -2.68
C ASP F 79 -42.18 -10.60 -1.97
N THR F 80 -41.19 -11.13 -1.24
CA THR F 80 -41.44 -12.34 -0.47
C THR F 80 -42.44 -12.09 0.65
N ILE F 81 -42.33 -10.95 1.35
CA ILE F 81 -43.32 -10.59 2.37
C ILE F 81 -44.72 -10.57 1.77
N GLN F 82 -44.89 -9.89 0.63
CA GLN F 82 -46.22 -9.80 0.04
C GLN F 82 -46.68 -11.12 -0.57
N HIS F 83 -45.76 -12.03 -0.87
CA HIS F 83 -46.14 -13.29 -1.50
C HIS F 83 -46.71 -14.28 -0.50
N ILE F 84 -46.06 -14.44 0.67
CA ILE F 84 -46.39 -15.51 1.58
C ILE F 84 -47.73 -15.26 2.27
N LYS F 85 -48.38 -16.36 2.69
CA LYS F 85 -49.68 -16.25 3.36
C LYS F 85 -49.60 -15.57 4.72
N PRO F 86 -48.66 -15.90 5.62
CA PRO F 86 -48.66 -15.25 6.94
C PRO F 86 -48.47 -13.74 6.85
N ASP F 87 -49.15 -13.03 7.73
CA ASP F 87 -48.85 -11.64 7.99
C ASP F 87 -47.43 -11.51 8.55
N VAL F 88 -46.72 -10.49 8.10
CA VAL F 88 -45.39 -10.18 8.61
C VAL F 88 -45.50 -8.85 9.33
N GLN F 89 -45.38 -8.88 10.65
CA GLN F 89 -45.28 -7.63 11.41
C GLN F 89 -43.87 -7.08 11.29
N THR F 90 -43.76 -5.76 11.23
CA THR F 90 -42.45 -5.09 11.19
C THR F 90 -42.32 -4.21 12.42
N ILE F 91 -41.18 -4.32 13.10
CA ILE F 91 -40.90 -3.57 14.33
C ILE F 91 -39.56 -2.87 14.14
N CYS F 92 -39.57 -1.55 14.10
CA CYS F 92 -38.35 -0.79 13.97
C CYS F 92 -37.74 -0.55 15.34
N ILE F 93 -36.51 -1.02 15.55
CA ILE F 93 -35.72 -0.66 16.73
C ILE F 93 -34.44 0.02 16.27
N GLY F 94 -34.06 1.10 16.94
CA GLY F 94 -32.83 1.79 16.58
C GLY F 94 -33.00 2.66 15.35
N MET F 95 -32.85 2.09 14.15
CA MET F 95 -32.92 2.87 12.90
C MET F 95 -33.48 2.02 11.76
N ALA F 96 -34.44 2.56 11.01
CA ALA F 96 -34.81 2.02 9.69
C ALA F 96 -34.60 3.15 8.69
N ALA F 97 -33.55 3.05 7.90
CA ALA F 97 -33.16 4.09 6.96
C ALA F 97 -33.21 3.55 5.55
N SER F 98 -33.64 4.38 4.60
CA SER F 98 -33.51 4.06 3.17
C SER F 98 -34.28 2.77 2.94
N MET F 99 -33.68 1.73 2.37
CA MET F 99 -34.42 0.50 2.11
C MET F 99 -34.90 -0.14 3.41
N GLY F 100 -34.26 0.18 4.53
CA GLY F 100 -34.78 -0.30 5.80
C GLY F 100 -36.13 0.30 6.13
N SER F 101 -36.32 1.61 5.85
CA SER F 101 -37.63 2.20 6.11
C SER F 101 -38.65 1.74 5.07
N PHE F 102 -38.19 1.43 3.86
CA PHE F 102 -39.09 0.86 2.86
C PHE F 102 -39.65 -0.48 3.32
N LEU F 103 -38.80 -1.35 3.88
CA LEU F 103 -39.27 -2.65 4.36
C LEU F 103 -40.14 -2.52 5.61
N LEU F 104 -39.82 -1.56 6.48
CA LEU F 104 -40.69 -1.28 7.63
C LEU F 104 -42.11 -0.95 7.18
N ALA F 105 -42.24 -0.09 6.16
CA ALA F 105 -43.54 0.27 5.60
C ALA F 105 -44.23 -0.90 4.92
N ALA F 106 -43.49 -1.99 4.65
CA ALA F 106 -44.01 -3.12 3.90
C ALA F 106 -44.70 -4.17 4.79
N GLY F 107 -44.65 -4.02 6.11
CA GLY F 107 -45.31 -4.99 6.99
C GLY F 107 -46.82 -4.99 6.78
N ALA F 108 -47.45 -6.06 7.28
CA ALA F 108 -48.91 -6.16 7.25
C ALA F 108 -49.57 -4.90 7.80
N LYS F 109 -50.50 -4.33 7.03
CA LYS F 109 -51.12 -3.07 7.45
C LYS F 109 -51.82 -3.26 8.80
N GLY F 110 -51.59 -2.30 9.70
CA GLY F 110 -51.99 -2.45 11.08
C GLY F 110 -50.96 -3.11 11.99
N LYS F 111 -49.93 -3.75 11.43
CA LYS F 111 -48.94 -4.44 12.24
C LYS F 111 -47.52 -3.92 11.97
N ARG F 112 -47.39 -2.61 11.73
CA ARG F 112 -46.10 -1.96 11.50
C ARG F 112 -45.83 -1.03 12.67
N PHE F 113 -44.72 -1.25 13.36
CA PHE F 113 -44.42 -0.61 14.64
C PHE F 113 -43.02 0.00 14.65
N ALA F 114 -42.83 0.97 15.54
CA ALA F 114 -41.52 1.44 15.91
C ALA F 114 -41.51 1.67 17.42
N LEU F 115 -40.37 1.38 18.04
CA LEU F 115 -40.20 1.71 19.45
C LEU F 115 -40.03 3.23 19.59
N PRO F 116 -40.28 3.80 20.77
CA PRO F 116 -40.47 5.27 20.84
C PRO F 116 -39.26 6.09 20.39
N ASN F 117 -38.03 5.62 20.62
CA ASN F 117 -36.85 6.39 20.25
C ASN F 117 -36.19 5.91 18.97
N ALA F 118 -36.82 4.97 18.28
CA ALA F 118 -36.33 4.51 16.98
C ALA F 118 -36.42 5.66 15.97
N GLU F 119 -35.52 5.64 14.99
CA GLU F 119 -35.42 6.68 13.98
C GLU F 119 -35.76 6.07 12.63
N VAL F 120 -36.47 6.84 11.81
CA VAL F 120 -36.78 6.43 10.45
C VAL F 120 -36.22 7.47 9.51
N MET F 121 -35.59 7.04 8.43
CA MET F 121 -35.09 7.99 7.43
C MET F 121 -35.47 7.53 6.03
N ILE F 122 -35.97 8.47 5.23
CA ILE F 122 -36.34 8.19 3.85
C ILE F 122 -35.56 9.13 2.95
N HIS F 123 -35.20 8.65 1.77
CA HIS F 123 -34.49 9.46 0.77
C HIS F 123 -34.57 8.73 -0.58
N GLN F 124 -33.98 9.33 -1.59
CA GLN F 124 -34.05 8.78 -2.93
C GLN F 124 -32.91 7.80 -3.15
N PRO F 125 -32.99 6.94 -4.18
CA PRO F 125 -31.90 5.99 -4.45
C PRO F 125 -30.59 6.69 -4.80
N LEU F 126 -29.49 5.96 -4.58
CA LEU F 126 -28.15 6.40 -4.88
C LEU F 126 -27.47 5.37 -5.77
N GLY F 127 -26.60 5.84 -6.65
CA GLY F 127 -25.91 4.92 -7.51
C GLY F 127 -24.71 5.56 -8.16
N GLY F 128 -24.24 4.91 -9.19
CA GLY F 128 -23.09 5.40 -9.94
C GLY F 128 -23.18 4.85 -11.35
N ALA F 129 -22.49 5.54 -12.24
CA ALA F 129 -22.50 5.20 -13.65
C ALA F 129 -21.16 5.65 -14.24
N GLN F 130 -20.51 4.82 -15.05
CA GLN F 130 -19.24 5.22 -15.66
C GLN F 130 -19.05 4.55 -17.02
N GLY F 131 -18.78 5.35 -18.04
CA GLY F 131 -18.60 4.85 -19.39
C GLY F 131 -19.03 5.86 -20.43
N GLN F 132 -19.46 5.34 -21.57
CA GLN F 132 -19.93 6.20 -22.66
C GLN F 132 -21.20 6.93 -22.28
N ALA F 133 -21.41 8.10 -22.93
CA ALA F 133 -22.65 8.86 -22.77
C ALA F 133 -23.88 7.94 -22.84
N THR F 134 -23.90 7.06 -23.84
CA THR F 134 -25.01 6.12 -24.01
C THR F 134 -25.21 5.25 -22.77
N GLU F 135 -24.11 4.77 -22.16
CA GLU F 135 -24.23 3.91 -20.99
C GLU F 135 -24.67 4.72 -19.77
N ILE F 136 -24.17 5.95 -19.64
CA ILE F 136 -24.61 6.80 -18.53
C ILE F 136 -26.10 7.10 -18.67
N GLU F 137 -26.56 7.31 -19.89
CA GLU F 137 -28.00 7.48 -20.13
C GLU F 137 -28.78 6.24 -19.69
N ILE F 138 -28.33 5.04 -20.08
CA ILE F 138 -29.02 3.82 -19.68
C ILE F 138 -29.09 3.71 -18.16
N ALA F 139 -27.97 4.00 -17.48
CA ALA F 139 -27.95 3.89 -16.02
C ALA F 139 -28.86 4.95 -15.39
N ALA F 140 -28.86 6.17 -15.93
CA ALA F 140 -29.73 7.21 -15.40
C ALA F 140 -31.21 6.81 -15.54
N ASN F 141 -31.61 6.35 -16.73
CA ASN F 141 -33.00 5.94 -16.91
C ASN F 141 -33.37 4.82 -15.96
N HIS F 142 -32.46 3.86 -15.79
CA HIS F 142 -32.72 2.78 -14.85
C HIS F 142 -32.97 3.29 -13.43
N ILE F 143 -32.08 4.13 -12.90
CA ILE F 143 -32.23 4.50 -11.50
C ILE F 143 -33.44 5.43 -11.33
N LEU F 144 -33.76 6.24 -12.33
CA LEU F 144 -34.96 7.07 -12.26
C LEU F 144 -36.22 6.21 -12.30
N LYS F 145 -36.25 5.19 -13.16
CA LYS F 145 -37.41 4.29 -13.17
C LYS F 145 -37.50 3.52 -11.85
N THR F 146 -36.36 3.19 -11.25
CA THR F 146 -36.39 2.51 -9.96
C THR F 146 -36.95 3.42 -8.89
N ARG F 147 -36.63 4.72 -8.96
CA ARG F 147 -37.17 5.66 -7.98
C ARG F 147 -38.68 5.79 -8.12
N GLU F 148 -39.19 5.81 -9.36
CA GLU F 148 -40.63 5.86 -9.57
C GLU F 148 -41.31 4.62 -9.01
N LYS F 149 -40.73 3.44 -9.26
CA LYS F 149 -41.27 2.21 -8.69
C LYS F 149 -41.34 2.28 -7.16
N LEU F 150 -40.26 2.75 -6.52
CA LEU F 150 -40.23 2.86 -5.07
C LEU F 150 -41.27 3.86 -4.57
N ASN F 151 -41.41 5.00 -5.26
CA ASN F 151 -42.36 6.03 -4.83
C ASN F 151 -43.79 5.56 -4.96
N ARG F 152 -44.11 4.87 -6.07
CA ARG F 152 -45.46 4.35 -6.25
C ARG F 152 -45.82 3.40 -5.13
N ILE F 153 -44.93 2.44 -4.82
CA ILE F 153 -45.19 1.50 -3.73
C ILE F 153 -45.30 2.23 -2.39
N LEU F 154 -44.37 3.13 -2.11
CA LEU F 154 -44.41 3.84 -0.84
C LEU F 154 -45.69 4.68 -0.71
N SER F 155 -46.14 5.26 -1.84
CA SER F 155 -47.40 5.98 -1.86
C SER F 155 -48.56 5.07 -1.44
N GLU F 156 -48.66 3.89 -2.04
CA GLU F 156 -49.70 2.95 -1.63
C GLU F 156 -49.57 2.58 -0.14
N ARG F 157 -48.35 2.28 0.33
CA ARG F 157 -48.22 1.78 1.70
C ARG F 157 -48.48 2.87 2.75
N THR F 158 -48.28 4.14 2.40
CA THR F 158 -48.40 5.20 3.39
C THR F 158 -49.67 6.02 3.22
N GLY F 159 -50.29 6.00 2.05
CA GLY F 159 -51.37 6.92 1.77
C GLY F 159 -50.95 8.30 1.32
N GLN F 160 -49.65 8.61 1.28
CA GLN F 160 -49.22 9.90 0.74
C GLN F 160 -49.23 9.86 -0.78
N SER F 161 -49.39 11.04 -1.37
CA SER F 161 -49.32 11.12 -2.83
C SER F 161 -47.89 10.88 -3.31
N ILE F 162 -47.78 10.43 -4.56
CA ILE F 162 -46.47 10.24 -5.17
C ILE F 162 -45.69 11.56 -5.20
N GLU F 163 -46.39 12.68 -5.41
CA GLU F 163 -45.69 13.95 -5.49
C GLU F 163 -45.15 14.36 -4.13
N LYS F 164 -45.87 14.06 -3.05
CA LYS F 164 -45.34 14.32 -1.71
C LYS F 164 -44.17 13.41 -1.40
N ILE F 165 -44.29 12.10 -1.73
CA ILE F 165 -43.16 11.19 -1.51
C ILE F 165 -41.92 11.71 -2.24
N GLN F 166 -42.09 12.16 -3.48
CA GLN F 166 -40.97 12.63 -4.27
C GLN F 166 -40.31 13.84 -3.60
N GLN F 167 -41.13 14.80 -3.14
CA GLN F 167 -40.59 15.99 -2.47
C GLN F 167 -39.87 15.61 -1.19
N ASP F 168 -40.48 14.71 -0.40
CA ASP F 168 -39.94 14.37 0.91
C ASP F 168 -38.73 13.46 0.86
N THR F 169 -38.35 12.96 -0.31
CA THR F 169 -37.18 12.10 -0.40
C THR F 169 -36.07 12.73 -1.22
N ASP F 170 -36.25 13.97 -1.66
CA ASP F 170 -35.22 14.62 -2.47
C ASP F 170 -33.88 14.66 -1.73
N ARG F 171 -33.92 14.93 -0.42
CA ARG F 171 -32.77 14.86 0.47
C ARG F 171 -33.08 13.92 1.62
N ASP F 172 -32.04 13.55 2.38
CA ASP F 172 -32.23 12.77 3.60
C ASP F 172 -33.28 13.42 4.49
N ASN F 173 -34.30 12.65 4.84
CA ASN F 173 -35.42 13.12 5.63
C ASN F 173 -35.54 12.23 6.86
N PHE F 174 -35.12 12.72 8.03
CA PHE F 174 -35.22 11.99 9.28
C PHE F 174 -36.56 12.22 9.96
N LEU F 175 -37.17 11.13 10.45
CA LEU F 175 -38.44 11.14 11.15
C LEU F 175 -38.30 10.44 12.50
N THR F 176 -38.87 11.04 13.55
CA THR F 176 -39.10 10.33 14.80
C THR F 176 -40.14 9.23 14.59
N ALA F 177 -40.22 8.32 15.56
CA ALA F 177 -41.26 7.30 15.51
C ALA F 177 -42.65 7.92 15.38
N ALA F 178 -42.94 8.96 16.17
CA ALA F 178 -44.26 9.60 16.10
C ALA F 178 -44.49 10.21 14.72
N GLU F 179 -43.47 10.85 14.16
CA GLU F 179 -43.58 11.40 12.81
C GLU F 179 -43.77 10.30 11.77
N ALA F 180 -43.11 9.16 11.97
CA ALA F 180 -43.26 8.04 11.05
C ALA F 180 -44.71 7.52 11.08
N LYS F 181 -45.34 7.49 12.26
CA LYS F 181 -46.74 7.08 12.34
C LYS F 181 -47.64 8.08 11.64
N GLU F 182 -47.48 9.38 11.93
CA GLU F 182 -48.26 10.41 11.23
C GLU F 182 -48.02 10.38 9.71
N TYR F 183 -46.84 9.94 9.26
CA TYR F 183 -46.57 9.85 7.83
C TYR F 183 -47.27 8.67 7.17
N GLY F 184 -47.60 7.64 7.93
CA GLY F 184 -48.10 6.39 7.35
C GLY F 184 -47.06 5.31 7.15
N LEU F 185 -45.81 5.53 7.60
CA LEU F 185 -44.80 4.49 7.45
C LEU F 185 -44.99 3.34 8.43
N ILE F 186 -45.54 3.64 9.61
CA ILE F 186 -45.92 2.64 10.60
C ILE F 186 -47.34 2.94 11.05
N ASP F 187 -47.91 2.00 11.80
CA ASP F 187 -49.26 2.16 12.34
C ASP F 187 -49.30 2.59 13.79
N GLU F 188 -48.32 2.17 14.60
CA GLU F 188 -48.31 2.43 16.04
C GLU F 188 -46.88 2.58 16.54
N VAL F 189 -46.71 3.48 17.50
CA VAL F 189 -45.51 3.54 18.34
C VAL F 189 -45.77 2.67 19.56
N MET F 190 -44.87 1.75 19.79
CA MET F 190 -45.11 0.71 20.77
C MET F 190 -44.72 1.30 22.12
N GLU F 191 -45.69 1.62 23.01
CA GLU F 191 -45.22 2.25 24.25
C GLU F 191 -44.85 1.18 25.27
N PRO F 192 -44.07 1.52 26.32
CA PRO F 192 -43.62 0.50 27.29
C PRO F 192 -44.72 -0.14 28.16
N ILE G 4 -27.32 -18.10 7.23
CA ILE G 4 -26.65 -18.18 8.52
C ILE G 4 -27.39 -19.00 9.64
N PRO G 5 -28.72 -18.88 9.82
CA PRO G 5 -29.35 -19.48 11.00
C PRO G 5 -29.53 -21.00 10.88
N THR G 6 -29.70 -21.63 12.06
CA THR G 6 -29.82 -23.08 12.22
C THR G 6 -31.25 -23.49 12.59
N VAL G 7 -31.74 -24.59 12.10
CA VAL G 7 -33.11 -24.94 12.42
C VAL G 7 -33.17 -26.22 13.27
N TYR G 18 -29.46 -28.58 10.75
CA TYR G 18 -29.44 -27.97 9.43
C TYR G 18 -29.18 -26.46 9.50
N ASP G 19 -28.43 -25.90 8.54
CA ASP G 19 -28.54 -24.46 8.29
C ASP G 19 -29.83 -24.19 7.49
N ILE G 20 -30.23 -22.92 7.39
CA ILE G 20 -31.52 -22.62 6.77
C ILE G 20 -31.57 -23.11 5.32
N TYR G 21 -30.45 -23.02 4.58
CA TYR G 21 -30.47 -23.45 3.17
C TYR G 21 -30.51 -24.97 3.06
N SER G 22 -29.85 -25.67 3.99
CA SER G 22 -29.92 -27.13 4.02
C SER G 22 -31.34 -27.58 4.32
N ARG G 23 -32.02 -26.86 5.22
CA ARG G 23 -33.42 -27.18 5.51
C ARG G 23 -34.30 -27.00 4.26
N LEU G 24 -34.08 -25.93 3.48
CA LEU G 24 -34.90 -25.77 2.27
C LEU G 24 -34.51 -26.80 1.20
N LEU G 25 -33.24 -27.22 1.15
CA LEU G 25 -32.86 -28.26 0.19
C LEU G 25 -33.61 -29.56 0.44
N LYS G 26 -33.93 -29.84 1.71
CA LYS G 26 -34.78 -31.00 2.05
C LYS G 26 -36.12 -30.94 1.30
N ASP G 27 -36.66 -29.74 1.06
CA ASP G 27 -37.89 -29.56 0.27
C ASP G 27 -37.60 -29.30 -1.21
N ARG G 28 -36.40 -29.64 -1.71
CA ARG G 28 -36.07 -29.52 -3.13
C ARG G 28 -36.01 -28.06 -3.60
N ILE G 29 -35.67 -27.15 -2.68
CA ILE G 29 -35.47 -25.74 -3.00
C ILE G 29 -33.97 -25.46 -3.00
N ILE G 30 -33.46 -24.93 -4.11
CA ILE G 30 -32.07 -24.45 -4.21
C ILE G 30 -32.10 -22.94 -4.29
N MET G 31 -31.25 -22.27 -3.49
CA MET G 31 -31.17 -20.81 -3.44
C MET G 31 -29.90 -20.36 -4.17
N LEU G 32 -30.06 -19.73 -5.33
CA LEU G 32 -28.94 -19.09 -6.04
C LEU G 32 -29.02 -17.60 -5.75
N GLY G 33 -28.23 -17.15 -4.78
CA GLY G 33 -28.37 -15.79 -4.27
C GLY G 33 -27.09 -14.98 -4.31
N SER G 34 -26.25 -15.21 -5.33
CA SER G 34 -24.97 -14.55 -5.38
C SER G 34 -24.48 -14.51 -6.83
N GLN G 35 -23.29 -13.92 -7.03
CA GLN G 35 -22.58 -13.99 -8.31
C GLN G 35 -22.27 -15.44 -8.64
N ILE G 36 -22.32 -15.77 -9.93
CA ILE G 36 -22.13 -17.13 -10.43
C ILE G 36 -20.66 -17.27 -10.81
N ASP G 37 -19.91 -17.97 -9.97
CA ASP G 37 -18.53 -18.35 -10.24
C ASP G 37 -18.45 -19.88 -10.18
N ASP G 38 -17.23 -20.40 -10.32
CA ASP G 38 -17.06 -21.85 -10.38
C ASP G 38 -17.49 -22.55 -9.09
N ASN G 39 -17.25 -21.94 -7.92
CA ASN G 39 -17.63 -22.58 -6.66
C ASN G 39 -19.16 -22.63 -6.52
N VAL G 40 -19.83 -21.52 -6.85
CA VAL G 40 -21.27 -21.46 -6.84
C VAL G 40 -21.87 -22.50 -7.78
N ALA G 41 -21.33 -22.61 -8.99
CA ALA G 41 -21.82 -23.58 -9.95
C ALA G 41 -21.61 -25.00 -9.45
N ASN G 42 -20.42 -25.31 -8.90
CA ASN G 42 -20.21 -26.66 -8.41
CA ASN G 42 -20.17 -26.65 -8.38
C ASN G 42 -21.21 -27.00 -7.30
N SER G 43 -21.53 -26.04 -6.42
CA SER G 43 -22.51 -26.32 -5.38
C SER G 43 -23.90 -26.55 -5.98
N ILE G 44 -24.32 -25.67 -6.90
CA ILE G 44 -25.65 -25.78 -7.48
C ILE G 44 -25.77 -27.09 -8.27
N VAL G 45 -24.77 -27.39 -9.10
CA VAL G 45 -24.77 -28.64 -9.86
C VAL G 45 -24.88 -29.82 -8.89
N SER G 46 -24.09 -29.79 -7.82
CA SER G 46 -24.11 -30.87 -6.85
C SER G 46 -25.47 -31.01 -6.19
N GLN G 47 -26.12 -29.89 -5.90
CA GLN G 47 -27.46 -29.96 -5.31
C GLN G 47 -28.47 -30.53 -6.30
N LEU G 48 -28.36 -30.15 -7.58
CA LEU G 48 -29.24 -30.69 -8.60
C LEU G 48 -29.05 -32.19 -8.74
N LEU G 49 -27.81 -32.65 -8.86
CA LEU G 49 -27.54 -34.08 -8.97
C LEU G 49 -28.09 -34.83 -7.76
N PHE G 50 -27.88 -34.26 -6.56
CA PHE G 50 -28.36 -34.92 -5.35
C PHE G 50 -29.88 -34.99 -5.32
N LEU G 51 -30.57 -33.89 -5.66
CA LEU G 51 -32.03 -33.90 -5.64
C LEU G 51 -32.58 -34.93 -6.62
N GLN G 52 -31.93 -35.08 -7.77
CA GLN G 52 -32.36 -36.06 -8.75
C GLN G 52 -32.15 -37.47 -8.26
N ALA G 53 -31.00 -37.74 -7.62
CA ALA G 53 -30.76 -39.06 -7.05
C ALA G 53 -31.76 -39.38 -5.96
N GLN G 54 -32.29 -38.36 -5.27
CA GLN G 54 -33.25 -38.63 -4.18
C GLN G 54 -34.61 -39.00 -4.77
N ASP G 55 -35.00 -38.32 -5.85
CA ASP G 55 -36.32 -38.50 -6.47
C ASP G 55 -36.21 -37.91 -7.87
N SER G 56 -36.31 -38.76 -8.88
CA SER G 56 -36.11 -38.32 -10.24
C SER G 56 -37.38 -37.74 -10.88
N GLU G 57 -38.52 -37.75 -10.18
CA GLU G 57 -39.80 -37.27 -10.70
C GLU G 57 -40.32 -35.97 -10.09
N LYS G 58 -40.00 -35.65 -8.84
CA LYS G 58 -40.53 -34.43 -8.21
C LYS G 58 -39.80 -33.19 -8.71
N ASP G 59 -40.56 -32.10 -8.89
CA ASP G 59 -40.00 -30.83 -9.30
C ASP G 59 -38.92 -30.34 -8.33
N ILE G 60 -37.97 -29.57 -8.87
CA ILE G 60 -36.98 -28.83 -8.10
C ILE G 60 -37.32 -27.35 -8.23
N TYR G 61 -37.07 -26.58 -7.18
CA TYR G 61 -37.32 -25.13 -7.24
C TYR G 61 -36.02 -24.37 -7.07
N LEU G 62 -35.67 -23.57 -8.10
CA LEU G 62 -34.42 -22.79 -8.11
C LEU G 62 -34.78 -21.32 -8.02
N TYR G 63 -34.57 -20.73 -6.84
CA TYR G 63 -34.72 -19.30 -6.66
C TYR G 63 -33.47 -18.58 -7.16
N ILE G 64 -33.66 -17.49 -7.89
CA ILE G 64 -32.55 -16.80 -8.53
C ILE G 64 -32.60 -15.33 -8.11
N ASN G 65 -31.59 -14.91 -7.35
CA ASN G 65 -31.28 -13.50 -7.08
C ASN G 65 -29.79 -13.35 -7.34
N SER G 66 -29.41 -12.91 -8.54
CA SER G 66 -28.03 -12.98 -8.96
C SER G 66 -27.68 -11.87 -9.94
N PRO G 67 -26.56 -11.18 -9.76
CA PRO G 67 -26.10 -10.19 -10.75
C PRO G 67 -25.45 -10.82 -11.98
N GLY G 68 -25.27 -12.14 -12.01
CA GLY G 68 -24.64 -12.79 -13.13
C GLY G 68 -23.33 -13.43 -12.73
N GLY G 69 -22.48 -13.62 -13.73
CA GLY G 69 -21.14 -14.15 -13.46
C GLY G 69 -20.57 -14.84 -14.69
N SER G 70 -19.74 -15.85 -14.41
CA SER G 70 -18.97 -16.56 -15.44
C SER G 70 -19.91 -17.30 -16.41
N VAL G 71 -19.62 -17.19 -17.70
CA VAL G 71 -20.45 -17.86 -18.69
C VAL G 71 -20.31 -19.36 -18.56
N THR G 72 -19.08 -19.86 -18.42
CA THR G 72 -18.90 -21.31 -18.33
C THR G 72 -19.47 -21.86 -17.03
N ALA G 73 -19.32 -21.14 -15.91
CA ALA G 73 -19.96 -21.58 -14.68
C ALA G 73 -21.48 -21.64 -14.86
N GLY G 74 -22.05 -20.64 -15.52
CA GLY G 74 -23.48 -20.65 -15.77
C GLY G 74 -23.91 -21.80 -16.66
N PHE G 75 -23.07 -22.17 -17.63
CA PHE G 75 -23.42 -23.28 -18.51
C PHE G 75 -23.29 -24.62 -17.79
N ALA G 76 -22.39 -24.73 -16.81
CA ALA G 76 -22.39 -25.94 -16.00
C ALA G 76 -23.74 -26.13 -15.33
N ILE G 77 -24.32 -25.05 -14.79
CA ILE G 77 -25.65 -25.12 -14.19
C ILE G 77 -26.71 -25.37 -15.26
N TYR G 78 -26.65 -24.62 -16.36
CA TYR G 78 -27.65 -24.73 -17.42
C TYR G 78 -27.72 -26.16 -17.97
N ASP G 79 -26.56 -26.74 -18.32
CA ASP G 79 -26.60 -28.08 -18.92
C ASP G 79 -27.04 -29.12 -17.91
N THR G 80 -26.73 -28.92 -16.62
CA THR G 80 -27.21 -29.84 -15.61
C THR G 80 -28.74 -29.77 -15.49
N ILE G 81 -29.31 -28.56 -15.53
CA ILE G 81 -30.77 -28.43 -15.52
C ILE G 81 -31.38 -29.23 -16.66
N GLN G 82 -30.86 -29.04 -17.88
CA GLN G 82 -31.44 -29.75 -19.02
C GLN G 82 -31.15 -31.23 -19.01
N HIS G 83 -30.11 -31.67 -18.29
CA HIS G 83 -29.76 -33.08 -18.28
C HIS G 83 -30.68 -33.90 -17.38
N ILE G 84 -30.95 -33.40 -16.16
CA ILE G 84 -31.62 -34.22 -15.15
C ILE G 84 -33.09 -34.43 -15.50
N LYS G 85 -33.65 -35.54 -14.98
CA LYS G 85 -35.06 -35.86 -15.27
C LYS G 85 -36.03 -34.87 -14.63
N PRO G 86 -35.90 -34.47 -13.35
CA PRO G 86 -36.89 -33.55 -12.76
C PRO G 86 -36.95 -32.22 -13.51
N ASP G 87 -38.16 -31.69 -13.61
CA ASP G 87 -38.35 -30.30 -13.97
C ASP G 87 -37.73 -29.40 -12.92
N VAL G 88 -37.09 -28.33 -13.37
CA VAL G 88 -36.52 -27.32 -12.50
C VAL G 88 -37.31 -26.04 -12.72
N GLN G 89 -38.11 -25.65 -11.74
CA GLN G 89 -38.76 -24.34 -11.80
C GLN G 89 -37.77 -23.26 -11.41
N THR G 90 -37.86 -22.10 -12.08
CA THR G 90 -37.01 -20.96 -11.77
C THR G 90 -37.89 -19.82 -11.29
N ILE G 91 -37.50 -19.19 -10.18
CA ILE G 91 -38.25 -18.10 -9.58
C ILE G 91 -37.28 -16.94 -9.36
N CYS G 92 -37.49 -15.84 -10.07
CA CYS G 92 -36.64 -14.68 -9.91
C CYS G 92 -37.17 -13.82 -8.77
N ILE G 93 -36.34 -13.59 -7.75
CA ILE G 93 -36.62 -12.60 -6.70
C ILE G 93 -35.50 -11.57 -6.70
N GLY G 94 -35.87 -10.30 -6.59
CA GLY G 94 -34.85 -9.26 -6.55
C GLY G 94 -34.31 -8.93 -7.92
N MET G 95 -33.28 -9.66 -8.39
CA MET G 95 -32.62 -9.36 -9.66
C MET G 95 -32.11 -10.66 -10.31
N ALA G 96 -32.43 -10.87 -11.61
CA ALA G 96 -31.71 -11.86 -12.44
C ALA G 96 -31.09 -11.09 -13.60
N ALA G 97 -29.77 -10.91 -13.54
CA ALA G 97 -29.05 -10.11 -14.52
C ALA G 97 -28.04 -10.98 -15.24
N SER G 98 -27.87 -10.74 -16.54
CA SER G 98 -26.76 -11.34 -17.30
C SER G 98 -26.94 -12.86 -17.19
N MET G 99 -25.93 -13.62 -16.76
CA MET G 99 -26.09 -15.06 -16.69
C MET G 99 -27.20 -15.47 -15.72
N GLY G 100 -27.54 -14.59 -14.77
CA GLY G 100 -28.69 -14.88 -13.93
C GLY G 100 -29.98 -14.90 -14.71
N SER G 101 -30.16 -13.95 -15.65
CA SER G 101 -31.38 -13.99 -16.46
C SER G 101 -31.34 -15.13 -17.47
N PHE G 102 -30.14 -15.52 -17.92
CA PHE G 102 -30.03 -16.68 -18.79
C PHE G 102 -30.51 -17.96 -18.07
N LEU G 103 -30.12 -18.15 -16.81
CA LEU G 103 -30.55 -19.33 -16.07
C LEU G 103 -32.04 -19.27 -15.72
N LEU G 104 -32.58 -18.07 -15.44
CA LEU G 104 -34.01 -17.91 -15.23
C LEU G 104 -34.80 -18.41 -16.45
N ALA G 105 -34.35 -18.03 -17.66
CA ALA G 105 -34.97 -18.47 -18.90
C ALA G 105 -34.81 -19.96 -19.12
N ALA G 106 -33.91 -20.61 -18.38
CA ALA G 106 -33.60 -22.02 -18.60
C ALA G 106 -34.50 -22.97 -17.81
N GLY G 107 -35.37 -22.46 -16.94
CA GLY G 107 -36.27 -23.34 -16.20
C GLY G 107 -37.23 -24.10 -17.12
N ALA G 108 -37.83 -25.14 -16.56
CA ALA G 108 -38.85 -25.92 -17.29
C ALA G 108 -39.91 -24.98 -17.89
N LYS G 109 -40.17 -25.14 -19.19
CA LYS G 109 -41.11 -24.25 -19.86
C LYS G 109 -42.48 -24.35 -19.20
N GLY G 110 -43.10 -23.20 -18.95
CA GLY G 110 -44.28 -23.11 -18.12
C GLY G 110 -44.03 -22.96 -16.63
N LYS G 111 -42.80 -23.17 -16.15
CA LYS G 111 -42.51 -23.09 -14.73
C LYS G 111 -41.39 -22.07 -14.45
N ARG G 112 -41.36 -20.97 -15.20
CA ARG G 112 -40.39 -19.90 -15.03
C ARG G 112 -41.14 -18.65 -14.56
N PHE G 113 -40.76 -18.15 -13.38
CA PHE G 113 -41.51 -17.12 -12.68
C PHE G 113 -40.62 -15.96 -12.25
N ALA G 114 -41.25 -14.81 -12.04
CA ALA G 114 -40.62 -13.70 -11.33
C ALA G 114 -41.66 -13.09 -10.41
N LEU G 115 -41.20 -12.64 -9.24
CA LEU G 115 -42.08 -11.89 -8.35
C LEU G 115 -42.31 -10.49 -8.94
N PRO G 116 -43.39 -9.80 -8.54
CA PRO G 116 -43.83 -8.63 -9.33
C PRO G 116 -42.80 -7.51 -9.43
N ASN G 117 -41.98 -7.28 -8.40
CA ASN G 117 -41.01 -6.18 -8.43
C ASN G 117 -39.59 -6.64 -8.73
N ALA G 118 -39.43 -7.92 -9.06
CA ALA G 118 -38.13 -8.44 -9.47
C ALA G 118 -37.71 -7.79 -10.79
N GLU G 119 -36.40 -7.67 -10.98
CA GLU G 119 -35.83 -7.02 -12.15
C GLU G 119 -35.05 -8.05 -12.96
N VAL G 120 -35.17 -7.97 -14.27
CA VAL G 120 -34.41 -8.84 -15.16
C VAL G 120 -33.55 -7.95 -16.05
N MET G 121 -32.29 -8.33 -16.25
CA MET G 121 -31.44 -7.57 -17.16
C MET G 121 -30.69 -8.52 -18.09
N ILE G 122 -30.68 -8.18 -19.38
CA ILE G 122 -29.97 -8.96 -20.38
C ILE G 122 -28.96 -8.06 -21.07
N HIS G 123 -27.82 -8.63 -21.46
CA HIS G 123 -26.79 -7.90 -22.18
C HIS G 123 -25.81 -8.91 -22.78
N GLN G 124 -24.82 -8.42 -23.47
CA GLN G 124 -23.87 -9.29 -24.16
C GLN G 124 -22.73 -9.65 -23.23
N PRO G 125 -21.95 -10.70 -23.55
CA PRO G 125 -20.82 -11.09 -22.69
C PRO G 125 -19.76 -9.99 -22.60
N LEU G 126 -19.00 -10.04 -21.51
CA LEU G 126 -17.89 -9.13 -21.25
C LEU G 126 -16.64 -9.94 -20.98
N GLY G 127 -15.50 -9.38 -21.37
CA GLY G 127 -14.27 -10.09 -21.15
C GLY G 127 -13.07 -9.17 -21.31
N GLY G 128 -11.92 -9.79 -21.44
CA GLY G 128 -10.69 -9.07 -21.60
C GLY G 128 -9.71 -9.95 -22.35
N ALA G 129 -8.72 -9.31 -22.95
CA ALA G 129 -7.73 -9.98 -23.75
C ALA G 129 -6.46 -9.16 -23.69
N GLN G 130 -5.34 -9.85 -23.65
CA GLN G 130 -4.07 -9.21 -23.49
C GLN G 130 -3.05 -10.05 -24.23
N GLY G 131 -2.13 -9.37 -24.92
CA GLY G 131 -1.02 -10.08 -25.51
C GLY G 131 -0.79 -9.71 -26.97
N GLN G 132 -0.26 -10.66 -27.71
CA GLN G 132 -0.02 -10.46 -29.13
C GLN G 132 -1.32 -10.31 -29.91
N ALA G 133 -1.24 -9.60 -31.05
CA ALA G 133 -2.37 -9.49 -31.96
C ALA G 133 -3.04 -10.83 -32.19
N THR G 134 -2.24 -11.87 -32.44
CA THR G 134 -2.76 -13.21 -32.65
C THR G 134 -3.59 -13.69 -31.46
N GLU G 135 -3.12 -13.43 -30.24
CA GLU G 135 -3.85 -13.90 -29.06
C GLU G 135 -5.11 -13.08 -28.85
N ILE G 136 -5.06 -11.77 -29.12
CA ILE G 136 -6.26 -10.95 -29.02
C ILE G 136 -7.30 -11.42 -30.03
N GLU G 137 -6.85 -11.79 -31.23
CA GLU G 137 -7.75 -12.37 -32.22
C GLU G 137 -8.41 -13.65 -31.70
N ILE G 138 -7.60 -14.56 -31.13
CA ILE G 138 -8.17 -15.80 -30.59
C ILE G 138 -9.22 -15.50 -29.53
N ALA G 139 -8.91 -14.56 -28.62
CA ALA G 139 -9.86 -14.23 -27.55
C ALA G 139 -11.11 -13.59 -28.12
N ALA G 140 -10.96 -12.70 -29.11
CA ALA G 140 -12.14 -12.09 -29.73
C ALA G 140 -13.03 -13.13 -30.39
N ASN G 141 -12.45 -14.04 -31.18
CA ASN G 141 -13.27 -15.07 -31.82
C ASN G 141 -13.98 -15.92 -30.79
N HIS G 142 -13.27 -16.27 -29.72
CA HIS G 142 -13.89 -17.04 -28.66
C HIS G 142 -15.12 -16.34 -28.07
N ILE G 143 -14.97 -15.07 -27.67
CA ILE G 143 -16.09 -14.44 -26.96
C ILE G 143 -17.23 -14.16 -27.94
N LEU G 144 -16.93 -13.89 -29.21
CA LEU G 144 -17.99 -13.72 -30.20
C LEU G 144 -18.72 -15.03 -30.44
N LYS G 145 -18.00 -16.15 -30.54
CA LYS G 145 -18.66 -17.45 -30.69
C LYS G 145 -19.48 -17.78 -29.44
N THR G 146 -19.00 -17.36 -28.27
CA THR G 146 -19.77 -17.59 -27.05
C THR G 146 -21.06 -16.79 -27.06
N ARG G 147 -21.00 -15.57 -27.60
CA ARG G 147 -22.19 -14.74 -27.68
C ARG G 147 -23.22 -15.36 -28.62
N GLU G 148 -22.77 -15.92 -29.76
CA GLU G 148 -23.68 -16.60 -30.68
C GLU G 148 -24.33 -17.81 -30.01
N LYS G 149 -23.54 -18.61 -29.28
CA LYS G 149 -24.10 -19.74 -28.55
C LYS G 149 -25.19 -19.28 -27.58
N LEU G 150 -24.91 -18.22 -26.81
CA LEU G 150 -25.88 -17.71 -25.85
C LEU G 150 -27.14 -17.20 -26.54
N ASN G 151 -26.98 -16.50 -27.67
CA ASN G 151 -28.11 -15.94 -28.39
C ASN G 151 -28.99 -17.04 -28.99
N ARG G 152 -28.36 -18.06 -29.56
CA ARG G 152 -29.13 -19.18 -30.13
C ARG G 152 -29.97 -19.83 -29.05
N ILE G 153 -29.37 -20.14 -27.90
CA ILE G 153 -30.13 -20.76 -26.81
C ILE G 153 -31.23 -19.83 -26.31
N LEU G 154 -30.90 -18.56 -26.09
CA LEU G 154 -31.90 -17.62 -25.61
C LEU G 154 -33.05 -17.46 -26.60
N SER G 155 -32.73 -17.49 -27.90
CA SER G 155 -33.75 -17.47 -28.92
C SER G 155 -34.70 -18.66 -28.79
N GLU G 156 -34.14 -19.87 -28.55
CA GLU G 156 -34.94 -21.08 -28.34
C GLU G 156 -35.79 -21.01 -27.09
N ARG G 157 -35.26 -20.43 -26.04
CA ARG G 157 -36.01 -20.41 -24.78
C ARG G 157 -37.07 -19.32 -24.74
N THR G 158 -36.92 -18.25 -25.52
CA THR G 158 -37.85 -17.14 -25.44
C THR G 158 -38.80 -17.07 -26.62
N GLY G 159 -38.46 -17.69 -27.75
CA GLY G 159 -39.21 -17.49 -28.96
C GLY G 159 -38.84 -16.26 -29.76
N GLN G 160 -37.94 -15.41 -29.27
CA GLN G 160 -37.49 -14.28 -30.06
C GLN G 160 -36.46 -14.73 -31.10
N SER G 161 -36.38 -13.98 -32.19
CA SER G 161 -35.36 -14.28 -33.19
C SER G 161 -33.97 -13.96 -32.66
N ILE G 162 -32.98 -14.63 -33.24
CA ILE G 162 -31.59 -14.35 -32.89
C ILE G 162 -31.23 -12.89 -33.17
N GLU G 163 -31.76 -12.34 -34.25
CA GLU G 163 -31.41 -10.97 -34.55
C GLU G 163 -31.99 -10.02 -33.51
N LYS G 164 -33.23 -10.27 -33.05
CA LYS G 164 -33.80 -9.44 -31.99
C LYS G 164 -33.00 -9.59 -30.70
N ILE G 165 -32.65 -10.83 -30.32
CA ILE G 165 -31.82 -11.03 -29.13
C ILE G 165 -30.52 -10.23 -29.25
N GLN G 166 -29.89 -10.27 -30.42
CA GLN G 166 -28.63 -9.56 -30.63
C GLN G 166 -28.82 -8.07 -30.43
N GLN G 167 -29.86 -7.52 -31.04
CA GLN G 167 -30.10 -6.10 -30.96
C GLN G 167 -30.47 -5.69 -29.52
N ASP G 168 -31.24 -6.52 -28.76
CA ASP G 168 -31.67 -6.20 -27.41
C ASP G 168 -30.60 -6.44 -26.35
N THR G 169 -29.45 -7.00 -26.70
CA THR G 169 -28.40 -7.22 -25.73
C THR G 169 -27.16 -6.40 -26.03
N ASP G 170 -27.20 -5.55 -27.06
CA ASP G 170 -26.03 -4.76 -27.40
C ASP G 170 -25.58 -3.91 -26.23
N ARG G 171 -26.52 -3.34 -25.48
CA ARG G 171 -26.27 -2.63 -24.23
C ARG G 171 -27.11 -3.25 -23.13
N ASP G 172 -26.80 -2.86 -21.88
CA ASP G 172 -27.62 -3.27 -20.74
C ASP G 172 -29.08 -2.96 -20.99
N ASN G 173 -29.92 -3.98 -20.90
CA ASN G 173 -31.35 -3.88 -21.17
C ASN G 173 -32.10 -4.36 -19.93
N PHE G 174 -32.66 -3.42 -19.17
CA PHE G 174 -33.45 -3.74 -17.98
C PHE G 174 -34.92 -3.97 -18.33
N LEU G 175 -35.49 -5.03 -17.74
CA LEU G 175 -36.89 -5.41 -17.93
C LEU G 175 -37.56 -5.57 -16.57
N THR G 176 -38.78 -5.04 -16.45
CA THR G 176 -39.66 -5.39 -15.35
C THR G 176 -40.08 -6.86 -15.48
N ALA G 177 -40.64 -7.40 -14.38
CA ALA G 177 -41.18 -8.76 -14.44
C ALA G 177 -42.20 -8.89 -15.57
N ALA G 178 -43.12 -7.93 -15.70
CA ALA G 178 -44.13 -8.00 -16.76
C ALA G 178 -43.47 -7.99 -18.14
N GLU G 179 -42.47 -7.13 -18.32
CA GLU G 179 -41.75 -7.09 -19.59
C GLU G 179 -41.00 -8.40 -19.84
N ALA G 180 -40.47 -9.00 -18.78
CA ALA G 180 -39.77 -10.27 -18.93
C ALA G 180 -40.73 -11.36 -19.40
N LYS G 181 -41.98 -11.35 -18.90
CA LYS G 181 -42.97 -12.31 -19.36
C LYS G 181 -43.33 -12.08 -20.82
N GLU G 182 -43.52 -10.82 -21.20
CA GLU G 182 -43.86 -10.51 -22.57
C GLU G 182 -42.72 -10.87 -23.48
N TYR G 183 -41.48 -10.81 -22.98
CA TYR G 183 -40.31 -11.14 -23.79
C TYR G 183 -40.16 -12.65 -24.00
N GLY G 184 -40.74 -13.46 -23.12
CA GLY G 184 -40.49 -14.90 -23.16
C GLY G 184 -39.43 -15.39 -22.22
N LEU G 185 -38.86 -14.52 -21.36
CA LEU G 185 -37.84 -14.97 -20.41
C LEU G 185 -38.45 -15.76 -19.26
N ILE G 186 -39.69 -15.42 -18.87
CA ILE G 186 -40.45 -16.17 -17.88
C ILE G 186 -41.83 -16.44 -18.47
N ASP G 187 -42.58 -17.29 -17.77
CA ASP G 187 -43.94 -17.63 -18.18
C ASP G 187 -45.01 -16.87 -17.41
N GLU G 188 -44.78 -16.56 -16.13
CA GLU G 188 -45.79 -15.94 -15.28
C GLU G 188 -45.11 -15.03 -14.26
N VAL G 189 -45.78 -13.92 -13.96
CA VAL G 189 -45.49 -13.09 -12.80
C VAL G 189 -46.35 -13.60 -11.65
N MET G 190 -45.70 -13.91 -10.55
CA MET G 190 -46.34 -14.62 -9.47
C MET G 190 -47.07 -13.57 -8.65
N GLU G 191 -48.43 -13.51 -8.70
CA GLU G 191 -49.02 -12.41 -7.93
C GLU G 191 -49.25 -12.87 -6.48
N PRO G 192 -49.45 -11.94 -5.53
CA PRO G 192 -49.60 -12.31 -4.11
C PRO G 192 -50.86 -13.12 -3.75
N ILE H 4 3.82 31.83 -10.09
CA ILE H 4 4.42 31.14 -11.23
C ILE H 4 4.98 32.06 -12.38
N PRO H 5 4.30 33.14 -12.80
CA PRO H 5 4.75 33.85 -14.01
C PRO H 5 5.96 34.75 -13.78
N THR H 6 6.63 35.08 -14.89
CA THR H 6 7.86 35.86 -14.93
C THR H 6 7.62 37.26 -15.51
N VAL H 7 8.34 38.26 -14.97
CA VAL H 7 8.23 39.70 -15.29
C VAL H 7 9.43 40.21 -16.08
N TYR H 18 12.57 38.35 -12.89
CA TYR H 18 11.83 38.18 -11.66
C TYR H 18 10.63 37.23 -11.82
N ASP H 19 10.33 36.40 -10.81
CA ASP H 19 8.99 35.83 -10.72
C ASP H 19 8.02 36.92 -10.19
N ILE H 20 6.70 36.66 -10.29
CA ILE H 20 5.75 37.71 -9.94
C ILE H 20 5.91 38.15 -8.48
N TYR H 21 6.22 37.21 -7.57
CA TYR H 21 6.35 37.59 -6.16
C TYR H 21 7.64 38.36 -5.90
N SER H 22 8.71 38.02 -6.62
CA SER H 22 9.95 38.77 -6.53
C SER H 22 9.74 40.20 -7.03
N ARG H 23 8.95 40.35 -8.10
CA ARG H 23 8.63 41.69 -8.59
C ARG H 23 7.87 42.50 -7.55
N LEU H 24 6.89 41.89 -6.86
CA LEU H 24 6.18 42.65 -5.82
C LEU H 24 7.07 42.93 -4.60
N LEU H 25 8.01 42.03 -4.28
CA LEU H 25 8.93 42.30 -3.18
C LEU H 25 9.76 43.55 -3.44
N LYS H 26 10.07 43.83 -4.71
CA LYS H 26 10.74 45.08 -5.08
C LYS H 26 9.96 46.30 -4.59
N ASP H 27 8.62 46.22 -4.56
CA ASP H 27 7.76 47.28 -4.03
C ASP H 27 7.41 47.07 -2.53
N ARG H 28 8.18 46.25 -1.82
CA ARG H 28 7.99 46.06 -0.37
C ARG H 28 6.66 45.37 -0.06
N ILE H 29 6.18 44.53 -0.97
CA ILE H 29 4.99 43.71 -0.77
C ILE H 29 5.44 42.27 -0.53
N ILE H 30 5.02 41.68 0.59
CA ILE H 30 5.23 40.27 0.90
C ILE H 30 3.88 39.56 0.81
N MET H 31 3.84 38.42 0.12
CA MET H 31 2.61 37.64 -0.05
C MET H 31 2.67 36.40 0.84
N LEU H 32 1.84 36.36 1.89
CA LEU H 32 1.68 35.17 2.72
C LEU H 32 0.40 34.48 2.26
N GLY H 33 0.54 33.46 1.41
CA GLY H 33 -0.63 32.88 0.76
C GLY H 33 -0.75 31.38 0.95
N SER H 34 -0.34 30.88 2.11
CA SER H 34 -0.33 29.45 2.33
C SER H 34 -0.39 29.16 3.82
N GLN H 35 -0.43 27.86 4.17
CA GLN H 35 -0.23 27.44 5.56
C GLN H 35 1.08 27.99 6.05
N ILE H 36 1.18 28.23 7.36
CA ILE H 36 2.36 28.76 8.02
C ILE H 36 3.11 27.60 8.67
N ASP H 37 4.19 27.19 8.05
CA ASP H 37 5.11 26.20 8.60
C ASP H 37 6.49 26.85 8.70
N ASP H 38 7.49 26.06 9.09
CA ASP H 38 8.82 26.62 9.34
C ASP H 38 9.45 27.18 8.06
N ASN H 39 9.22 26.56 6.90
CA ASN H 39 9.82 27.07 5.66
C ASN H 39 9.19 28.39 5.26
N VAL H 40 7.86 28.48 5.36
CA VAL H 40 7.15 29.72 5.08
C VAL H 40 7.62 30.83 6.00
N ALA H 41 7.75 30.54 7.30
CA ALA H 41 8.21 31.55 8.25
C ALA H 41 9.62 31.99 7.93
N ASN H 42 10.52 31.05 7.62
CA ASN H 42 11.88 31.45 7.30
CA ASN H 42 11.89 31.42 7.28
C ASN H 42 11.91 32.36 6.08
N SER H 43 11.09 32.09 5.07
CA SER H 43 11.06 32.97 3.91
C SER H 43 10.52 34.35 4.28
N ILE H 44 9.40 34.40 5.01
CA ILE H 44 8.78 35.68 5.36
C ILE H 44 9.72 36.49 6.24
N VAL H 45 10.31 35.84 7.26
CA VAL H 45 11.27 36.54 8.12
C VAL H 45 12.42 37.09 7.28
N SER H 46 12.94 36.28 6.36
CA SER H 46 14.04 36.71 5.52
C SER H 46 13.64 37.88 4.64
N GLN H 47 12.41 37.89 4.13
CA GLN H 47 11.96 39.02 3.33
C GLN H 47 11.81 40.27 4.18
N LEU H 48 11.32 40.13 5.40
CA LEU H 48 11.20 41.27 6.30
C LEU H 48 12.58 41.85 6.62
N LEU H 49 13.54 40.99 7.00
CA LEU H 49 14.89 41.48 7.30
C LEU H 49 15.49 42.17 6.10
N PHE H 50 15.29 41.59 4.91
CA PHE H 50 15.85 42.19 3.70
C PHE H 50 15.23 43.54 3.40
N LEU H 51 13.89 43.65 3.51
CA LEU H 51 13.23 44.93 3.22
C LEU H 51 13.70 46.01 4.19
N GLN H 52 13.93 45.64 5.45
CA GLN H 52 14.43 46.59 6.44
C GLN H 52 15.85 47.04 6.12
N ALA H 53 16.71 46.10 5.73
CA ALA H 53 18.06 46.45 5.34
C ALA H 53 18.08 47.36 4.13
N GLN H 54 17.06 47.26 3.26
CA GLN H 54 17.04 48.09 2.06
C GLN H 54 16.63 49.53 2.42
N ASP H 55 15.68 49.66 3.35
CA ASP H 55 15.13 50.96 3.74
C ASP H 55 14.42 50.73 5.07
N SER H 56 14.94 51.33 6.12
CA SER H 56 14.42 51.10 7.46
C SER H 56 13.23 51.99 7.79
N GLU H 57 12.80 52.90 6.90
CA GLU H 57 11.69 53.82 7.19
C GLU H 57 10.42 53.57 6.37
N LYS H 58 10.53 53.05 5.12
CA LYS H 58 9.35 52.86 4.30
C LYS H 58 8.51 51.68 4.79
N ASP H 59 7.19 51.83 4.73
CA ASP H 59 6.26 50.78 5.10
C ASP H 59 6.50 49.50 4.29
N ILE H 60 6.17 48.37 4.91
CA ILE H 60 6.11 47.06 4.27
C ILE H 60 4.64 46.66 4.19
N TYR H 61 4.26 45.96 3.13
CA TYR H 61 2.88 45.47 3.00
C TYR H 61 2.85 43.96 3.00
N LEU H 62 2.15 43.38 3.97
CA LEU H 62 2.03 41.94 4.13
C LEU H 62 0.59 41.52 3.83
N TYR H 63 0.39 40.93 2.66
CA TYR H 63 -0.91 40.35 2.33
C TYR H 63 -1.03 38.98 2.95
N ILE H 64 -2.20 38.70 3.53
CA ILE H 64 -2.40 37.47 4.29
C ILE H 64 -3.62 36.75 3.73
N ASN H 65 -3.40 35.59 3.12
CA ASN H 65 -4.45 34.63 2.78
C ASN H 65 -3.93 33.27 3.27
N SER H 66 -4.35 32.87 4.47
CA SER H 66 -3.72 31.74 5.15
C SER H 66 -4.71 31.02 6.05
N PRO H 67 -4.74 29.69 6.00
CA PRO H 67 -5.57 28.92 6.96
C PRO H 67 -4.92 28.78 8.33
N GLY H 68 -3.70 29.27 8.52
CA GLY H 68 -3.03 29.16 9.80
C GLY H 68 -1.80 28.28 9.71
N GLY H 69 -1.41 27.74 10.85
CA GLY H 69 -0.30 26.80 10.87
C GLY H 69 0.37 26.77 12.25
N SER H 70 1.68 26.50 12.22
CA SER H 70 2.47 26.29 13.43
C SER H 70 2.52 27.56 14.28
N VAL H 71 2.34 27.39 15.59
CA VAL H 71 2.36 28.55 16.48
C VAL H 71 3.77 29.14 16.53
N THR H 72 4.79 28.29 16.65
CA THR H 72 6.14 28.83 16.74
C THR H 72 6.59 29.44 15.42
N ALA H 73 6.21 28.83 14.28
CA ALA H 73 6.52 29.49 13.01
C ALA H 73 5.84 30.85 12.92
N GLY H 74 4.59 30.94 13.37
CA GLY H 74 3.90 32.21 13.36
C GLY H 74 4.56 33.24 14.27
N PHE H 75 5.09 32.79 15.41
CA PHE H 75 5.77 33.72 16.31
C PHE H 75 7.11 34.18 15.76
N ALA H 76 7.78 33.35 14.97
CA ALA H 76 8.98 33.83 14.29
C ALA H 76 8.63 35.04 13.42
N ILE H 77 7.52 34.96 12.68
CA ILE H 77 7.06 36.08 11.86
C ILE H 77 6.62 37.23 12.75
N TYR H 78 5.79 36.93 13.78
CA TYR H 78 5.26 37.99 14.65
C TYR H 78 6.37 38.79 15.30
N ASP H 79 7.35 38.11 15.91
CA ASP H 79 8.40 38.84 16.62
C ASP H 79 9.27 39.62 15.66
N THR H 80 9.45 39.11 14.43
CA THR H 80 10.21 39.87 13.44
C THR H 80 9.48 41.14 13.04
N ILE H 81 8.15 41.07 12.87
CA ILE H 81 7.37 42.27 12.58
C ILE H 81 7.58 43.32 13.68
N GLN H 82 7.46 42.91 14.94
CA GLN H 82 7.60 43.87 16.04
C GLN H 82 9.04 44.32 16.22
N HIS H 83 10.02 43.56 15.73
CA HIS H 83 11.41 43.92 15.93
C HIS H 83 11.86 45.02 14.96
N ILE H 84 11.51 44.90 13.68
CA ILE H 84 12.08 45.75 12.65
C ILE H 84 11.53 47.17 12.75
N LYS H 85 12.32 48.15 12.26
CA LYS H 85 11.91 49.55 12.31
C LYS H 85 10.71 49.85 11.42
N PRO H 86 10.63 49.40 10.16
CA PRO H 86 9.48 49.76 9.31
C PRO H 86 8.16 49.25 9.89
N ASP H 87 7.12 50.06 9.73
CA ASP H 87 5.77 49.60 9.92
C ASP H 87 5.45 48.50 8.90
N VAL H 88 4.73 47.49 9.37
CA VAL H 88 4.26 46.41 8.51
C VAL H 88 2.75 46.51 8.47
N GLN H 89 2.20 46.90 7.31
CA GLN H 89 0.76 46.85 7.13
C GLN H 89 0.33 45.42 6.83
N THR H 90 -0.83 45.02 7.35
CA THR H 90 -1.38 43.69 7.08
C THR H 90 -2.70 43.86 6.35
N ILE H 91 -2.88 43.10 5.27
CA ILE H 91 -4.07 43.16 4.43
C ILE H 91 -4.59 41.74 4.27
N CYS H 92 -5.76 41.47 4.83
CA CYS H 92 -6.36 40.15 4.71
C CYS H 92 -7.16 40.07 3.41
N ILE H 93 -6.81 39.13 2.53
CA ILE H 93 -7.62 38.79 1.37
C ILE H 93 -8.01 37.31 1.46
N GLY H 94 -9.26 37.00 1.17
CA GLY H 94 -9.69 35.63 1.21
C GLY H 94 -9.96 35.15 2.62
N MET H 95 -8.94 34.66 3.34
CA MET H 95 -9.08 34.05 4.68
C MET H 95 -7.83 34.34 5.53
N ALA H 96 -8.03 34.84 6.75
CA ALA H 96 -6.99 34.78 7.78
C ALA H 96 -7.56 34.00 8.96
N ALA H 97 -7.10 32.76 9.11
CA ALA H 97 -7.63 31.85 10.12
C ALA H 97 -6.53 31.47 11.09
N SER H 98 -6.89 31.35 12.36
CA SER H 98 -5.98 30.76 13.36
C SER H 98 -4.73 31.62 13.38
N MET H 99 -3.53 31.07 13.21
CA MET H 99 -2.32 31.90 13.26
C MET H 99 -2.32 32.95 12.15
N GLY H 100 -3.07 32.72 11.08
CA GLY H 100 -3.21 33.77 10.07
C GLY H 100 -3.93 34.99 10.61
N SER H 101 -4.99 34.80 11.41
CA SER H 101 -5.66 35.95 11.99
C SER H 101 -4.81 36.57 13.09
N PHE H 102 -4.00 35.78 13.78
CA PHE H 102 -3.08 36.33 14.77
C PHE H 102 -2.08 37.28 14.11
N LEU H 103 -1.51 36.90 12.95
CA LEU H 103 -0.56 37.77 12.27
C LEU H 103 -1.24 39.00 11.66
N LEU H 104 -2.48 38.85 11.18
CA LEU H 104 -3.25 40.00 10.71
C LEU H 104 -3.37 41.04 11.81
N ALA H 105 -3.72 40.62 13.03
CA ALA H 105 -3.83 41.50 14.18
C ALA H 105 -2.49 42.10 14.58
N ALA H 106 -1.38 41.55 14.07
CA ALA H 106 -0.05 41.98 14.48
C ALA H 106 0.50 43.14 13.64
N GLY H 107 -0.20 43.56 12.58
CA GLY H 107 0.28 44.68 11.79
C GLY H 107 0.34 45.98 12.59
N ALA H 108 1.07 46.94 12.05
CA ALA H 108 1.15 48.29 12.65
C ALA H 108 -0.25 48.82 12.97
N LYS H 109 -0.45 49.26 14.20
CA LYS H 109 -1.77 49.73 14.61
C LYS H 109 -2.21 50.90 13.73
N GLY H 110 -3.46 50.85 13.25
CA GLY H 110 -3.93 51.76 12.23
C GLY H 110 -3.70 51.29 10.80
N LYS H 111 -2.86 50.28 10.58
CA LYS H 111 -2.57 49.82 9.22
C LYS H 111 -2.88 48.33 9.04
N ARG H 112 -3.95 47.86 9.68
CA ARG H 112 -4.42 46.48 9.58
C ARG H 112 -5.76 46.49 8.85
N PHE H 113 -5.83 45.79 7.73
CA PHE H 113 -6.96 45.87 6.81
C PHE H 113 -7.48 44.48 6.43
N ALA H 114 -8.73 44.46 5.99
CA ALA H 114 -9.28 43.30 5.30
C ALA H 114 -10.14 43.81 4.16
N LEU H 115 -10.13 43.07 3.05
CA LEU H 115 -11.03 43.39 1.95
C LEU H 115 -12.46 42.97 2.34
N PRO H 116 -13.48 43.53 1.70
CA PRO H 116 -14.84 43.44 2.28
C PRO H 116 -15.36 42.01 2.45
N ASN H 117 -15.01 41.08 1.57
CA ASN H 117 -15.53 39.71 1.66
C ASN H 117 -14.53 38.73 2.25
N ALA H 118 -13.39 39.23 2.73
CA ALA H 118 -12.41 38.40 3.40
C ALA H 118 -13.00 37.86 4.71
N GLU H 119 -12.54 36.69 5.11
CA GLU H 119 -13.04 36.01 6.29
C GLU H 119 -11.92 35.92 7.32
N VAL H 120 -12.27 36.12 8.59
CA VAL H 120 -11.32 35.97 9.68
C VAL H 120 -11.85 34.90 10.61
N MET H 121 -10.97 34.01 11.07
CA MET H 121 -11.40 33.00 12.04
C MET H 121 -10.39 32.90 13.17
N ILE H 122 -10.89 32.87 14.40
CA ILE H 122 -10.05 32.74 15.58
C ILE H 122 -10.50 31.50 16.35
N HIS H 123 -9.54 30.82 16.99
CA HIS H 123 -9.82 29.65 17.81
C HIS H 123 -8.59 29.36 18.66
N GLN H 124 -8.68 28.34 19.48
CA GLN H 124 -7.60 28.00 20.39
C GLN H 124 -6.60 27.07 19.71
N PRO H 125 -5.39 26.94 20.27
CA PRO H 125 -4.39 26.05 19.67
C PRO H 125 -4.84 24.59 19.66
N LEU H 126 -4.25 23.83 18.73
CA LEU H 126 -4.49 22.40 18.58
C LEU H 126 -3.17 21.67 18.62
N GLY H 127 -3.20 20.46 19.15
CA GLY H 127 -1.97 19.70 19.22
C GLY H 127 -2.25 18.24 19.49
N GLY H 128 -1.21 17.55 19.89
CA GLY H 128 -1.29 16.14 20.20
C GLY H 128 -0.20 15.80 21.18
N ALA H 129 -0.41 14.70 21.88
CA ALA H 129 0.49 14.25 22.91
C ALA H 129 0.37 12.73 23.01
N GLN H 130 1.50 12.05 23.09
CA GLN H 130 1.51 10.59 23.17
C GLN H 130 2.64 10.14 24.07
N GLY H 131 2.35 9.21 24.99
CA GLY H 131 3.37 8.65 25.83
C GLY H 131 2.91 8.44 27.26
N GLN H 132 3.85 8.50 28.18
CA GLN H 132 3.55 8.35 29.59
C GLN H 132 2.68 9.50 30.10
N ALA H 133 1.91 9.21 31.17
CA ALA H 133 1.13 10.24 31.85
C ALA H 133 1.96 11.49 32.09
N THR H 134 3.19 11.32 32.58
CA THR H 134 4.08 12.44 32.82
C THR H 134 4.33 13.27 31.57
N GLU H 135 4.52 12.60 30.42
CA GLU H 135 4.79 13.33 29.18
C GLU H 135 3.53 14.02 28.67
N ILE H 136 2.37 13.38 28.82
CA ILE H 136 1.12 14.01 28.42
C ILE H 136 0.88 15.25 29.28
N GLU H 137 1.20 15.16 30.57
CA GLU H 137 1.13 16.34 31.44
C GLU H 137 2.03 17.46 30.94
N ILE H 138 3.29 17.15 30.60
CA ILE H 138 4.20 18.17 30.11
C ILE H 138 3.63 18.82 28.84
N ALA H 139 3.13 18.00 27.92
CA ALA H 139 2.58 18.56 26.67
C ALA H 139 1.34 19.40 26.95
N ALA H 140 0.47 18.96 27.86
CA ALA H 140 -0.71 19.74 28.18
C ALA H 140 -0.33 21.09 28.78
N ASN H 141 0.59 21.11 29.75
CA ASN H 141 1.00 22.39 30.34
C ASN H 141 1.60 23.30 29.29
N HIS H 142 2.41 22.74 28.39
CA HIS H 142 2.97 23.54 27.31
C HIS H 142 1.90 24.20 26.45
N ILE H 143 0.92 23.42 25.97
CA ILE H 143 -0.02 24.00 25.02
C ILE H 143 -0.95 24.98 25.74
N LEU H 144 -1.25 24.71 27.02
CA LEU H 144 -2.06 25.67 27.78
C LEU H 144 -1.30 26.98 28.02
N LYS H 145 0.00 26.89 28.35
CA LYS H 145 0.79 28.10 28.51
C LYS H 145 0.90 28.84 27.17
N THR H 146 0.97 28.10 26.07
CA THR H 146 1.03 28.74 24.76
C THR H 146 -0.27 29.47 24.47
N ARG H 147 -1.40 28.90 24.89
CA ARG H 147 -2.69 29.55 24.68
C ARG H 147 -2.78 30.85 25.48
N GLU H 148 -2.27 30.84 26.72
CA GLU H 148 -2.25 32.06 27.52
C GLU H 148 -1.39 33.13 26.87
N LYS H 149 -0.21 32.76 26.38
CA LYS H 149 0.65 33.70 25.68
C LYS H 149 -0.09 34.33 24.49
N LEU H 150 -0.75 33.49 23.69
CA LEU H 150 -1.48 33.99 22.51
C LEU H 150 -2.63 34.90 22.93
N ASN H 151 -3.36 34.55 23.99
CA ASN H 151 -4.49 35.36 24.45
C ASN H 151 -4.04 36.71 24.98
N ARG H 152 -2.95 36.72 25.75
CA ARG H 152 -2.43 37.98 26.28
C ARG H 152 -2.06 38.92 25.14
N ILE H 153 -1.32 38.42 24.15
CA ILE H 153 -0.94 39.25 23.01
C ILE H 153 -2.18 39.70 22.24
N LEU H 154 -3.10 38.78 21.95
CA LEU H 154 -4.29 39.16 21.20
C LEU H 154 -5.13 40.18 21.97
N SER H 155 -5.16 40.06 23.29
CA SER H 155 -5.84 41.05 24.12
C SER H 155 -5.23 42.44 23.93
N GLU H 156 -3.88 42.51 23.90
CA GLU H 156 -3.17 43.79 23.72
C GLU H 156 -3.36 44.34 22.32
N ARG H 157 -3.46 43.47 21.31
CA ARG H 157 -3.61 43.97 19.95
C ARG H 157 -5.04 44.37 19.61
N THR H 158 -6.04 43.81 20.30
CA THR H 158 -7.43 44.07 19.95
C THR H 158 -8.12 45.00 20.93
N GLY H 159 -7.61 45.13 22.15
CA GLY H 159 -8.35 45.81 23.19
C GLY H 159 -9.39 44.98 23.92
N GLN H 160 -9.61 43.73 23.51
CA GLN H 160 -10.54 42.88 24.26
C GLN H 160 -9.84 42.32 25.50
N SER H 161 -10.64 42.01 26.51
CA SER H 161 -10.09 41.38 27.70
C SER H 161 -9.63 39.96 27.40
N ILE H 162 -8.69 39.48 28.20
CA ILE H 162 -8.24 38.11 28.07
C ILE H 162 -9.39 37.12 28.27
N GLU H 163 -10.33 37.46 29.18
CA GLU H 163 -11.51 36.61 29.46
C GLU H 163 -12.38 36.48 28.23
N LYS H 164 -12.58 37.59 27.54
CA LYS H 164 -13.38 37.57 26.33
C LYS H 164 -12.66 36.80 25.22
N ILE H 165 -11.35 37.05 25.03
CA ILE H 165 -10.59 36.29 24.03
C ILE H 165 -10.73 34.79 24.30
N GLN H 166 -10.59 34.40 25.56
CA GLN H 166 -10.66 32.98 25.91
C GLN H 166 -12.02 32.41 25.55
N GLN H 167 -13.08 33.15 25.86
CA GLN H 167 -14.44 32.72 25.56
C GLN H 167 -14.66 32.60 24.06
N ASP H 168 -14.19 33.57 23.32
CA ASP H 168 -14.45 33.65 21.89
C ASP H 168 -13.56 32.72 21.06
N THR H 169 -12.60 32.03 21.67
CA THR H 169 -11.76 31.11 20.93
C THR H 169 -11.95 29.67 21.36
N ASP H 170 -12.90 29.42 22.28
CA ASP H 170 -13.10 28.05 22.74
C ASP H 170 -13.43 27.12 21.59
N ARG H 171 -14.23 27.59 20.64
CA ARG H 171 -14.54 26.89 19.39
C ARG H 171 -14.19 27.79 18.22
N ASP H 172 -14.17 27.21 17.02
CA ASP H 172 -13.99 27.99 15.79
C ASP H 172 -14.98 29.14 15.75
N ASN H 173 -14.46 30.35 15.61
CA ASN H 173 -15.25 31.57 15.61
C ASN H 173 -14.97 32.33 14.31
N PHE H 174 -15.92 32.28 13.37
CA PHE H 174 -15.80 33.00 12.11
C PHE H 174 -16.33 34.42 12.21
N LEU H 175 -15.58 35.37 11.64
CA LEU H 175 -15.92 36.78 11.62
C LEU H 175 -15.86 37.30 10.19
N THR H 176 -16.87 38.08 9.79
CA THR H 176 -16.77 38.91 8.59
C THR H 176 -15.71 39.99 8.79
N ALA H 177 -15.31 40.61 7.67
CA ALA H 177 -14.39 41.74 7.77
C ALA H 177 -14.93 42.82 8.71
N ALA H 178 -16.22 43.18 8.58
CA ALA H 178 -16.79 44.20 9.44
C ALA H 178 -16.74 43.78 10.90
N GLU H 179 -17.06 42.51 11.18
CA GLU H 179 -16.97 42.00 12.55
C GLU H 179 -15.54 42.01 13.05
N ALA H 180 -14.58 41.72 12.17
CA ALA H 180 -13.18 41.74 12.56
C ALA H 180 -12.75 43.15 12.95
N LYS H 181 -13.26 44.17 12.25
CA LYS H 181 -12.95 45.55 12.62
C LYS H 181 -13.57 45.92 13.96
N GLU H 182 -14.82 45.59 14.13
CA GLU H 182 -15.46 45.83 15.41
C GLU H 182 -14.71 45.13 16.55
N TYR H 183 -14.20 43.91 16.28
CA TYR H 183 -13.50 43.15 17.31
C TYR H 183 -12.16 43.77 17.69
N GLY H 184 -11.56 44.57 16.82
CA GLY H 184 -10.21 45.05 17.02
C GLY H 184 -9.12 44.25 16.34
N LEU H 185 -9.48 43.25 15.52
CA LEU H 185 -8.45 42.48 14.81
C LEU H 185 -7.86 43.26 13.65
N ILE H 186 -8.64 44.14 13.03
CA ILE H 186 -8.17 45.05 11.99
C ILE H 186 -8.67 46.44 12.35
N ASP H 187 -8.17 47.43 11.61
CA ASP H 187 -8.56 48.82 11.81
C ASP H 187 -9.58 49.32 10.79
N GLU H 188 -9.53 48.82 9.55
CA GLU H 188 -10.38 49.31 8.48
C GLU H 188 -10.70 48.16 7.51
N VAL H 189 -11.92 48.18 6.99
CA VAL H 189 -12.31 47.40 5.82
C VAL H 189 -12.07 48.27 4.59
N MET H 190 -11.31 47.73 3.67
CA MET H 190 -10.80 48.52 2.57
C MET H 190 -11.92 48.56 1.52
N GLU H 191 -12.61 49.71 1.33
CA GLU H 191 -13.70 49.61 0.36
C GLU H 191 -13.17 49.88 -1.05
N PRO H 192 -13.91 49.50 -2.11
CA PRO H 192 -13.39 49.66 -3.49
C PRO H 192 -13.23 51.11 -3.97
N ILE I 4 12.28 31.04 -1.13
CA ILE I 4 11.79 30.94 -2.51
C ILE I 4 12.04 32.19 -3.42
N PRO I 5 11.83 33.43 -2.96
CA PRO I 5 11.86 34.57 -3.91
C PRO I 5 13.27 34.98 -4.32
N THR I 6 13.33 35.70 -5.45
CA THR I 6 14.56 36.16 -6.08
C THR I 6 14.74 37.68 -5.95
N VAL I 7 15.97 38.13 -5.78
CA VAL I 7 16.21 39.55 -5.54
C VAL I 7 16.72 40.32 -6.77
N TYR I 18 20.16 36.38 -7.17
CA TYR I 18 20.18 35.73 -5.86
C TYR I 18 18.80 35.23 -5.43
N ASP I 19 18.71 34.08 -4.75
CA ASP I 19 17.52 33.80 -3.95
C ASP I 19 17.61 34.62 -2.64
N ILE I 20 16.50 34.69 -1.90
CA ILE I 20 16.48 35.58 -0.72
C ILE I 20 17.54 35.18 0.30
N TYR I 21 17.81 33.86 0.46
CA TYR I 21 18.80 33.44 1.46
C TYR I 21 20.22 33.73 0.97
N SER I 22 20.46 33.61 -0.34
CA SER I 22 21.75 33.98 -0.89
C SER I 22 22.00 35.48 -0.72
N ARG I 23 20.96 36.29 -0.89
CA ARG I 23 21.09 37.72 -0.65
C ARG I 23 21.46 38.02 0.80
N LEU I 24 20.83 37.33 1.77
CA LEU I 24 21.21 37.57 3.17
C LEU I 24 22.61 37.03 3.49
N LEU I 25 23.03 35.94 2.83
CA LEU I 25 24.38 35.44 3.06
C LEU I 25 25.43 36.48 2.66
N LYS I 26 25.14 37.30 1.64
CA LYS I 26 26.01 38.42 1.28
C LYS I 26 26.26 39.35 2.48
N ASP I 27 25.27 39.51 3.38
CA ASP I 27 25.43 40.28 4.61
C ASP I 27 25.84 39.42 5.80
N ARG I 28 26.39 38.22 5.58
CA ARG I 28 26.90 37.36 6.63
C ARG I 28 25.79 36.85 7.56
N ILE I 29 24.58 36.70 7.03
CA ILE I 29 23.45 36.12 7.75
C ILE I 29 23.22 34.70 7.21
N ILE I 30 23.24 33.73 8.11
CA ILE I 30 22.88 32.34 7.81
C ILE I 30 21.54 32.03 8.46
N MET I 31 20.62 31.43 7.69
CA MET I 31 19.28 31.08 8.20
C MET I 31 19.21 29.57 8.43
N LEU I 32 19.13 29.16 9.69
CA LEU I 32 18.90 27.75 10.05
C LEU I 32 17.42 27.64 10.42
N GLY I 33 16.61 27.19 9.46
CA GLY I 33 15.16 27.25 9.64
C GLY I 33 14.48 25.91 9.44
N SER I 34 15.14 24.82 9.83
CA SER I 34 14.59 23.49 9.58
C SER I 34 15.19 22.51 10.59
N GLN I 35 14.75 21.27 10.51
CA GLN I 35 15.38 20.20 11.25
C GLN I 35 16.84 20.04 10.80
N ILE I 36 17.70 19.65 11.73
CA ILE I 36 19.15 19.55 11.52
C ILE I 36 19.47 18.11 11.17
N ASP I 37 19.75 17.88 9.90
CA ASP I 37 20.24 16.61 9.40
C ASP I 37 21.58 16.85 8.71
N ASP I 38 22.13 15.80 8.11
CA ASP I 38 23.47 15.90 7.53
C ASP I 38 23.53 16.91 6.38
N ASN I 39 22.47 17.02 5.55
CA ASN I 39 22.51 17.97 4.44
C ASN I 39 22.46 19.41 4.94
N VAL I 40 21.60 19.67 5.93
CA VAL I 40 21.51 20.99 6.55
C VAL I 40 22.85 21.37 7.17
N ALA I 41 23.48 20.44 7.89
CA ALA I 41 24.76 20.73 8.52
C ALA I 41 25.82 21.01 7.47
N ASN I 42 25.84 20.20 6.41
N ASN I 42 25.83 20.22 6.40
CA ASN I 42 26.85 20.39 5.35
CA ASN I 42 26.86 20.43 5.39
C ASN I 42 26.69 21.77 4.71
C ASN I 42 26.69 21.80 4.74
N SER I 43 25.46 22.27 4.55
CA SER I 43 25.24 23.61 4.01
C SER I 43 25.68 24.68 4.99
N ILE I 44 25.28 24.55 6.26
CA ILE I 44 25.61 25.57 7.26
C ILE I 44 27.12 25.63 7.45
N VAL I 45 27.77 24.46 7.59
CA VAL I 45 29.22 24.43 7.73
C VAL I 45 29.87 25.12 6.54
N SER I 46 29.39 24.80 5.33
CA SER I 46 29.95 25.39 4.12
C SER I 46 29.76 26.90 4.11
N GLN I 47 28.61 27.39 4.57
CA GLN I 47 28.40 28.83 4.63
C GLN I 47 29.31 29.49 5.65
N LEU I 48 29.53 28.84 6.79
CA LEU I 48 30.44 29.36 7.80
C LEU I 48 31.87 29.44 7.25
N LEU I 49 32.35 28.35 6.64
CA LEU I 49 33.70 28.36 6.08
C LEU I 49 33.82 29.45 5.02
N PHE I 50 32.80 29.60 4.18
CA PHE I 50 32.86 30.61 3.13
C PHE I 50 32.88 32.02 3.72
N LEU I 51 32.03 32.29 4.71
CA LEU I 51 32.01 33.63 5.31
C LEU I 51 33.35 33.97 5.94
N GLN I 52 33.99 32.98 6.56
CA GLN I 52 35.30 33.19 7.17
C GLN I 52 36.36 33.47 6.12
N ALA I 53 36.35 32.72 5.02
CA ALA I 53 37.28 32.97 3.94
C ALA I 53 37.09 34.36 3.34
N GLN I 54 35.86 34.89 3.39
CA GLN I 54 35.62 36.20 2.80
C GLN I 54 36.18 37.31 3.71
N ASP I 55 36.03 37.12 5.02
CA ASP I 55 36.44 38.11 6.02
C ASP I 55 36.51 37.37 7.35
N SER I 56 37.72 37.25 7.89
CA SER I 56 37.91 36.48 9.10
C SER I 56 37.64 37.28 10.37
N GLU I 57 37.28 38.55 10.25
CA GLU I 57 37.09 39.39 11.42
C GLU I 57 35.63 39.75 11.68
N LYS I 58 34.83 40.01 10.63
CA LYS I 58 33.45 40.48 10.79
C LYS I 58 32.56 39.39 11.38
N ASP I 59 31.65 39.79 12.27
CA ASP I 59 30.68 38.88 12.86
C ASP I 59 29.84 38.17 11.79
N ILE I 60 29.40 36.96 12.13
CA ILE I 60 28.42 36.20 11.37
C ILE I 60 27.13 36.16 12.20
N TYR I 61 25.99 36.18 11.53
CA TYR I 61 24.71 36.10 12.25
C TYR I 61 23.97 34.82 11.84
N LEU I 62 23.70 33.97 12.83
CA LEU I 62 23.03 32.68 12.63
C LEU I 62 21.65 32.75 13.28
N TYR I 63 20.62 32.87 12.45
CA TYR I 63 19.24 32.80 12.93
C TYR I 63 18.84 31.35 13.07
N ILE I 64 18.17 31.03 14.17
CA ILE I 64 17.85 29.64 14.50
C ILE I 64 16.34 29.54 14.75
N ASN I 65 15.65 28.83 13.86
CA ASN I 65 14.27 28.39 14.05
C ASN I 65 14.27 26.89 13.69
N SER I 66 14.40 26.02 14.70
CA SER I 66 14.68 24.63 14.43
C SER I 66 14.10 23.72 15.52
N PRO I 67 13.43 22.64 15.15
CA PRO I 67 12.97 21.66 16.16
C PRO I 67 14.08 20.74 16.63
N GLY I 68 15.28 20.83 16.08
CA GLY I 68 16.37 19.96 16.47
C GLY I 68 16.80 19.05 15.35
N GLY I 69 17.41 17.94 15.74
CA GLY I 69 17.79 16.94 14.75
C GLY I 69 18.97 16.10 15.24
N SER I 70 19.78 15.65 14.28
CA SER I 70 20.87 14.71 14.52
C SER I 70 21.92 15.33 15.42
N VAL I 71 22.40 14.57 16.41
CA VAL I 71 23.41 15.09 17.32
C VAL I 71 24.73 15.31 16.57
N THR I 72 25.13 14.35 15.74
CA THR I 72 26.40 14.50 15.03
C THR I 72 26.32 15.61 13.99
N ALA I 73 25.18 15.74 13.29
CA ALA I 73 25.04 16.88 12.38
C ALA I 73 25.15 18.20 13.14
N GLY I 74 24.52 18.28 14.32
CA GLY I 74 24.61 19.48 15.13
C GLY I 74 26.03 19.76 15.59
N PHE I 75 26.80 18.70 15.89
CA PHE I 75 28.18 18.92 16.32
C PHE I 75 29.08 19.34 15.16
N ALA I 76 28.76 18.92 13.94
CA ALA I 76 29.49 19.45 12.80
C ALA I 76 29.36 20.97 12.75
N ILE I 77 28.14 21.48 12.97
CA ILE I 77 27.92 22.92 13.02
C ILE I 77 28.59 23.53 14.24
N TYR I 78 28.39 22.91 15.42
CA TYR I 78 28.94 23.44 16.66
C TYR I 78 30.46 23.59 16.58
N ASP I 79 31.15 22.52 16.17
CA ASP I 79 32.61 22.59 16.15
C ASP I 79 33.11 23.58 15.10
N THR I 80 32.37 23.74 14.00
CA THR I 80 32.76 24.74 13.02
C THR I 80 32.62 26.15 13.58
N ILE I 81 31.54 26.42 14.33
CA ILE I 81 31.38 27.72 14.99
C ILE I 81 32.60 28.00 15.87
N GLN I 82 32.96 27.04 16.72
CA GLN I 82 34.07 27.27 17.64
C GLN I 82 35.42 27.31 16.93
N HIS I 83 35.51 26.73 15.73
CA HIS I 83 36.79 26.68 15.02
C HIS I 83 37.12 28.01 14.35
N ILE I 84 36.14 28.62 13.67
CA ILE I 84 36.43 29.77 12.80
C ILE I 84 36.74 31.01 13.64
N LYS I 85 37.51 31.93 13.02
CA LYS I 85 37.89 33.17 13.72
C LYS I 85 36.71 34.09 13.99
N PRO I 86 35.80 34.36 13.04
CA PRO I 86 34.70 35.30 13.33
C PRO I 86 33.81 34.82 14.48
N ASP I 87 33.36 35.77 15.28
CA ASP I 87 32.26 35.54 16.20
C ASP I 87 31.00 35.18 15.42
N VAL I 88 30.25 34.22 15.94
CA VAL I 88 28.97 33.83 15.37
C VAL I 88 27.90 34.21 16.38
N GLN I 89 27.11 35.23 16.06
CA GLN I 89 25.95 35.55 16.88
C GLN I 89 24.82 34.56 16.58
N THR I 90 24.07 34.18 17.61
CA THR I 90 22.92 33.29 17.43
C THR I 90 21.67 34.05 17.86
N ILE I 91 20.63 33.99 17.02
CA ILE I 91 19.36 34.67 17.26
C ILE I 91 18.25 33.65 17.12
N CYS I 92 17.57 33.36 18.22
CA CYS I 92 16.46 32.42 18.18
C CYS I 92 15.17 33.15 17.80
N ILE I 93 14.54 32.73 16.70
CA ILE I 93 13.20 33.19 16.34
C ILE I 93 12.29 31.96 16.27
N GLY I 94 11.09 32.08 16.82
CA GLY I 94 10.14 30.98 16.76
C GLY I 94 10.46 29.91 17.78
N MET I 95 11.36 28.98 17.44
CA MET I 95 11.70 27.92 18.38
C MET I 95 13.14 27.45 18.15
N ALA I 96 13.84 27.21 19.26
CA ALA I 96 15.10 26.45 19.26
C ALA I 96 14.93 25.30 20.24
N ALA I 97 14.76 24.08 19.71
CA ALA I 97 14.48 22.91 20.52
C ALA I 97 15.60 21.90 20.35
N SER I 98 15.94 21.21 21.43
CA SER I 98 16.83 20.04 21.35
C SER I 98 18.15 20.54 20.76
N MET I 99 18.66 19.95 19.69
CA MET I 99 19.93 20.40 19.13
C MET I 99 19.86 21.84 18.66
N GLY I 100 18.66 22.33 18.36
CA GLY I 100 18.52 23.74 18.04
C GLY I 100 18.86 24.63 19.22
N SER I 101 18.42 24.25 20.43
CA SER I 101 18.77 25.06 21.60
C SER I 101 20.24 24.87 21.96
N PHE I 102 20.81 23.70 21.68
CA PHE I 102 22.24 23.50 21.89
C PHE I 102 23.05 24.46 21.02
N LEU I 103 22.69 24.61 19.74
CA LEU I 103 23.43 25.52 18.87
C LEU I 103 23.20 26.98 19.24
N LEU I 104 21.98 27.33 19.69
CA LEU I 104 21.73 28.68 20.19
C LEU I 104 22.69 29.03 21.32
N ALA I 105 22.87 28.11 22.27
CA ALA I 105 23.80 28.30 23.38
C ALA I 105 25.25 28.35 22.92
N ALA I 106 25.53 27.94 21.68
CA ALA I 106 26.89 27.86 21.18
C ALA I 106 27.40 29.16 20.55
N GLY I 107 26.54 30.18 20.41
CA GLY I 107 27.00 31.44 19.84
C GLY I 107 28.06 32.11 20.70
N ALA I 108 28.75 33.08 20.10
CA ALA I 108 29.74 33.88 20.82
C ALA I 108 29.15 34.43 22.12
N LYS I 109 29.85 34.21 23.23
CA LYS I 109 29.32 34.64 24.53
C LYS I 109 29.10 36.15 24.53
N GLY I 110 27.94 36.57 25.03
CA GLY I 110 27.49 37.94 24.88
C GLY I 110 26.71 38.23 23.61
N LYS I 111 26.71 37.35 22.62
CA LYS I 111 26.02 37.60 21.37
C LYS I 111 25.00 36.48 21.05
N ARG I 112 24.34 35.95 22.09
CA ARG I 112 23.31 34.93 21.95
C ARG I 112 21.98 35.54 22.35
N PHE I 113 21.01 35.54 21.43
CA PHE I 113 19.77 36.28 21.57
C PHE I 113 18.56 35.39 21.29
N ALA I 114 17.42 35.83 21.81
CA ALA I 114 16.13 35.30 21.41
C ALA I 114 15.16 36.46 21.32
N LEU I 115 14.25 36.40 20.34
CA LEU I 115 13.18 37.39 20.28
C LEU I 115 12.17 37.09 21.39
N PRO I 116 11.35 38.08 21.79
CA PRO I 116 10.64 37.95 23.07
C PRO I 116 9.68 36.75 23.15
N ASN I 117 9.05 36.35 22.06
CA ASN I 117 8.09 35.25 22.10
C ASN I 117 8.65 33.95 21.57
N ALA I 118 9.95 33.92 21.27
CA ALA I 118 10.61 32.69 20.85
C ALA I 118 10.62 31.69 22.01
N GLU I 119 10.61 30.41 21.66
CA GLU I 119 10.55 29.33 22.64
C GLU I 119 11.84 28.53 22.57
N VAL I 120 12.33 28.12 23.73
CA VAL I 120 13.51 27.27 23.80
C VAL I 120 13.11 25.99 24.52
N MET I 121 13.56 24.84 24.00
CA MET I 121 13.29 23.59 24.68
C MET I 121 14.56 22.75 24.76
N ILE I 122 14.81 22.19 25.93
CA ILE I 122 15.96 21.32 26.15
C ILE I 122 15.47 19.98 26.65
N HIS I 123 16.17 18.91 26.26
CA HIS I 123 15.85 17.56 26.71
C HIS I 123 17.04 16.65 26.39
N GLN I 124 16.91 15.39 26.73
CA GLN I 124 18.01 14.46 26.56
C GLN I 124 17.95 13.84 25.16
N PRO I 125 19.05 13.23 24.70
CA PRO I 125 19.04 12.59 23.37
C PRO I 125 18.03 11.45 23.27
N LEU I 126 17.63 11.18 22.03
CA LEU I 126 16.71 10.09 21.70
C LEU I 126 17.34 9.21 20.64
N GLY I 127 17.04 7.92 20.70
CA GLY I 127 17.60 7.03 19.72
C GLY I 127 16.85 5.72 19.70
N GLY I 128 17.49 4.74 19.08
CA GLY I 128 16.93 3.41 18.99
C GLY I 128 18.07 2.43 18.83
N ALA I 129 17.76 1.18 19.17
CA ALA I 129 18.74 0.11 19.15
C ALA I 129 17.99 -1.18 18.88
N GLN I 130 18.48 -1.97 17.91
CA GLN I 130 17.89 -3.26 17.56
C GLN I 130 19.01 -4.31 17.41
N GLY I 131 18.80 -5.51 17.97
CA GLY I 131 19.71 -6.61 17.71
C GLY I 131 20.02 -7.43 18.95
N GLN I 132 21.21 -8.00 18.97
CA GLN I 132 21.64 -8.80 20.11
C GLN I 132 21.82 -7.93 21.35
N ALA I 133 21.68 -8.56 22.52
CA ALA I 133 21.95 -7.91 23.80
C ALA I 133 23.25 -7.12 23.76
N THR I 134 24.31 -7.73 23.22
CA THR I 134 25.61 -7.08 23.09
C THR I 134 25.51 -5.79 22.28
N GLU I 135 24.74 -5.80 21.18
CA GLU I 135 24.64 -4.61 20.34
C GLU I 135 23.79 -3.54 21.02
N ILE I 136 22.74 -3.96 21.73
CA ILE I 136 21.92 -2.99 22.47
C ILE I 136 22.77 -2.33 23.55
N GLU I 137 23.62 -3.12 24.21
CA GLU I 137 24.56 -2.56 25.17
C GLU I 137 25.47 -1.52 24.53
N ILE I 138 26.07 -1.85 23.37
CA ILE I 138 26.94 -0.90 22.69
C ILE I 138 26.18 0.40 22.37
N ALA I 139 24.96 0.27 21.86
CA ALA I 139 24.18 1.47 21.52
C ALA I 139 23.83 2.26 22.76
N ALA I 140 23.47 1.58 23.85
CA ALA I 140 23.14 2.29 25.08
C ALA I 140 24.36 3.07 25.60
N ASN I 141 25.53 2.41 25.65
CA ASN I 141 26.72 3.12 26.13
C ASN I 141 27.04 4.31 25.26
N HIS I 142 26.89 4.14 23.95
CA HIS I 142 27.11 5.26 23.03
C HIS I 142 26.20 6.45 23.34
N ILE I 143 24.89 6.21 23.45
CA ILE I 143 24.00 7.36 23.58
C ILE I 143 24.14 7.99 24.97
N LEU I 144 24.47 7.18 25.99
CA LEU I 144 24.73 7.75 27.30
C LEU I 144 26.00 8.58 27.32
N LYS I 145 27.06 8.10 26.66
CA LYS I 145 28.28 8.90 26.57
C LYS I 145 28.02 10.18 25.76
N THR I 146 27.15 10.11 24.75
CA THR I 146 26.82 11.30 23.98
C THR I 146 26.07 12.30 24.85
N ARG I 147 25.20 11.81 25.74
CA ARG I 147 24.48 12.70 26.63
C ARG I 147 25.43 13.40 27.60
N GLU I 148 26.43 12.67 28.12
CA GLU I 148 27.43 13.30 28.99
C GLU I 148 28.21 14.37 28.25
N LYS I 149 28.64 14.09 27.02
CA LYS I 149 29.32 15.09 26.22
C LYS I 149 28.46 16.34 26.06
N LEU I 150 27.19 16.17 25.72
CA LEU I 150 26.29 17.32 25.54
C LEU I 150 26.10 18.09 26.83
N ASN I 151 25.97 17.38 27.97
CA ASN I 151 25.76 18.04 29.25
C ASN I 151 26.99 18.82 29.69
N ARG I 152 28.18 18.24 29.50
CA ARG I 152 29.41 18.94 29.85
C ARG I 152 29.52 20.24 29.07
N ILE I 153 29.32 20.19 27.75
CA ILE I 153 29.38 21.40 26.94
C ILE I 153 28.31 22.40 27.35
N LEU I 154 27.07 21.93 27.53
CA LEU I 154 26.00 22.85 27.91
C LEU I 154 26.27 23.48 29.27
N SER I 155 26.86 22.71 30.19
CA SER I 155 27.27 23.25 31.48
C SER I 155 28.26 24.40 31.31
N GLU I 156 29.30 24.19 30.48
CA GLU I 156 30.27 25.22 30.16
C GLU I 156 29.63 26.46 29.50
N ARG I 157 28.66 26.28 28.60
CA ARG I 157 28.08 27.42 27.89
C ARG I 157 27.06 28.18 28.73
N THR I 158 26.44 27.54 29.72
CA THR I 158 25.38 28.20 30.48
C THR I 158 25.82 28.60 31.88
N GLY I 159 26.88 28.00 32.41
CA GLY I 159 27.21 28.18 33.81
C GLY I 159 26.44 27.31 34.77
N GLN I 160 25.48 26.50 34.32
CA GLN I 160 24.82 25.57 35.22
C GLN I 160 25.69 24.35 35.46
N SER I 161 25.49 23.72 36.61
CA SER I 161 26.21 22.48 36.89
C SER I 161 25.72 21.35 35.99
N ILE I 162 26.59 20.37 35.78
CA ILE I 162 26.21 19.19 35.02
C ILE I 162 25.04 18.48 35.66
N GLU I 163 24.98 18.42 37.00
CA GLU I 163 23.88 17.78 37.70
C GLU I 163 22.55 18.50 37.44
N LYS I 164 22.58 19.82 37.43
CA LYS I 164 21.37 20.56 37.11
C LYS I 164 20.95 20.35 35.66
N ILE I 165 21.91 20.42 34.71
CA ILE I 165 21.59 20.14 33.31
C ILE I 165 20.94 18.77 33.18
N GLN I 166 21.50 17.76 33.85
CA GLN I 166 20.97 16.41 33.77
C GLN I 166 19.54 16.36 34.26
N GLN I 167 19.27 16.98 35.42
CA GLN I 167 17.89 16.97 35.96
C GLN I 167 16.95 17.67 35.01
N ASP I 168 17.37 18.86 34.50
CA ASP I 168 16.49 19.70 33.71
C ASP I 168 16.26 19.17 32.30
N THR I 169 16.95 18.11 31.88
CA THR I 169 16.74 17.56 30.55
C THR I 169 16.15 16.16 30.59
N ASP I 170 15.84 15.66 31.78
CA ASP I 170 15.29 14.30 31.87
C ASP I 170 14.02 14.16 31.05
N ARG I 171 13.17 15.19 31.06
CA ARG I 171 12.00 15.28 30.20
C ARG I 171 12.06 16.58 29.41
N ASP I 172 11.18 16.69 28.40
CA ASP I 172 11.04 17.94 27.66
C ASP I 172 10.83 19.11 28.61
N ASN I 173 11.71 20.11 28.48
CA ASN I 173 11.71 21.27 29.35
C ASN I 173 11.58 22.52 28.47
N PHE I 174 10.39 23.13 28.44
CA PHE I 174 10.16 24.35 27.68
C PHE I 174 10.49 25.59 28.49
N LEU I 175 11.18 26.54 27.84
CA LEU I 175 11.59 27.81 28.44
C LEU I 175 11.12 28.96 27.55
N THR I 176 10.57 30.00 28.17
CA THR I 176 10.39 31.30 27.50
C THR I 176 11.76 31.91 27.21
N ALA I 177 11.76 32.92 26.35
CA ALA I 177 13.00 33.66 26.10
C ALA I 177 13.61 34.20 27.40
N ALA I 178 12.77 34.80 28.27
CA ALA I 178 13.29 35.33 29.53
C ALA I 178 13.87 34.22 30.40
N GLU I 179 13.19 33.07 30.45
CA GLU I 179 13.73 31.93 31.21
C GLU I 179 15.03 31.42 30.59
N ALA I 180 15.12 31.45 29.26
CA ALA I 180 16.35 31.01 28.60
C ALA I 180 17.51 31.92 28.97
N LYS I 181 17.26 33.24 29.09
CA LYS I 181 18.31 34.16 29.51
C LYS I 181 18.72 33.89 30.96
N GLU I 182 17.77 33.82 31.88
CA GLU I 182 18.08 33.42 33.26
C GLU I 182 18.87 32.11 33.32
N TYR I 183 18.55 31.15 32.43
CA TYR I 183 19.22 29.85 32.47
C TYR I 183 20.67 29.95 32.02
N GLY I 184 21.02 30.94 31.22
CA GLY I 184 22.32 31.00 30.58
C GLY I 184 22.39 30.48 29.16
N LEU I 185 21.24 30.12 28.57
CA LEU I 185 21.26 29.63 27.19
C LEU I 185 21.45 30.78 26.20
N ILE I 186 20.96 31.98 26.54
CA ILE I 186 21.18 33.19 25.74
C ILE I 186 21.67 34.27 26.70
N ASP I 187 22.11 35.38 26.12
CA ASP I 187 22.57 36.52 26.89
C ASP I 187 21.54 37.63 27.02
N GLU I 188 20.71 37.84 25.99
CA GLU I 188 19.76 38.95 25.95
C GLU I 188 18.51 38.53 25.19
N VAL I 189 17.36 39.04 25.66
CA VAL I 189 16.12 39.05 24.90
C VAL I 189 16.08 40.35 24.12
N MET I 190 15.88 40.23 22.83
CA MET I 190 16.05 41.36 21.94
C MET I 190 14.73 42.12 21.98
N GLU I 191 14.67 43.32 22.61
CA GLU I 191 13.33 43.93 22.65
C GLU I 191 13.12 44.77 21.39
N PRO I 192 11.87 45.12 21.05
CA PRO I 192 11.59 45.86 19.81
C PRO I 192 12.14 47.29 19.74
N ILE J 4 22.99 24.40 -0.73
CA ILE J 4 21.89 25.08 -1.40
C ILE J 4 22.17 26.56 -1.84
N PRO J 5 22.82 27.42 -1.04
CA PRO J 5 22.87 28.85 -1.39
C PRO J 5 23.90 29.17 -2.49
N THR J 6 23.69 30.33 -3.11
CA THR J 6 24.48 30.83 -4.23
C THR J 6 25.37 32.01 -3.82
N VAL J 7 26.59 32.08 -4.33
CA VAL J 7 27.42 33.26 -3.99
C VAL J 7 27.73 34.14 -5.20
N TYR J 18 28.14 30.59 -8.61
CA TYR J 18 28.52 29.38 -7.89
C TYR J 18 27.50 28.98 -6.83
N ASP J 19 27.25 27.67 -6.63
CA ASP J 19 26.66 27.24 -5.36
C ASP J 19 27.76 27.25 -4.27
N ILE J 20 27.35 27.12 -3.00
CA ILE J 20 28.33 27.28 -1.92
C ILE J 20 29.45 26.23 -2.03
N TYR J 21 29.12 25.01 -2.46
CA TYR J 21 30.17 23.98 -2.53
C TYR J 21 31.10 24.21 -3.72
N SER J 22 30.55 24.74 -4.83
CA SER J 22 31.39 25.11 -5.96
C SER J 22 32.34 26.24 -5.58
N ARG J 23 31.86 27.18 -4.78
CA ARG J 23 32.72 28.25 -4.29
C ARG J 23 33.86 27.70 -3.43
N LEU J 24 33.58 26.74 -2.55
CA LEU J 24 34.68 26.16 -1.75
C LEU J 24 35.62 25.30 -2.60
N LEU J 25 35.10 24.65 -3.65
CA LEU J 25 35.98 23.87 -4.53
C LEU J 25 37.02 24.77 -5.19
N LYS J 26 36.66 26.03 -5.47
CA LYS J 26 37.63 27.00 -5.98
C LYS J 26 38.83 27.13 -5.05
N ASP J 27 38.64 26.99 -3.73
CA ASP J 27 39.73 26.99 -2.75
C ASP J 27 40.25 25.58 -2.44
N ARG J 28 39.98 24.59 -3.29
CA ARG J 28 40.51 23.24 -3.14
C ARG J 28 39.94 22.54 -1.91
N ILE J 29 38.70 22.89 -1.53
CA ILE J 29 37.98 22.23 -0.45
C ILE J 29 36.89 21.35 -1.07
N ILE J 30 36.91 20.06 -0.73
CA ILE J 30 35.87 19.10 -1.11
C ILE J 30 35.07 18.74 0.14
N MET J 31 33.74 18.78 0.04
CA MET J 31 32.86 18.47 1.18
C MET J 31 32.24 17.09 0.96
N LEU J 32 32.63 16.11 1.77
CA LEU J 32 32.00 14.79 1.78
C LEU J 32 31.04 14.76 2.97
N GLY J 33 29.76 15.01 2.72
CA GLY J 33 28.82 15.22 3.80
C GLY J 33 27.61 14.31 3.73
N SER J 34 27.79 13.08 3.27
CA SER J 34 26.67 12.18 3.07
C SER J 34 27.16 10.74 3.09
N GLN J 35 26.22 9.83 2.85
CA GLN J 35 26.53 8.42 2.66
C GLN J 35 27.33 8.22 1.36
N ILE J 36 28.28 7.31 1.42
CA ILE J 36 29.20 7.08 0.31
C ILE J 36 28.59 5.98 -0.57
N ASP J 37 28.05 6.39 -1.71
CA ASP J 37 27.57 5.49 -2.74
C ASP J 37 28.33 5.80 -4.03
N ASP J 38 27.94 5.13 -5.12
CA ASP J 38 28.67 5.28 -6.37
C ASP J 38 28.60 6.70 -6.92
N ASN J 39 27.46 7.39 -6.77
CA ASN J 39 27.35 8.75 -7.31
C ASN J 39 28.23 9.72 -6.51
N VAL J 40 28.21 9.59 -5.18
CA VAL J 40 29.06 10.40 -4.32
C VAL J 40 30.53 10.18 -4.64
N ALA J 41 30.93 8.92 -4.82
CA ALA J 41 32.32 8.62 -5.15
C ALA J 41 32.69 9.20 -6.50
N ASN J 42 31.80 9.05 -7.48
CA ASN J 42 32.04 9.61 -8.81
C ASN J 42 32.30 11.11 -8.73
N SER J 43 31.52 11.82 -7.94
CA SER J 43 31.69 13.25 -7.80
C SER J 43 33.00 13.59 -7.09
N ILE J 44 33.29 12.90 -5.97
CA ILE J 44 34.51 13.19 -5.21
C ILE J 44 35.74 12.89 -6.05
N VAL J 45 35.76 11.73 -6.71
CA VAL J 45 36.88 11.38 -7.58
C VAL J 45 37.07 12.45 -8.64
N SER J 46 35.96 12.88 -9.25
CA SER J 46 36.03 13.90 -10.30
C SER J 46 36.57 15.21 -9.76
N GLN J 47 36.18 15.58 -8.54
CA GLN J 47 36.70 16.81 -7.95
C GLN J 47 38.19 16.68 -7.66
N LEU J 48 38.63 15.51 -7.18
CA LEU J 48 40.05 15.29 -6.93
C LEU J 48 40.86 15.38 -8.22
N LEU J 49 40.40 14.68 -9.28
CA LEU J 49 41.10 14.75 -10.56
C LEU J 49 41.16 16.18 -11.07
N PHE J 50 40.06 16.91 -10.95
CA PHE J 50 40.04 18.29 -11.43
C PHE J 50 40.99 19.17 -10.63
N LEU J 51 40.99 19.05 -9.30
CA LEU J 51 41.88 19.88 -8.49
C LEU J 51 43.34 19.61 -8.82
N GLN J 52 43.67 18.35 -9.10
CA GLN J 52 45.04 17.99 -9.47
C GLN J 52 45.41 18.58 -10.83
N ALA J 53 44.50 18.51 -11.80
CA ALA J 53 44.76 19.10 -13.10
C ALA J 53 44.94 20.62 -12.99
N GLN J 54 44.31 21.25 -11.99
CA GLN J 54 44.44 22.70 -11.87
C GLN J 54 45.80 23.07 -11.30
N ASP J 55 46.28 22.28 -10.33
CA ASP J 55 47.52 22.53 -9.62
C ASP J 55 47.93 21.22 -8.96
N SER J 56 49.03 20.64 -9.41
CA SER J 56 49.42 19.33 -8.92
C SER J 56 50.24 19.41 -7.62
N GLU J 57 50.52 20.63 -7.12
CA GLU J 57 51.38 20.85 -5.95
C GLU J 57 50.65 21.33 -4.69
N LYS J 58 49.54 22.07 -4.82
CA LYS J 58 48.84 22.63 -3.66
C LYS J 58 47.97 21.56 -2.97
N ASP J 59 47.94 21.61 -1.64
CA ASP J 59 47.12 20.71 -0.85
C ASP J 59 45.64 20.79 -1.25
N ILE J 60 44.94 19.67 -1.07
CA ILE J 60 43.49 19.59 -1.16
C ILE J 60 42.94 19.36 0.25
N TYR J 61 41.77 19.91 0.55
CA TYR J 61 41.15 19.71 1.85
C TYR J 61 39.84 18.95 1.70
N LEU J 62 39.75 17.78 2.33
CA LEU J 62 38.57 16.92 2.27
C LEU J 62 37.92 16.89 3.63
N TYR J 63 36.80 17.60 3.77
CA TYR J 63 36.01 17.53 4.99
C TYR J 63 35.11 16.29 4.93
N ILE J 64 35.04 15.57 6.06
CA ILE J 64 34.33 14.29 6.11
C ILE J 64 33.31 14.36 7.24
N ASN J 65 32.03 14.33 6.88
CA ASN J 65 30.91 14.08 7.79
C ASN J 65 30.06 13.02 7.11
N SER J 66 30.27 11.75 7.48
CA SER J 66 29.69 10.66 6.71
C SER J 66 29.40 9.45 7.60
N PRO J 67 28.24 8.84 7.48
CA PRO J 67 27.97 7.58 8.19
C PRO J 67 28.59 6.36 7.54
N GLY J 68 29.23 6.51 6.38
CA GLY J 68 29.84 5.39 5.70
C GLY J 68 29.18 5.11 4.37
N GLY J 69 29.32 3.88 3.93
CA GLY J 69 28.65 3.46 2.70
C GLY J 69 29.37 2.30 2.03
N SER J 70 29.26 2.27 0.70
CA SER J 70 29.77 1.17 -0.11
C SER J 70 31.28 1.06 0.00
N VAL J 71 31.78 -0.17 0.16
CA VAL J 71 33.22 -0.37 0.27
C VAL J 71 33.90 -0.03 -1.05
N THR J 72 33.34 -0.50 -2.18
CA THR J 72 33.98 -0.23 -3.46
C THR J 72 33.90 1.26 -3.81
N ALA J 73 32.78 1.92 -3.52
CA ALA J 73 32.73 3.37 -3.74
C ALA J 73 33.80 4.07 -2.90
N GLY J 74 33.96 3.64 -1.65
CA GLY J 74 34.98 4.23 -0.80
C GLY J 74 36.38 3.99 -1.34
N PHE J 75 36.62 2.82 -1.92
CA PHE J 75 37.95 2.54 -2.47
C PHE J 75 38.21 3.32 -3.75
N ALA J 76 37.17 3.65 -4.53
CA ALA J 76 37.38 4.55 -5.64
C ALA J 76 37.95 5.87 -5.16
N ILE J 77 37.39 6.40 -4.06
CA ILE J 77 37.91 7.64 -3.47
C ILE J 77 39.29 7.40 -2.88
N TYR J 78 39.46 6.32 -2.10
CA TYR J 78 40.74 6.06 -1.45
C TYR J 78 41.88 5.95 -2.46
N ASP J 79 41.70 5.14 -3.51
CA ASP J 79 42.79 4.96 -4.46
C ASP J 79 43.07 6.23 -5.23
N THR J 80 42.04 7.06 -5.48
CA THR J 80 42.28 8.34 -6.13
C THR J 80 43.11 9.26 -5.25
N ILE J 81 42.81 9.30 -3.94
CA ILE J 81 43.63 10.09 -3.01
C ILE J 81 45.09 9.66 -3.10
N GLN J 82 45.36 8.35 -3.02
CA GLN J 82 46.74 7.90 -3.05
C GLN J 82 47.38 8.05 -4.42
N HIS J 83 46.58 8.16 -5.48
CA HIS J 83 47.14 8.25 -6.82
C HIS J 83 47.65 9.66 -7.13
N ILE J 84 46.87 10.69 -6.79
CA ILE J 84 47.15 12.05 -7.26
C ILE J 84 48.37 12.62 -6.53
N LYS J 85 49.05 13.58 -7.21
CA LYS J 85 50.24 14.20 -6.61
C LYS J 85 49.93 15.05 -5.38
N PRO J 86 48.90 15.91 -5.37
CA PRO J 86 48.67 16.75 -4.17
C PRO J 86 48.38 15.91 -2.94
N ASP J 87 48.90 16.39 -1.81
CA ASP J 87 48.44 15.91 -0.51
C ASP J 87 46.96 16.23 -0.33
N VAL J 88 46.24 15.29 0.26
CA VAL J 88 44.83 15.47 0.59
C VAL J 88 44.74 15.46 2.11
N GLN J 89 44.45 16.61 2.70
CA GLN J 89 44.17 16.67 4.12
C GLN J 89 42.73 16.19 4.36
N THR J 90 42.53 15.47 5.47
CA THR J 90 41.20 15.02 5.86
C THR J 90 40.83 15.65 7.19
N ILE J 91 39.62 16.20 7.27
CA ILE J 91 39.13 16.89 8.47
C ILE J 91 37.78 16.28 8.81
N CYS J 92 37.69 15.60 9.94
CA CYS J 92 36.43 15.02 10.37
C CYS J 92 35.63 16.06 11.16
N ILE J 93 34.43 16.37 10.69
CA ILE J 93 33.47 17.16 11.46
C ILE J 93 32.21 16.32 11.66
N GLY J 94 31.67 16.36 12.87
CA GLY J 94 30.44 15.61 13.12
C GLY J 94 30.70 14.14 13.33
N MET J 95 30.77 13.35 12.23
CA MET J 95 30.78 11.88 12.25
C MET J 95 31.65 11.36 11.10
N ALA J 96 32.69 10.52 11.37
CA ALA J 96 33.28 9.66 10.33
C ALA J 96 33.12 8.22 10.80
N ALA J 97 32.17 7.50 10.19
CA ALA J 97 31.84 6.15 10.60
C ALA J 97 32.11 5.19 9.46
N SER J 98 32.60 4.00 9.79
CA SER J 98 32.68 2.90 8.82
C SER J 98 33.58 3.39 7.68
N MET J 99 33.14 3.34 6.42
CA MET J 99 34.00 3.78 5.33
C MET J 99 34.35 5.26 5.45
N GLY J 100 33.55 6.04 6.19
CA GLY J 100 33.94 7.41 6.45
C GLY J 100 35.18 7.50 7.31
N SER J 101 35.30 6.64 8.34
CA SER J 101 36.52 6.67 9.15
C SER J 101 37.69 6.07 8.37
N PHE J 102 37.43 5.12 7.47
CA PHE J 102 38.49 4.60 6.62
C PHE J 102 39.09 5.71 5.75
N LEU J 103 38.24 6.55 5.15
CA LEU J 103 38.75 7.63 4.31
C LEU J 103 39.44 8.73 5.14
N LEU J 104 38.94 9.00 6.35
CA LEU J 104 39.61 9.93 7.25
C LEU J 104 41.05 9.48 7.50
N ALA J 105 41.25 8.20 7.78
CA ALA J 105 42.57 7.63 8.00
C ALA J 105 43.43 7.65 6.75
N ALA J 106 42.82 7.90 5.58
CA ALA J 106 43.53 7.84 4.31
C ALA J 106 44.17 9.16 3.91
N GLY J 107 43.94 10.25 4.66
CA GLY J 107 44.56 11.52 4.32
C GLY J 107 46.07 11.46 4.42
N ALA J 108 46.72 12.46 3.81
CA ALA J 108 48.18 12.60 3.90
C ALA J 108 48.65 12.51 5.35
N LYS J 109 49.63 11.64 5.61
CA LYS J 109 50.08 11.44 6.97
C LYS J 109 50.61 12.75 7.55
N GLY J 110 50.21 13.06 8.78
CA GLY J 110 50.42 14.36 9.37
C GLY J 110 49.34 15.39 9.08
N LYS J 111 48.44 15.13 8.13
CA LYS J 111 47.41 16.11 7.78
C LYS J 111 46.00 15.51 7.92
N ARG J 112 45.80 14.65 8.92
CA ARG J 112 44.51 14.04 9.22
C ARG J 112 44.02 14.59 10.55
N PHE J 113 42.84 15.21 10.53
CA PHE J 113 42.34 15.98 11.66
C PHE J 113 40.90 15.58 12.01
N ALA J 114 40.53 15.88 13.25
CA ALA J 114 39.13 15.86 13.66
C ALA J 114 38.91 17.06 14.57
N LEU J 115 37.73 17.66 14.48
CA LEU J 115 37.36 18.71 15.40
C LEU J 115 37.04 18.07 16.77
N PRO J 116 37.10 18.85 17.86
CA PRO J 116 37.16 18.21 19.19
C PRO J 116 35.96 17.32 19.54
N ASN J 117 34.76 17.65 19.07
CA ASN J 117 33.57 16.87 19.42
C ASN J 117 33.13 15.94 18.30
N ALA J 118 33.91 15.84 17.24
CA ALA J 118 33.63 14.90 16.16
C ALA J 118 33.77 13.48 16.68
N GLU J 119 33.00 12.57 16.08
CA GLU J 119 32.95 11.18 16.49
C GLU J 119 33.50 10.31 15.37
N VAL J 120 34.26 9.28 15.74
CA VAL J 120 34.78 8.33 14.77
C VAL J 120 34.26 6.96 15.17
N MET J 121 33.82 6.18 14.18
CA MET J 121 33.38 4.81 14.47
C MET J 121 33.98 3.84 13.46
N ILE J 122 34.50 2.73 13.96
CA ILE J 122 35.06 1.69 13.10
C ILE J 122 34.33 0.39 13.39
N HIS J 123 34.17 -0.44 12.36
CA HIS J 123 33.54 -1.75 12.49
C HIS J 123 33.84 -2.56 11.23
N GLN J 124 33.35 -3.77 11.20
CA GLN J 124 33.63 -4.66 10.09
C GLN J 124 32.61 -4.47 8.98
N PRO J 125 32.90 -4.93 7.75
CA PRO J 125 31.93 -4.79 6.66
C PRO J 125 30.63 -5.53 6.92
N LEU J 126 29.58 -5.06 6.25
CA LEU J 126 28.25 -5.66 6.31
C LEU J 126 27.77 -5.97 4.90
N GLY J 127 26.99 -7.03 4.79
CA GLY J 127 26.50 -7.39 3.47
C GLY J 127 25.35 -8.36 3.57
N GLY J 128 25.06 -8.97 2.44
CA GLY J 128 23.99 -9.95 2.37
C GLY J 128 24.30 -10.90 1.24
N ALA J 129 23.68 -12.07 1.31
CA ALA J 129 23.90 -13.13 0.35
C ALA J 129 22.63 -13.96 0.28
N GLN J 130 22.29 -14.42 -0.89
CA GLN J 130 21.05 -15.15 -1.01
C GLN J 130 21.14 -16.02 -2.26
N GLY J 131 20.79 -17.29 -2.11
CA GLY J 131 20.82 -18.24 -3.20
C GLY J 131 21.31 -19.61 -2.77
N GLN J 132 21.92 -20.32 -3.70
CA GLN J 132 22.46 -21.63 -3.42
C GLN J 132 23.62 -21.57 -2.42
N ALA J 133 23.82 -22.68 -1.69
CA ALA J 133 24.96 -22.82 -0.79
C ALA J 133 26.24 -22.35 -1.46
N THR J 134 26.47 -22.79 -2.70
CA THR J 134 27.66 -22.39 -3.46
C THR J 134 27.77 -20.87 -3.59
N GLU J 135 26.64 -20.19 -3.86
CA GLU J 135 26.67 -18.74 -4.04
C GLU J 135 26.89 -18.04 -2.70
N ILE J 136 26.28 -18.56 -1.63
CA ILE J 136 26.50 -17.98 -0.31
C ILE J 136 27.97 -18.13 0.08
N GLU J 137 28.57 -19.27 -0.25
CA GLU J 137 30.00 -19.46 -0.03
C GLU J 137 30.82 -18.40 -0.79
N ILE J 138 30.52 -18.20 -2.08
CA ILE J 138 31.24 -17.20 -2.86
C ILE J 138 31.11 -15.83 -2.22
N ALA J 139 29.90 -15.44 -1.80
CA ALA J 139 29.71 -14.13 -1.19
C ALA J 139 30.43 -14.03 0.14
N ALA J 140 30.41 -15.10 0.94
CA ALA J 140 31.13 -15.07 2.22
C ALA J 140 32.63 -14.89 2.00
N ASN J 141 33.22 -15.66 1.08
CA ASN J 141 34.66 -15.53 0.83
C ASN J 141 34.98 -14.13 0.36
N HIS J 142 34.14 -13.57 -0.52
CA HIS J 142 34.35 -12.21 -0.97
C HIS J 142 34.38 -11.20 0.17
N ILE J 143 33.36 -11.23 1.04
CA ILE J 143 33.29 -10.18 2.05
C ILE J 143 34.39 -10.38 3.10
N LEU J 144 34.77 -11.64 3.37
CA LEU J 144 35.89 -11.88 4.28
C LEU J 144 37.21 -11.39 3.69
N LYS J 145 37.43 -11.65 2.39
CA LYS J 145 38.65 -11.13 1.76
C LYS J 145 38.63 -9.60 1.73
N THR J 146 37.44 -9.00 1.57
CA THR J 146 37.36 -7.55 1.60
C THR J 146 37.71 -7.01 2.98
N ARG J 147 37.30 -7.74 4.03
CA ARG J 147 37.62 -7.30 5.38
C ARG J 147 39.12 -7.37 5.63
N GLU J 148 39.79 -8.42 5.13
CA GLU J 148 41.24 -8.52 5.26
C GLU J 148 41.94 -7.37 4.53
N LYS J 149 41.49 -7.06 3.31
CA LYS J 149 42.05 -5.92 2.58
C LYS J 149 41.91 -4.63 3.39
N LEU J 150 40.72 -4.38 3.95
CA LEU J 150 40.50 -3.17 4.74
C LEU J 150 41.37 -3.14 5.98
N ASN J 151 41.51 -4.30 6.67
CA ASN J 151 42.32 -4.35 7.89
C ASN J 151 43.79 -4.13 7.60
N ARG J 152 44.30 -4.73 6.53
CA ARG J 152 45.70 -4.54 6.16
C ARG J 152 45.98 -3.05 5.91
N ILE J 153 45.14 -2.39 5.11
CA ILE J 153 45.34 -0.97 4.85
C ILE J 153 45.20 -0.16 6.13
N LEU J 154 44.18 -0.42 6.93
CA LEU J 154 44.00 0.34 8.17
C LEU J 154 45.17 0.14 9.11
N SER J 155 45.72 -1.08 9.14
CA SER J 155 46.92 -1.35 9.93
C SER J 155 48.08 -0.47 9.48
N GLU J 156 48.27 -0.32 8.16
CA GLU J 156 49.34 0.53 7.64
C GLU J 156 49.09 1.97 8.01
N ARG J 157 47.86 2.42 7.88
CA ARG J 157 47.59 3.85 8.08
C ARG J 157 47.62 4.25 9.55
N THR J 158 47.37 3.31 10.47
CA THR J 158 47.28 3.65 11.88
C THR J 158 48.49 3.22 12.68
N GLY J 159 49.26 2.25 12.18
CA GLY J 159 50.29 1.64 12.99
C GLY J 159 49.83 0.54 13.93
N GLN J 160 48.52 0.26 14.01
CA GLN J 160 48.06 -0.86 14.82
C GLN J 160 48.27 -2.17 14.06
N SER J 161 48.42 -3.25 14.81
CA SER J 161 48.53 -4.56 14.18
C SER J 161 47.20 -4.96 13.55
N ILE J 162 47.29 -5.85 12.55
CA ILE J 162 46.09 -6.39 11.93
C ILE J 162 45.22 -7.11 12.97
N GLU J 163 45.83 -7.81 13.92
CA GLU J 163 45.04 -8.51 14.93
C GLU J 163 44.27 -7.54 15.78
N LYS J 164 44.92 -6.46 16.19
CA LYS J 164 44.22 -5.46 16.97
C LYS J 164 43.08 -4.82 16.17
N ILE J 165 43.33 -4.46 14.90
CA ILE J 165 42.27 -3.92 14.06
C ILE J 165 41.09 -4.90 14.01
N GLN J 166 41.39 -6.19 13.82
CA GLN J 166 40.35 -7.19 13.72
C GLN J 166 39.51 -7.24 15.00
N GLN J 167 40.17 -7.20 16.17
CA GLN J 167 39.45 -7.26 17.47
C GLN J 167 38.63 -6.00 17.68
N ASP J 168 39.20 -4.87 17.30
CA ASP J 168 38.52 -3.60 17.56
C ASP J 168 37.40 -3.29 16.58
N THR J 169 37.21 -4.09 15.53
CA THR J 169 36.14 -3.85 14.59
C THR J 169 35.10 -4.95 14.60
N ASP J 170 35.23 -5.93 15.50
CA ASP J 170 34.27 -7.02 15.54
C ASP J 170 32.85 -6.49 15.76
N ARG J 171 32.70 -5.49 16.61
CA ARG J 171 31.45 -4.78 16.82
C ARG J 171 31.68 -3.29 16.59
N ASP J 172 30.59 -2.53 16.50
CA ASP J 172 30.67 -1.07 16.43
C ASP J 172 31.53 -0.53 17.55
N ASN J 173 32.56 0.21 17.18
CA ASN J 173 33.53 0.77 18.12
C ASN J 173 33.56 2.28 17.94
N PHE J 174 32.95 3.02 18.88
CA PHE J 174 32.96 4.48 18.84
C PHE J 174 34.17 5.06 19.55
N LEU J 175 34.78 6.07 18.91
CA LEU J 175 35.96 6.76 19.43
C LEU J 175 35.70 8.26 19.43
N THR J 176 36.07 8.92 20.53
CA THR J 176 36.20 10.38 20.54
C THR J 176 37.33 10.81 19.62
N ALA J 177 37.36 12.10 19.30
CA ALA J 177 38.48 12.64 18.53
C ALA J 177 39.83 12.33 19.19
N ALA J 178 39.92 12.52 20.51
CA ALA J 178 41.18 12.26 21.21
C ALA J 178 41.54 10.78 21.11
N GLU J 179 40.55 9.89 21.26
CA GLU J 179 40.80 8.46 21.12
C GLU J 179 41.20 8.12 19.69
N ALA J 180 40.62 8.80 18.71
CA ALA J 180 40.99 8.56 17.32
C ALA J 180 42.44 8.94 17.07
N LYS J 181 42.92 10.03 17.69
CA LYS J 181 44.32 10.41 17.55
C LYS J 181 45.23 9.38 18.22
N GLU J 182 44.90 8.94 19.44
CA GLU J 182 45.71 7.91 20.08
C GLU J 182 45.70 6.61 19.28
N TYR J 183 44.61 6.35 18.58
CA TYR J 183 44.53 5.11 17.80
C TYR J 183 45.39 5.17 16.54
N GLY J 184 45.71 6.36 16.05
CA GLY J 184 46.37 6.50 14.77
C GLY J 184 45.46 6.77 13.59
N LEU J 185 44.15 6.97 13.82
CA LEU J 185 43.24 7.26 12.72
C LEU J 185 43.41 8.70 12.21
N ILE J 186 43.76 9.61 13.11
CA ILE J 186 44.08 10.99 12.76
C ILE J 186 45.41 11.34 13.42
N ASP J 187 45.95 12.50 13.04
CA ASP J 187 47.20 12.99 13.60
C ASP J 187 47.01 14.05 14.69
N GLU J 188 45.97 14.88 14.57
CA GLU J 188 45.76 16.01 15.48
C GLU J 188 44.27 16.27 15.66
N VAL J 189 43.90 16.65 16.88
CA VAL J 189 42.61 17.26 17.17
C VAL J 189 42.77 18.76 17.02
N MET J 190 41.92 19.35 16.22
CA MET J 190 42.10 20.73 15.81
C MET J 190 41.51 21.58 16.93
N GLU J 191 42.33 22.27 17.76
CA GLU J 191 41.65 23.00 18.82
C GLU J 191 41.23 24.38 18.33
N PRO J 192 40.31 25.07 19.02
CA PRO J 192 39.81 26.38 18.54
C PRO J 192 40.83 27.52 18.54
N ILE K 4 27.87 16.72 -8.92
CA ILE K 4 27.06 17.83 -8.42
C ILE K 4 27.72 19.25 -8.50
N PRO K 5 29.01 19.44 -8.16
CA PRO K 5 29.53 20.82 -8.04
C PRO K 5 29.83 21.48 -9.39
N THR K 6 29.90 22.81 -9.34
CA THR K 6 30.10 23.68 -10.50
C THR K 6 31.50 24.30 -10.51
N TYR K 18 30.27 25.12 -16.03
CA TYR K 18 30.36 23.67 -16.14
C TYR K 18 30.01 22.95 -14.83
N ASP K 19 29.33 21.79 -14.90
CA ASP K 19 29.37 20.87 -13.76
C ASP K 19 30.73 20.14 -13.77
N ILE K 20 31.05 19.45 -12.68
CA ILE K 20 32.39 18.85 -12.57
C ILE K 20 32.63 17.84 -13.70
N TYR K 21 31.60 17.07 -14.11
CA TYR K 21 31.82 16.08 -15.16
C TYR K 21 31.96 16.74 -16.52
N SER K 22 31.25 17.84 -16.75
CA SER K 22 31.41 18.59 -17.99
C SER K 22 32.81 19.18 -18.07
N ARG K 23 33.34 19.66 -16.94
CA ARG K 23 34.71 20.15 -16.91
C ARG K 23 35.71 19.05 -17.25
N LEU K 24 35.53 17.82 -16.73
CA LEU K 24 36.46 16.75 -17.11
C LEU K 24 36.27 16.31 -18.56
N LEU K 25 35.05 16.38 -19.09
CA LEU K 25 34.84 16.04 -20.51
C LEU K 25 35.65 16.96 -21.42
N LYS K 26 35.84 18.23 -21.01
CA LYS K 26 36.72 19.14 -21.74
C LYS K 26 38.12 18.57 -21.90
N ASP K 27 38.61 17.79 -20.92
CA ASP K 27 39.90 17.10 -21.01
C ASP K 27 39.77 15.67 -21.54
N ARG K 28 38.67 15.34 -22.22
CA ARG K 28 38.49 14.02 -22.85
C ARG K 28 38.40 12.89 -21.81
N ILE K 29 37.89 13.20 -20.62
CA ILE K 29 37.64 12.22 -19.58
C ILE K 29 36.13 11.98 -19.50
N ILE K 30 35.72 10.72 -19.64
CA ILE K 30 34.33 10.29 -19.44
C ILE K 30 34.26 9.48 -18.16
N MET K 31 33.28 9.78 -17.30
CA MET K 31 33.10 9.09 -16.02
C MET K 31 31.90 8.14 -16.13
N LEU K 32 32.15 6.84 -16.12
CA LEU K 32 31.09 5.83 -16.06
C LEU K 32 31.03 5.37 -14.61
N GLY K 33 30.10 5.92 -13.83
CA GLY K 33 30.10 5.69 -12.39
C GLY K 33 28.77 5.17 -11.86
N SER K 34 28.09 4.34 -12.65
CA SER K 34 26.76 3.88 -12.26
C SER K 34 26.45 2.58 -12.98
N GLN K 35 25.26 2.06 -12.70
CA GLN K 35 24.69 1.00 -13.48
C GLN K 35 24.66 1.38 -14.95
N ILE K 36 24.76 0.37 -15.84
CA ILE K 36 24.71 0.60 -17.26
C ILE K 36 23.30 0.24 -17.75
N ASP K 37 22.51 1.26 -18.03
CA ASP K 37 21.20 1.12 -18.65
C ASP K 37 21.22 1.92 -19.95
N ASP K 38 20.06 1.99 -20.60
CA ASP K 38 19.99 2.64 -21.91
C ASP K 38 20.31 4.13 -21.84
N ASN K 39 19.90 4.82 -20.77
CA ASN K 39 20.18 6.26 -20.68
C ASN K 39 21.67 6.52 -20.46
N VAL K 40 22.29 5.72 -19.60
CA VAL K 40 23.74 5.80 -19.37
C VAL K 40 24.50 5.54 -20.66
N ALA K 41 24.11 4.51 -21.41
CA ALA K 41 24.78 4.19 -22.66
C ALA K 41 24.60 5.32 -23.66
N ASN K 42 23.41 5.86 -23.73
CA ASN K 42 23.15 6.93 -24.66
C ASN K 42 24.07 8.12 -24.37
N SER K 43 24.24 8.45 -23.10
CA SER K 43 25.12 9.55 -22.72
C SER K 43 26.57 9.24 -23.05
N ILE K 44 27.04 8.04 -22.69
CA ILE K 44 28.43 7.69 -22.93
C ILE K 44 28.73 7.66 -24.42
N VAL K 45 27.85 7.02 -25.20
CA VAL K 45 28.03 6.98 -26.65
C VAL K 45 28.10 8.41 -27.19
N SER K 46 27.19 9.27 -26.74
CA SER K 46 27.16 10.65 -27.21
C SER K 46 28.45 11.38 -26.85
N GLN K 47 28.99 11.13 -25.65
CA GLN K 47 30.25 11.77 -25.27
C GLN K 47 31.40 11.25 -26.12
N LEU K 48 31.41 9.95 -26.43
CA LEU K 48 32.45 9.39 -27.29
C LEU K 48 32.37 10.01 -28.69
N LEU K 49 31.18 10.04 -29.29
CA LEU K 49 31.03 10.64 -30.62
C LEU K 49 31.47 12.10 -30.60
N PHE K 50 31.10 12.83 -29.56
CA PHE K 50 31.47 14.24 -29.49
C PHE K 50 32.99 14.41 -29.35
N LEU K 51 33.63 13.62 -28.50
CA LEU K 51 35.07 13.75 -28.33
C LEU K 51 35.80 13.44 -29.62
N GLN K 52 35.30 12.47 -30.39
CA GLN K 52 35.91 12.14 -31.67
C GLN K 52 35.73 13.27 -32.68
N ALA K 53 34.54 13.86 -32.72
CA ALA K 53 34.31 15.00 -33.62
C ALA K 53 35.21 16.17 -33.25
N GLN K 54 35.59 16.30 -31.97
CA GLN K 54 36.42 17.43 -31.57
C GLN K 54 37.87 17.20 -32.01
N ASP K 55 38.35 15.96 -31.91
CA ASP K 55 39.73 15.60 -32.22
C ASP K 55 39.74 14.09 -32.40
N SER K 56 40.01 13.65 -33.62
CA SER K 56 39.94 12.23 -33.93
C SER K 56 41.23 11.48 -33.59
N GLU K 57 42.24 12.17 -33.03
CA GLU K 57 43.56 11.57 -32.80
C GLU K 57 43.93 11.47 -31.33
N LYS K 58 43.47 12.38 -30.48
CA LYS K 58 43.83 12.36 -29.06
C LYS K 58 43.09 11.26 -28.31
N ASP K 59 43.79 10.62 -27.38
CA ASP K 59 43.19 9.60 -26.53
C ASP K 59 41.98 10.13 -25.76
N ILE K 60 41.06 9.21 -25.47
CA ILE K 60 39.94 9.44 -24.55
C ILE K 60 40.19 8.60 -23.30
N TYR K 61 39.77 9.11 -22.15
CA TYR K 61 39.92 8.37 -20.90
C TYR K 61 38.55 8.04 -20.31
N LEU K 62 38.28 6.75 -20.16
CA LEU K 62 37.00 6.25 -19.64
C LEU K 62 37.25 5.63 -18.27
N TYR K 63 36.85 6.35 -17.21
CA TYR K 63 36.90 5.78 -15.86
C TYR K 63 35.67 4.94 -15.63
N ILE K 64 35.87 3.77 -15.02
CA ILE K 64 34.80 2.79 -14.86
C ILE K 64 34.70 2.43 -13.39
N ASN K 65 33.58 2.80 -12.76
CA ASN K 65 33.16 2.32 -11.45
C ASN K 65 31.69 1.92 -11.62
N SER K 66 31.43 0.63 -11.87
CA SER K 66 30.11 0.21 -12.29
C SER K 66 29.81 -1.22 -11.84
N PRO K 67 28.63 -1.47 -11.29
CA PRO K 67 28.23 -2.85 -10.97
C PRO K 67 27.76 -3.64 -12.18
N GLY K 68 27.68 -3.03 -13.36
CA GLY K 68 27.23 -3.71 -14.55
C GLY K 68 25.92 -3.15 -15.06
N GLY K 69 25.20 -3.98 -15.81
CA GLY K 69 23.89 -3.57 -16.28
C GLY K 69 23.51 -4.33 -17.55
N SER K 70 22.72 -3.64 -18.39
CA SER K 70 22.13 -4.23 -19.58
C SER K 70 23.21 -4.64 -20.58
N VAL K 71 23.07 -5.83 -21.15
CA VAL K 71 24.06 -6.31 -22.11
C VAL K 71 24.01 -5.46 -23.38
N THR K 72 22.79 -5.17 -23.88
CA THR K 72 22.71 -4.39 -25.10
C THR K 72 23.16 -2.95 -24.88
N ALA K 73 22.82 -2.35 -23.73
CA ALA K 73 23.35 -1.02 -23.45
C ALA K 73 24.88 -1.04 -23.41
N GLY K 74 25.46 -2.07 -22.80
CA GLY K 74 26.90 -2.19 -22.76
C GLY K 74 27.50 -2.36 -24.15
N PHE K 75 26.81 -3.07 -25.03
CA PHE K 75 27.33 -3.25 -26.39
C PHE K 75 27.21 -1.97 -27.22
N ALA K 76 26.22 -1.13 -26.94
CA ALA K 76 26.20 0.18 -27.58
C ALA K 76 27.47 0.94 -27.27
N ILE K 77 27.91 0.91 -26.00
CA ILE K 77 29.17 1.55 -25.62
C ILE K 77 30.35 0.82 -26.24
N TYR K 78 30.37 -0.52 -26.13
CA TYR K 78 31.50 -1.30 -26.63
C TYR K 78 31.73 -1.06 -28.12
N ASP K 79 30.67 -1.17 -28.93
CA ASP K 79 30.85 -1.02 -30.37
C ASP K 79 31.24 0.41 -30.73
N THR K 80 30.77 1.40 -29.97
CA THR K 80 31.19 2.77 -30.21
C THR K 80 32.68 2.95 -29.92
N ILE K 81 33.18 2.35 -28.83
CA ILE K 81 34.61 2.40 -28.55
C ILE K 81 35.40 1.85 -29.73
N GLN K 82 35.02 0.66 -30.22
CA GLN K 82 35.78 0.06 -31.31
C GLN K 82 35.57 0.79 -32.63
N HIS K 83 34.50 1.55 -32.77
CA HIS K 83 34.23 2.24 -34.03
C HIS K 83 35.09 3.49 -34.19
N ILE K 84 35.19 4.32 -33.15
CA ILE K 84 35.79 5.64 -33.28
C ILE K 84 37.31 5.54 -33.46
N LYS K 85 37.88 6.58 -34.11
CA LYS K 85 39.33 6.60 -34.36
C LYS K 85 40.15 6.72 -33.08
N PRO K 86 39.84 7.61 -32.12
CA PRO K 86 40.69 7.73 -30.93
C PRO K 86 40.75 6.44 -30.13
N ASP K 87 41.93 6.17 -29.58
CA ASP K 87 42.07 5.17 -28.54
C ASP K 87 41.27 5.60 -27.31
N VAL K 88 40.62 4.63 -26.69
CA VAL K 88 39.89 4.85 -25.44
C VAL K 88 40.61 4.07 -24.36
N GLN K 89 41.26 4.78 -23.44
CA GLN K 89 41.83 4.13 -22.28
C GLN K 89 40.73 3.85 -21.26
N THR K 90 40.82 2.71 -20.58
CA THR K 90 39.87 2.36 -19.54
C THR K 90 40.61 2.26 -18.21
N ILE K 91 40.05 2.89 -17.17
CA ILE K 91 40.66 2.92 -15.84
C ILE K 91 39.59 2.47 -14.85
N CYS K 92 39.80 1.33 -14.23
CA CYS K 92 38.87 0.83 -13.23
C CYS K 92 39.21 1.43 -11.86
N ILE K 93 38.25 2.14 -11.26
CA ILE K 93 38.35 2.57 -9.87
C ILE K 93 37.17 1.98 -9.10
N GLY K 94 37.43 1.46 -7.91
CA GLY K 94 36.35 0.92 -7.10
C GLY K 94 35.95 -0.46 -7.56
N MET K 95 35.11 -0.55 -8.58
CA MET K 95 34.58 -1.84 -9.02
C MET K 95 34.26 -1.77 -10.51
N ALA K 96 34.65 -2.83 -11.25
CA ALA K 96 34.10 -3.10 -12.59
C ALA K 96 33.56 -4.53 -12.56
N ALA K 97 32.23 -4.66 -12.53
CA ALA K 97 31.58 -5.96 -12.39
C ALA K 97 30.72 -6.21 -13.62
N SER K 98 30.69 -7.46 -14.06
CA SER K 98 29.72 -7.90 -15.08
C SER K 98 29.98 -7.05 -16.31
N MET K 99 28.99 -6.36 -16.88
CA MET K 99 29.23 -5.58 -18.08
C MET K 99 30.24 -4.46 -17.83
N GLY K 100 30.41 -4.05 -16.58
CA GLY K 100 31.47 -3.10 -16.28
C GLY K 100 32.84 -3.68 -16.53
N SER K 101 33.07 -4.95 -16.15
CA SER K 101 34.37 -5.55 -16.43
C SER K 101 34.52 -5.85 -17.92
N PHE K 102 33.42 -6.13 -18.61
CA PHE K 102 33.48 -6.31 -20.05
C PHE K 102 33.96 -5.04 -20.75
N LEU K 103 33.44 -3.87 -20.33
CA LEU K 103 33.86 -2.62 -20.96
C LEU K 103 35.30 -2.24 -20.57
N LEU K 104 35.71 -2.56 -19.33
CA LEU K 104 37.09 -2.36 -18.92
C LEU K 104 38.04 -3.11 -19.87
N ALA K 105 37.73 -4.38 -20.16
CA ALA K 105 38.52 -5.19 -21.08
C ALA K 105 38.47 -4.66 -22.51
N ALA K 106 37.54 -3.75 -22.81
CA ALA K 106 37.35 -3.25 -24.17
C ALA K 106 38.21 -2.05 -24.51
N GLY K 107 38.94 -1.49 -23.54
CA GLY K 107 39.80 -0.35 -23.84
C GLY K 107 40.91 -0.71 -24.83
N ALA K 108 41.52 0.34 -25.40
CA ALA K 108 42.66 0.16 -26.30
C ALA K 108 43.71 -0.74 -25.66
N LYS K 109 44.14 -1.77 -26.41
CA LYS K 109 45.08 -2.74 -25.86
C LYS K 109 46.38 -2.02 -25.46
N GLY K 110 46.88 -2.33 -24.27
CA GLY K 110 47.96 -1.57 -23.66
C GLY K 110 47.52 -0.37 -22.83
N LYS K 111 46.27 0.06 -22.93
CA LYS K 111 45.80 1.23 -22.18
C LYS K 111 44.59 0.89 -21.29
N ARG K 112 44.58 -0.31 -20.73
CA ARG K 112 43.53 -0.77 -19.81
C ARG K 112 44.14 -0.92 -18.42
N PHE K 113 43.59 -0.18 -17.46
CA PHE K 113 44.19 -0.03 -16.13
C PHE K 113 43.16 -0.30 -15.03
N ALA K 114 43.69 -0.63 -13.86
CA ALA K 114 42.92 -0.62 -12.62
C ALA K 114 43.79 -0.05 -11.53
N LEU K 115 43.19 0.70 -10.61
CA LEU K 115 43.91 1.16 -9.43
C LEU K 115 44.11 -0.02 -8.48
N PRO K 116 45.08 0.06 -7.57
CA PRO K 116 45.53 -1.18 -6.89
C PRO K 116 44.44 -1.90 -6.09
N ASN K 117 43.49 -1.18 -5.49
CA ASN K 117 42.47 -1.81 -4.66
C ASN K 117 41.14 -1.94 -5.37
N ALA K 118 41.09 -1.61 -6.65
CA ALA K 118 39.88 -1.79 -7.44
C ALA K 118 39.57 -3.28 -7.58
N GLU K 119 38.29 -3.60 -7.72
CA GLU K 119 37.82 -4.97 -7.79
C GLU K 119 37.22 -5.22 -9.16
N VAL K 120 37.47 -6.39 -9.72
CA VAL K 120 36.89 -6.77 -10.99
C VAL K 120 36.08 -8.04 -10.75
N MET K 121 34.89 -8.12 -11.32
CA MET K 121 34.09 -9.34 -11.21
C MET K 121 33.53 -9.72 -12.57
N ILE K 122 33.63 -11.00 -12.91
CA ILE K 122 33.09 -11.53 -14.16
C ILE K 122 32.12 -12.65 -13.82
N HIS K 123 31.07 -12.77 -14.64
CA HIS K 123 30.08 -13.84 -14.47
C HIS K 123 29.26 -13.91 -15.76
N GLN K 124 28.31 -14.83 -15.78
CA GLN K 124 27.52 -15.06 -16.97
C GLN K 124 26.30 -14.15 -16.97
N PRO K 125 25.64 -13.95 -18.12
CA PRO K 125 24.44 -13.11 -18.16
C PRO K 125 23.31 -13.64 -17.30
N LEU K 126 22.43 -12.72 -16.89
CA LEU K 126 21.24 -13.02 -16.11
C LEU K 126 20.02 -12.48 -16.82
N GLY K 127 18.90 -13.18 -16.66
CA GLY K 127 17.70 -12.71 -17.31
C GLY K 127 16.47 -13.38 -16.72
N GLY K 128 15.39 -13.26 -17.46
CA GLY K 128 14.13 -13.86 -17.05
C GLY K 128 13.32 -14.13 -18.29
N ALA K 129 12.37 -15.04 -18.14
CA ALA K 129 11.52 -15.47 -19.23
C ALA K 129 10.20 -15.91 -18.63
N GLN K 130 9.11 -15.53 -19.28
CA GLN K 130 7.79 -15.84 -18.78
C GLN K 130 6.87 -16.08 -19.97
N GLY K 131 6.07 -17.16 -19.91
CA GLY K 131 5.07 -17.40 -20.95
C GLY K 131 5.00 -18.86 -21.36
N GLN K 132 4.62 -19.07 -22.61
CA GLN K 132 4.53 -20.41 -23.14
C GLN K 132 5.91 -21.07 -23.24
N ALA K 133 5.91 -22.41 -23.20
CA ALA K 133 7.12 -23.18 -23.41
C ALA K 133 7.91 -22.67 -24.61
N THR K 134 7.21 -22.42 -25.72
CA THR K 134 7.83 -21.91 -26.93
C THR K 134 8.56 -20.58 -26.68
N GLU K 135 7.93 -19.68 -25.90
CA GLU K 135 8.55 -18.38 -25.64
C GLU K 135 9.72 -18.52 -24.69
N ILE K 136 9.62 -19.41 -23.70
CA ILE K 136 10.74 -19.64 -22.80
C ILE K 136 11.92 -20.22 -23.58
N GLU K 137 11.63 -21.11 -24.53
CA GLU K 137 12.68 -21.61 -25.42
C GLU K 137 13.36 -20.48 -26.20
N ILE K 138 12.55 -19.59 -26.81
CA ILE K 138 13.13 -18.46 -27.55
C ILE K 138 14.02 -17.62 -26.64
N ALA K 139 13.55 -17.32 -25.43
CA ALA K 139 14.36 -16.49 -24.52
C ALA K 139 15.62 -17.23 -24.09
N ALA K 140 15.53 -18.53 -23.83
CA ALA K 140 16.71 -19.29 -23.45
C ALA K 140 17.76 -19.28 -24.58
N ASN K 141 17.33 -19.56 -25.82
CA ASN K 141 18.28 -19.55 -26.93
C ASN K 141 18.91 -18.19 -27.08
N HIS K 142 18.12 -17.12 -26.94
CA HIS K 142 18.66 -15.78 -27.02
C HIS K 142 19.76 -15.53 -25.99
N ILE K 143 19.48 -15.83 -24.71
CA ILE K 143 20.47 -15.47 -23.69
C ILE K 143 21.69 -16.36 -23.79
N LEU K 144 21.52 -17.62 -24.22
CA LEU K 144 22.68 -18.48 -24.43
C LEU K 144 23.53 -18.00 -25.61
N LYS K 145 22.88 -17.57 -26.70
CA LYS K 145 23.65 -17.01 -27.82
C LYS K 145 24.34 -15.72 -27.40
N THR K 146 23.70 -14.94 -26.53
CA THR K 146 24.34 -13.71 -26.05
C THR K 146 25.56 -14.04 -25.21
N ARG K 147 25.48 -15.12 -24.41
CA ARG K 147 26.63 -15.52 -23.61
C ARG K 147 27.79 -15.95 -24.48
N GLU K 148 27.50 -16.68 -25.58
CA GLU K 148 28.56 -17.08 -26.51
C GLU K 148 29.21 -15.86 -27.15
N LYS K 149 28.39 -14.89 -27.58
CA LYS K 149 28.94 -13.66 -28.13
C LYS K 149 29.88 -12.97 -27.13
N LEU K 150 29.44 -12.85 -25.88
CA LEU K 150 30.27 -12.20 -24.85
C LEU K 150 31.56 -12.97 -24.61
N ASN K 151 31.47 -14.31 -24.57
CA ASN K 151 32.66 -15.14 -24.31
C ASN K 151 33.67 -15.04 -25.45
N ARG K 152 33.18 -15.07 -26.69
CA ARG K 152 34.06 -14.96 -27.84
C ARG K 152 34.83 -13.65 -27.79
N ILE K 153 34.12 -12.53 -27.56
CA ILE K 153 34.78 -11.23 -27.48
C ILE K 153 35.75 -11.18 -26.30
N LEU K 154 35.31 -11.65 -25.13
CA LEU K 154 36.20 -11.62 -23.96
C LEU K 154 37.44 -12.48 -24.19
N SER K 155 37.27 -13.61 -24.89
CA SER K 155 38.40 -14.45 -25.25
C SER K 155 39.41 -13.67 -26.09
N GLU K 156 38.92 -12.96 -27.11
CA GLU K 156 39.81 -12.17 -27.95
C GLU K 156 40.48 -11.05 -27.16
N ARG K 157 39.75 -10.38 -26.23
CA ARG K 157 40.35 -9.24 -25.51
C ARG K 157 41.33 -9.68 -24.43
N THR K 158 41.19 -10.89 -23.89
CA THR K 158 42.04 -11.31 -22.79
C THR K 158 43.11 -12.31 -23.20
N GLY K 159 42.95 -12.99 -24.33
CA GLY K 159 43.81 -14.09 -24.66
C GLY K 159 43.46 -15.42 -24.02
N GLN K 160 42.44 -15.48 -23.15
CA GLN K 160 42.02 -16.76 -22.60
C GLN K 160 41.16 -17.49 -23.62
N SER K 161 41.15 -18.83 -23.52
CA SER K 161 40.29 -19.62 -24.38
C SER K 161 38.83 -19.41 -24.00
N ILE K 162 37.94 -19.64 -24.98
CA ILE K 162 36.51 -19.57 -24.72
C ILE K 162 36.10 -20.57 -23.64
N GLU K 163 36.75 -21.75 -23.62
CA GLU K 163 36.38 -22.77 -22.64
C GLU K 163 36.77 -22.35 -21.23
N LYS K 164 37.89 -21.62 -21.08
CA LYS K 164 38.27 -21.08 -19.79
C LYS K 164 37.35 -19.95 -19.38
N ILE K 165 37.03 -19.03 -20.31
CA ILE K 165 36.08 -17.95 -20.00
C ILE K 165 34.76 -18.54 -19.50
N GLN K 166 34.28 -19.58 -20.19
CA GLN K 166 33.01 -20.20 -19.82
C GLN K 166 33.07 -20.76 -18.40
N GLN K 167 34.16 -21.47 -18.09
CA GLN K 167 34.34 -22.08 -16.77
C GLN K 167 34.48 -21.02 -15.68
N ASP K 168 35.16 -19.91 -15.97
CA ASP K 168 35.42 -18.87 -14.99
C ASP K 168 34.25 -17.91 -14.80
N THR K 169 33.19 -18.00 -15.59
CA THR K 169 32.05 -17.13 -15.43
C THR K 169 30.80 -17.89 -15.01
N ASP K 170 30.91 -19.19 -14.78
CA ASP K 170 29.74 -19.97 -14.39
C ASP K 170 29.09 -19.39 -13.13
N ARG K 171 29.91 -18.97 -12.16
CA ARG K 171 29.46 -18.27 -10.96
C ARG K 171 30.20 -16.94 -10.87
N ASP K 172 29.73 -16.07 -9.97
CA ASP K 172 30.44 -14.83 -9.67
C ASP K 172 31.90 -15.10 -9.36
N ASN K 173 32.78 -14.45 -10.10
CA ASN K 173 34.21 -14.64 -9.98
C ASN K 173 34.86 -13.28 -9.70
N PHE K 174 35.26 -13.05 -8.44
CA PHE K 174 35.93 -11.81 -8.06
C PHE K 174 37.44 -11.89 -8.26
N LEU K 175 38.00 -10.82 -8.83
CA LEU K 175 39.44 -10.70 -9.09
C LEU K 175 39.95 -9.40 -8.49
N THR K 176 41.11 -9.48 -7.83
CA THR K 176 41.89 -8.28 -7.49
C THR K 176 42.41 -7.64 -8.78
N ALA K 177 42.86 -6.39 -8.65
CA ALA K 177 43.50 -5.73 -9.80
C ALA K 177 44.66 -6.57 -10.35
N ALA K 178 45.52 -7.10 -9.47
CA ALA K 178 46.65 -7.90 -9.93
C ALA K 178 46.16 -9.15 -10.67
N GLU K 179 45.13 -9.81 -10.12
CA GLU K 179 44.56 -10.96 -10.80
C GLU K 179 43.93 -10.59 -12.13
N ALA K 180 43.32 -9.41 -12.20
CA ALA K 180 42.73 -8.96 -13.45
C ALA K 180 43.81 -8.75 -14.52
N LYS K 181 44.98 -8.25 -14.12
CA LYS K 181 46.08 -8.09 -15.06
C LYS K 181 46.60 -9.45 -15.53
N GLU K 182 46.82 -10.35 -14.59
CA GLU K 182 47.25 -11.70 -14.93
C GLU K 182 46.24 -12.40 -15.83
N TYR K 183 44.92 -12.09 -15.70
CA TYR K 183 43.88 -12.69 -16.51
C TYR K 183 43.87 -12.14 -17.93
N GLY K 184 44.38 -10.94 -18.15
CA GLY K 184 44.25 -10.26 -19.43
C GLY K 184 43.10 -9.28 -19.53
N LEU K 185 42.39 -9.01 -18.42
CA LEU K 185 41.30 -8.04 -18.47
C LEU K 185 41.83 -6.61 -18.52
N ILE K 186 42.99 -6.36 -17.90
CA ILE K 186 43.66 -5.07 -17.97
C ILE K 186 45.12 -5.35 -18.34
N ASP K 187 45.84 -4.28 -18.64
CA ASP K 187 47.26 -4.36 -18.98
C ASP K 187 48.19 -4.00 -17.83
N GLU K 188 47.79 -3.07 -16.97
CA GLU K 188 48.64 -2.57 -15.89
C GLU K 188 47.79 -2.19 -14.68
N VAL K 189 48.36 -2.43 -13.50
CA VAL K 189 47.88 -1.86 -12.25
C VAL K 189 48.63 -0.56 -12.04
N MET K 190 47.87 0.50 -11.84
CA MET K 190 48.43 1.84 -11.86
C MET K 190 48.99 2.08 -10.46
N GLU K 191 50.33 2.10 -10.27
CA GLU K 191 50.75 2.26 -8.89
C GLU K 191 50.85 3.76 -8.55
N PRO K 192 50.88 4.13 -7.26
CA PRO K 192 50.89 5.56 -6.88
C PRO K 192 52.15 6.35 -7.26
N ILE L 4 23.19 13.78 -19.80
CA ILE L 4 23.38 14.61 -18.61
C ILE L 4 24.47 15.73 -18.70
N PRO L 5 25.65 15.50 -19.29
CA PRO L 5 26.74 16.50 -19.17
C PRO L 5 26.56 17.70 -20.12
N THR L 6 27.25 18.78 -19.75
CA THR L 6 27.19 20.07 -20.43
C THR L 6 28.48 20.36 -21.21
N TYR L 18 25.11 24.10 -23.90
CA TYR L 18 24.43 22.93 -24.45
C TYR L 18 24.54 21.71 -23.52
N ASP L 19 23.47 20.89 -23.43
CA ASP L 19 23.68 19.52 -22.94
C ASP L 19 24.30 18.68 -24.09
N ILE L 20 24.77 17.48 -23.75
CA ILE L 20 25.51 16.70 -24.75
C ILE L 20 24.63 16.38 -25.96
N TYR L 21 23.33 16.13 -25.76
CA TYR L 21 22.48 15.81 -26.90
C TYR L 21 22.18 17.04 -27.75
N SER L 22 22.05 18.21 -27.10
CA SER L 22 21.89 19.45 -27.85
C SER L 22 23.12 19.75 -28.69
N ARG L 23 24.30 19.46 -28.13
CA ARG L 23 25.53 19.64 -28.90
C ARG L 23 25.55 18.73 -30.13
N LEU L 24 25.13 17.46 -29.99
CA LEU L 24 25.10 16.59 -31.17
C LEU L 24 24.00 17.01 -32.17
N LEU L 25 22.88 17.55 -31.68
CA LEU L 25 21.85 18.02 -32.60
C LEU L 25 22.37 19.12 -33.50
N LYS L 26 23.31 19.95 -33.00
CA LYS L 26 23.99 20.94 -33.83
C LYS L 26 24.64 20.31 -35.05
N ASP L 27 25.15 19.07 -34.94
CA ASP L 27 25.70 18.32 -36.07
C ASP L 27 24.67 17.41 -36.74
N ARG L 28 23.38 17.66 -36.56
CA ARG L 28 22.31 16.91 -37.23
C ARG L 28 22.26 15.45 -36.78
N ILE L 29 22.66 15.19 -35.54
CA ILE L 29 22.56 13.86 -34.94
C ILE L 29 21.41 13.88 -33.94
N ILE L 30 20.46 12.96 -34.11
CA ILE L 30 19.36 12.73 -33.16
C ILE L 30 19.60 11.39 -32.46
N MET L 31 19.49 11.38 -31.12
CA MET L 31 19.70 10.16 -30.33
C MET L 31 18.35 9.64 -29.86
N LEU L 32 17.93 8.49 -30.39
CA LEU L 32 16.73 7.79 -29.91
C LEU L 32 17.23 6.65 -29.02
N GLY L 33 17.21 6.88 -27.71
CA GLY L 33 17.85 5.94 -26.79
C GLY L 33 16.94 5.46 -25.68
N SER L 34 15.65 5.29 -25.98
CA SER L 34 14.70 4.92 -24.95
C SER L 34 13.49 4.25 -25.60
N GLN L 35 12.54 3.88 -24.76
CA GLN L 35 11.22 3.47 -25.23
C GLN L 35 10.60 4.58 -26.09
N ILE L 36 9.78 4.16 -27.02
CA ILE L 36 9.09 5.10 -27.91
C ILE L 36 7.67 5.29 -27.38
N ASP L 37 7.44 6.42 -26.75
CA ASP L 37 6.10 6.84 -26.33
C ASP L 37 5.81 8.18 -26.99
N ASP L 38 4.67 8.78 -26.63
CA ASP L 38 4.24 10.00 -27.30
C ASP L 38 5.20 11.16 -27.05
N ASN L 39 5.79 11.26 -25.83
CA ASN L 39 6.70 12.37 -25.56
C ASN L 39 8.00 12.23 -26.36
N VAL L 40 8.53 11.00 -26.40
CA VAL L 40 9.72 10.72 -27.20
C VAL L 40 9.47 11.03 -28.67
N ALA L 41 8.32 10.61 -29.21
CA ALA L 41 8.01 10.89 -30.60
C ALA L 41 7.88 12.38 -30.85
N ASN L 42 7.25 13.13 -29.93
CA ASN L 42 7.13 14.57 -30.16
C ASN L 42 8.48 15.22 -30.21
N SER L 43 9.37 14.78 -29.34
CA SER L 43 10.70 15.37 -29.36
C SER L 43 11.43 15.03 -30.66
N ILE L 44 11.40 13.76 -31.07
CA ILE L 44 12.12 13.34 -32.27
C ILE L 44 11.53 14.03 -33.49
N VAL L 45 10.20 14.06 -33.61
CA VAL L 45 9.56 14.74 -34.72
C VAL L 45 9.99 16.20 -34.74
N SER L 46 9.97 16.85 -33.58
CA SER L 46 10.36 18.25 -33.48
C SER L 46 11.80 18.46 -33.90
N GLN L 47 12.69 17.54 -33.53
CA GLN L 47 14.08 17.67 -33.94
C GLN L 47 14.23 17.48 -35.45
N LEU L 48 13.48 16.55 -36.02
CA LEU L 48 13.51 16.35 -37.47
C LEU L 48 13.02 17.60 -38.20
N LEU L 49 11.87 18.14 -37.79
CA LEU L 49 11.35 19.34 -38.42
C LEU L 49 12.34 20.48 -38.31
N PHE L 50 12.96 20.63 -37.13
CA PHE L 50 13.92 21.71 -36.94
C PHE L 50 15.15 21.53 -37.83
N LEU L 51 15.69 20.31 -37.90
CA LEU L 51 16.89 20.08 -38.72
C LEU L 51 16.58 20.38 -40.19
N GLN L 52 15.38 20.05 -40.64
CA GLN L 52 14.99 20.32 -42.02
C GLN L 52 14.86 21.82 -42.27
N ALA L 53 14.26 22.54 -41.33
CA ALA L 53 14.16 24.00 -41.46
C ALA L 53 15.54 24.64 -41.49
N GLN L 54 16.53 24.02 -40.83
CA GLN L 54 17.87 24.63 -40.81
C GLN L 54 18.57 24.42 -42.15
N ASP L 55 18.38 23.24 -42.74
CA ASP L 55 19.05 22.87 -44.00
C ASP L 55 18.26 21.69 -44.56
N SER L 56 17.61 21.90 -45.70
CA SER L 56 16.75 20.88 -46.26
C SER L 56 17.51 19.86 -47.11
N GLU L 57 18.83 20.05 -47.27
CA GLU L 57 19.69 19.24 -48.14
C GLU L 57 20.54 18.22 -47.37
N LYS L 58 21.14 18.64 -46.25
CA LYS L 58 22.14 17.83 -45.54
C LYS L 58 21.48 16.64 -44.83
N ASP L 59 22.17 15.51 -44.85
CA ASP L 59 21.71 14.31 -44.17
C ASP L 59 21.49 14.55 -42.67
N ILE L 60 20.54 13.79 -42.10
CA ILE L 60 20.32 13.70 -40.66
C ILE L 60 20.78 12.31 -40.22
N TYR L 61 21.31 12.22 -39.00
CA TYR L 61 21.72 10.92 -38.46
C TYR L 61 20.90 10.57 -37.24
N LEU L 62 20.18 9.45 -37.31
CA LEU L 62 19.30 8.99 -36.23
C LEU L 62 19.91 7.72 -35.64
N TYR L 63 20.50 7.84 -34.46
CA TYR L 63 20.97 6.68 -33.72
C TYR L 63 19.81 6.04 -32.98
N ILE L 64 19.74 4.71 -33.02
CA ILE L 64 18.60 3.99 -32.46
C ILE L 64 19.12 2.94 -31.50
N ASN L 65 18.82 3.13 -30.21
CA ASN L 65 18.98 2.11 -29.17
C ASN L 65 17.65 2.11 -28.40
N SER L 66 16.74 1.20 -28.77
CA SER L 66 15.38 1.29 -28.28
C SER L 66 14.74 -0.09 -28.17
N PRO L 67 14.05 -0.39 -27.06
CA PRO L 67 13.30 -1.65 -26.96
C PRO L 67 11.96 -1.60 -27.70
N GLY L 68 11.57 -0.47 -28.27
CA GLY L 68 10.32 -0.36 -28.96
C GLY L 68 9.37 0.61 -28.27
N GLY L 69 8.09 0.41 -28.53
CA GLY L 69 7.08 1.23 -27.85
C GLY L 69 5.80 1.31 -28.67
N SER L 70 5.11 2.45 -28.51
CA SER L 70 3.80 2.68 -29.09
C SER L 70 3.86 2.66 -30.61
N VAL L 71 2.91 1.98 -31.24
CA VAL L 71 2.89 1.92 -32.70
C VAL L 71 2.60 3.28 -33.29
N THR L 72 1.61 3.99 -32.73
CA THR L 72 1.27 5.29 -33.28
C THR L 72 2.38 6.31 -33.03
N ALA L 73 3.01 6.27 -31.85
CA ALA L 73 4.16 7.16 -31.64
C ALA L 73 5.26 6.86 -32.66
N GLY L 74 5.52 5.58 -32.92
CA GLY L 74 6.52 5.22 -33.91
C GLY L 74 6.15 5.70 -35.30
N PHE L 75 4.85 5.66 -35.64
CA PHE L 75 4.45 6.13 -36.97
C PHE L 75 4.52 7.65 -37.09
N ALA L 76 4.35 8.38 -35.98
CA ALA L 76 4.60 9.81 -36.04
C ALA L 76 6.03 10.08 -36.49
N ILE L 77 6.99 9.33 -35.93
CA ILE L 77 8.39 9.45 -36.33
C ILE L 77 8.57 8.96 -37.76
N TYR L 78 8.03 7.78 -38.07
CA TYR L 78 8.21 7.18 -39.40
C TYR L 78 7.71 8.13 -40.49
N ASP L 79 6.49 8.62 -40.36
CA ASP L 79 5.93 9.46 -41.43
C ASP L 79 6.69 10.79 -41.53
N THR L 80 7.21 11.29 -40.41
CA THR L 80 8.02 12.51 -40.48
C THR L 80 9.32 12.25 -41.24
N ILE L 81 9.97 11.10 -41.00
CA ILE L 81 11.17 10.75 -41.77
C ILE L 81 10.87 10.76 -43.26
N GLN L 82 9.78 10.08 -43.66
CA GLN L 82 9.47 10.01 -45.09
C GLN L 82 8.99 11.35 -45.65
N HIS L 83 8.50 12.25 -44.80
CA HIS L 83 7.97 13.51 -45.28
C HIS L 83 9.08 14.51 -45.62
N ILE L 84 10.09 14.63 -44.74
CA ILE L 84 11.05 15.72 -44.87
C ILE L 84 11.99 15.47 -46.04
N LYS L 85 12.55 16.58 -46.58
CA LYS L 85 13.47 16.48 -47.72
C LYS L 85 14.78 15.79 -47.38
N PRO L 86 15.47 16.10 -46.27
CA PRO L 86 16.76 15.43 -45.99
C PRO L 86 16.61 13.93 -45.85
N ASP L 87 17.62 13.22 -46.36
CA ASP L 87 17.80 11.82 -46.02
C ASP L 87 18.07 11.68 -44.52
N VAL L 88 17.48 10.65 -43.93
CA VAL L 88 17.69 10.31 -42.53
C VAL L 88 18.42 8.98 -42.51
N GLN L 89 19.69 9.00 -42.11
CA GLN L 89 20.41 7.75 -41.89
C GLN L 89 20.01 7.19 -40.53
N THR L 90 19.91 5.85 -40.45
CA THR L 90 19.60 5.18 -39.19
C THR L 90 20.78 4.29 -38.83
N ILE L 91 21.21 4.37 -37.57
CA ILE L 91 22.35 3.61 -37.05
C ILE L 91 21.89 2.90 -35.79
N CYS L 92 21.84 1.58 -35.83
CA CYS L 92 21.46 0.81 -34.66
C CYS L 92 22.68 0.55 -33.79
N ILE L 93 22.64 1.00 -32.53
CA ILE L 93 23.63 0.63 -31.53
C ILE L 93 22.91 -0.07 -30.37
N GLY L 94 23.48 -1.15 -29.88
CA GLY L 94 22.88 -1.84 -28.76
C GLY L 94 21.71 -2.71 -29.19
N MET L 95 20.51 -2.11 -29.33
CA MET L 95 19.30 -2.87 -29.58
C MET L 95 18.30 -2.03 -30.36
N ALA L 96 17.76 -2.57 -31.48
CA ALA L 96 16.55 -2.01 -32.11
C ALA L 96 15.51 -3.13 -32.12
N ALA L 97 14.52 -3.04 -31.24
CA ALA L 97 13.51 -4.09 -31.07
C ALA L 97 12.14 -3.52 -31.40
N SER L 98 11.31 -4.34 -32.03
CA SER L 98 9.89 -4.02 -32.19
C SER L 98 9.82 -2.71 -32.97
N MET L 99 9.14 -1.68 -32.49
CA MET L 99 9.05 -0.44 -33.24
C MET L 99 10.42 0.20 -33.45
N GLY L 100 11.39 -0.13 -32.60
CA GLY L 100 12.74 0.34 -32.83
C GLY L 100 13.33 -0.25 -34.11
N SER L 101 13.09 -1.55 -34.36
CA SER L 101 13.60 -2.13 -35.59
C SER L 101 12.80 -1.65 -36.79
N PHE L 102 11.51 -1.33 -36.60
CA PHE L 102 10.73 -0.76 -37.67
C PHE L 102 11.31 0.60 -38.10
N LEU L 103 11.68 1.45 -37.15
CA LEU L 103 12.26 2.75 -37.50
C LEU L 103 13.65 2.62 -38.10
N LEU L 104 14.44 1.65 -37.63
CA LEU L 104 15.74 1.37 -38.24
C LEU L 104 15.59 1.06 -39.73
N ALA L 105 14.61 0.21 -40.07
CA ALA L 105 14.32 -0.13 -41.46
C ALA L 105 13.80 1.05 -42.25
N ALA L 106 13.39 2.14 -41.58
CA ALA L 106 12.78 3.28 -42.23
C ALA L 106 13.79 4.32 -42.70
N GLY L 107 15.07 4.17 -42.38
CA GLY L 107 16.07 5.14 -42.85
C GLY L 107 16.18 5.17 -44.37
N ALA L 108 16.79 6.23 -44.87
CA ALA L 108 17.07 6.36 -46.31
C ALA L 108 17.73 5.09 -46.85
N LYS L 109 17.17 4.54 -47.93
CA LYS L 109 17.69 3.28 -48.47
C LYS L 109 19.15 3.47 -48.87
N GLY L 110 19.99 2.50 -48.49
CA GLY L 110 21.44 2.64 -48.58
C GLY L 110 22.10 3.28 -47.38
N LYS L 111 21.35 3.92 -46.48
CA LYS L 111 21.95 4.59 -45.33
C LYS L 111 21.40 4.05 -44.00
N ARG L 112 21.13 2.75 -43.94
CA ARG L 112 20.63 2.07 -42.74
C ARG L 112 21.72 1.14 -42.25
N PHE L 113 22.17 1.35 -41.01
CA PHE L 113 23.36 0.69 -40.47
C PHE L 113 23.08 0.06 -39.10
N ALA L 114 23.90 -0.91 -38.76
CA ALA L 114 24.00 -1.40 -37.39
C ALA L 114 25.47 -1.64 -37.08
N LEU L 115 25.86 -1.38 -35.84
CA LEU L 115 27.19 -1.72 -35.39
C LEU L 115 27.28 -3.24 -35.21
N PRO L 116 28.49 -3.81 -35.22
CA PRO L 116 28.59 -5.27 -35.42
C PRO L 116 27.90 -6.11 -34.33
N ASN L 117 27.87 -5.66 -33.08
CA ASN L 117 27.27 -6.44 -32.00
C ASN L 117 25.89 -5.96 -31.62
N ALA L 118 25.34 -5.01 -32.37
CA ALA L 118 23.97 -4.55 -32.15
C ALA L 118 22.99 -5.68 -32.44
N GLU L 119 21.85 -5.66 -31.77
CA GLU L 119 20.84 -6.69 -31.88
C GLU L 119 19.58 -6.07 -32.48
N VAL L 120 18.93 -6.82 -33.36
CA VAL L 120 17.67 -6.39 -33.94
C VAL L 120 16.62 -7.45 -33.59
N MET L 121 15.43 -7.01 -33.19
CA MET L 121 14.36 -7.95 -32.92
C MET L 121 13.06 -7.49 -33.57
N ILE L 122 12.37 -8.42 -34.23
CA ILE L 122 11.09 -8.11 -34.86
C ILE L 122 10.05 -9.06 -34.29
N HIS L 123 8.82 -8.57 -34.17
CA HIS L 123 7.70 -9.38 -33.70
C HIS L 123 6.40 -8.64 -34.03
N GLN L 124 5.29 -9.24 -33.68
CA GLN L 124 4.00 -8.67 -34.01
C GLN L 124 3.55 -7.71 -32.93
N PRO L 125 2.57 -6.84 -33.21
CA PRO L 125 2.08 -5.90 -32.19
C PRO L 125 1.47 -6.61 -30.98
N LEU L 126 1.47 -5.90 -29.85
CA LEU L 126 0.89 -6.35 -28.60
C LEU L 126 -0.10 -5.33 -28.11
N GLY L 127 -1.14 -5.80 -27.44
CA GLY L 127 -2.13 -4.87 -26.93
C GLY L 127 -3.01 -5.52 -25.90
N GLY L 128 -4.12 -4.87 -25.64
CA GLY L 128 -5.09 -5.37 -24.67
C GLY L 128 -6.44 -4.81 -25.04
N ALA L 129 -7.46 -5.50 -24.56
CA ALA L 129 -8.85 -5.15 -24.84
C ALA L 129 -9.69 -5.61 -23.67
N GLN L 130 -10.64 -4.78 -23.28
CA GLN L 130 -11.49 -5.10 -22.16
C GLN L 130 -12.85 -4.50 -22.40
N GLY L 131 -13.89 -5.30 -22.10
CA GLY L 131 -15.24 -4.79 -22.19
C GLY L 131 -16.19 -5.79 -22.83
N GLN L 132 -17.22 -5.27 -23.49
CA GLN L 132 -18.19 -6.10 -24.18
C GLN L 132 -17.55 -6.83 -25.36
N ALA L 133 -18.15 -7.98 -25.71
CA ALA L 133 -17.74 -8.73 -26.89
C ALA L 133 -17.57 -7.80 -28.11
N THR L 134 -18.53 -6.91 -28.31
CA THR L 134 -18.47 -5.96 -29.42
C THR L 134 -17.21 -5.10 -29.35
N GLU L 135 -16.84 -4.64 -28.15
CA GLU L 135 -15.65 -3.78 -28.02
C GLU L 135 -14.38 -4.58 -28.21
N ILE L 136 -14.36 -5.83 -27.71
CA ILE L 136 -13.19 -6.68 -27.92
C ILE L 136 -13.02 -6.96 -29.41
N GLU L 137 -14.14 -7.16 -30.12
CA GLU L 137 -14.07 -7.31 -31.57
C GLU L 137 -13.47 -6.08 -32.24
N ILE L 138 -13.95 -4.87 -31.86
CA ILE L 138 -13.40 -3.65 -32.44
C ILE L 138 -11.90 -3.55 -32.19
N ALA L 139 -11.46 -3.85 -30.96
CA ALA L 139 -10.04 -3.77 -30.65
C ALA L 139 -9.24 -4.81 -31.42
N ALA L 140 -9.78 -6.03 -31.55
CA ALA L 140 -9.08 -7.06 -32.31
C ALA L 140 -8.92 -6.64 -33.78
N ASN L 141 -10.01 -6.16 -34.40
CA ASN L 141 -9.90 -5.75 -35.80
C ASN L 141 -8.88 -4.63 -35.96
N HIS L 142 -8.89 -3.69 -35.02
CA HIS L 142 -7.92 -2.60 -35.06
C HIS L 142 -6.48 -3.11 -35.03
N ILE L 143 -6.15 -3.99 -34.06
CA ILE L 143 -4.74 -4.36 -33.93
C ILE L 143 -4.33 -5.27 -35.07
N LEU L 144 -5.26 -6.07 -35.61
CA LEU L 144 -4.94 -6.89 -36.78
C LEU L 144 -4.72 -6.02 -38.01
N LYS L 145 -5.55 -4.98 -38.21
CA LYS L 145 -5.32 -4.08 -39.33
C LYS L 145 -4.02 -3.31 -39.15
N THR L 146 -3.66 -3.00 -37.90
CA THR L 146 -2.38 -2.32 -37.65
C THR L 146 -1.22 -3.24 -38.00
N ARG L 147 -1.36 -4.54 -37.72
CA ARG L 147 -0.31 -5.49 -38.05
C ARG L 147 -0.12 -5.60 -39.56
N GLU L 148 -1.24 -5.60 -40.32
CA GLU L 148 -1.15 -5.63 -41.77
C GLU L 148 -0.46 -4.38 -42.31
N LYS L 149 -0.81 -3.21 -41.78
CA LYS L 149 -0.14 -1.97 -42.17
C LYS L 149 1.37 -2.07 -41.93
N LEU L 150 1.77 -2.55 -40.75
CA LEU L 150 3.19 -2.67 -40.43
C LEU L 150 3.89 -3.67 -41.35
N ASN L 151 3.23 -4.80 -41.65
CA ASN L 151 3.84 -5.83 -42.50
C ASN L 151 4.01 -5.33 -43.93
N ARG L 152 2.99 -4.63 -44.45
CA ARG L 152 3.09 -4.09 -45.81
C ARG L 152 4.27 -3.14 -45.92
N ILE L 153 4.39 -2.21 -44.96
CA ILE L 153 5.51 -1.26 -44.99
C ILE L 153 6.85 -2.00 -44.84
N LEU L 154 6.92 -2.92 -43.87
CA LEU L 154 8.18 -3.65 -43.68
C LEU L 154 8.55 -4.47 -44.90
N SER L 155 7.54 -5.03 -45.58
CA SER L 155 7.78 -5.74 -46.84
C SER L 155 8.41 -4.82 -47.87
N GLU L 156 7.86 -3.62 -48.06
CA GLU L 156 8.49 -2.66 -48.97
C GLU L 156 9.92 -2.35 -48.55
N ARG L 157 10.12 -2.04 -47.27
CA ARG L 157 11.45 -1.56 -46.86
C ARG L 157 12.52 -2.65 -46.91
N THR L 158 12.14 -3.92 -46.80
CA THR L 158 13.11 -4.99 -46.73
C THR L 158 13.21 -5.80 -48.02
N GLY L 159 12.20 -5.75 -48.87
CA GLY L 159 12.14 -6.67 -50.00
C GLY L 159 11.59 -8.05 -49.68
N GLN L 160 11.29 -8.37 -48.44
CA GLN L 160 10.67 -9.66 -48.13
C GLN L 160 9.18 -9.60 -48.45
N SER L 161 8.62 -10.77 -48.74
CA SER L 161 7.19 -10.85 -48.97
C SER L 161 6.43 -10.61 -47.66
N ILE L 162 5.18 -10.16 -47.80
CA ILE L 162 4.32 -9.98 -46.65
C ILE L 162 4.13 -11.31 -45.90
N GLU L 163 3.98 -12.40 -46.65
CA GLU L 163 3.81 -13.70 -46.01
C GLU L 163 5.03 -14.06 -45.16
N LYS L 164 6.25 -13.82 -45.68
CA LYS L 164 7.45 -14.10 -44.90
C LYS L 164 7.53 -13.20 -43.66
N ILE L 165 7.24 -11.90 -43.83
CA ILE L 165 7.22 -10.99 -42.67
C ILE L 165 6.26 -11.52 -41.61
N GLN L 166 5.07 -11.96 -42.04
CA GLN L 166 4.07 -12.45 -41.11
C GLN L 166 4.59 -13.67 -40.34
N GLN L 167 5.22 -14.60 -41.05
CA GLN L 167 5.69 -15.80 -40.36
C GLN L 167 6.88 -15.48 -39.47
N ASP L 168 7.75 -14.56 -39.87
CA ASP L 168 8.93 -14.23 -39.07
C ASP L 168 8.63 -13.33 -37.89
N THR L 169 7.42 -12.83 -37.74
CA THR L 169 7.09 -11.98 -36.61
C THR L 169 6.07 -12.62 -35.69
N ASP L 170 5.66 -13.86 -35.97
CA ASP L 170 4.65 -14.51 -35.13
C ASP L 170 5.11 -14.57 -33.68
N ARG L 171 6.39 -14.85 -33.45
CA ARG L 171 7.02 -14.80 -32.14
C ARG L 171 8.22 -13.86 -32.21
N ASP L 172 8.75 -13.51 -31.03
CA ASP L 172 10.00 -12.75 -30.95
C ASP L 172 11.08 -13.38 -31.80
N ASN L 173 11.62 -12.61 -32.72
CA ASN L 173 12.63 -13.08 -33.66
C ASN L 173 13.86 -12.18 -33.52
N PHE L 174 14.91 -12.69 -32.88
CA PHE L 174 16.17 -11.97 -32.72
C PHE L 174 17.11 -12.20 -33.89
N LEU L 175 17.72 -11.09 -34.36
CA LEU L 175 18.67 -11.10 -35.47
C LEU L 175 19.95 -10.41 -35.05
N THR L 176 21.09 -11.01 -35.40
CA THR L 176 22.38 -10.32 -35.37
C THR L 176 22.38 -9.20 -36.41
N ALA L 177 23.35 -8.29 -36.29
CA ALA L 177 23.53 -7.26 -37.30
C ALA L 177 23.68 -7.87 -38.70
N ALA L 178 24.50 -8.91 -38.83
CA ALA L 178 24.70 -9.54 -40.14
C ALA L 178 23.39 -10.13 -40.65
N GLU L 179 22.62 -10.78 -39.78
CA GLU L 179 21.33 -11.31 -40.18
C GLU L 179 20.36 -10.20 -40.56
N ALA L 180 20.43 -9.07 -39.86
CA ALA L 180 19.56 -7.94 -40.18
C ALA L 180 19.89 -7.40 -41.58
N LYS L 181 21.17 -7.39 -41.95
CA LYS L 181 21.54 -6.96 -43.30
C LYS L 181 21.03 -7.95 -44.35
N GLU L 182 21.21 -9.27 -44.10
CA GLU L 182 20.67 -10.31 -45.01
C GLU L 182 19.17 -10.22 -45.14
N TYR L 183 18.52 -9.79 -44.07
CA TYR L 183 17.07 -9.69 -44.09
C TYR L 183 16.57 -8.50 -44.89
N GLY L 184 17.39 -7.46 -45.06
CA GLY L 184 16.93 -6.22 -45.65
C GLY L 184 16.52 -5.15 -44.66
N LEU L 185 16.72 -5.37 -43.35
CA LEU L 185 16.36 -4.35 -42.36
C LEU L 185 17.37 -3.21 -42.35
N ILE L 186 18.64 -3.51 -42.64
CA ILE L 186 19.69 -2.51 -42.80
C ILE L 186 20.41 -2.80 -44.11
N ASP L 187 21.27 -1.86 -44.50
CA ASP L 187 22.07 -2.00 -45.71
C ASP L 187 23.50 -2.45 -45.45
N GLU L 188 24.10 -2.05 -44.33
CA GLU L 188 25.50 -2.32 -44.04
C GLU L 188 25.70 -2.48 -42.54
N VAL L 189 26.60 -3.40 -42.18
CA VAL L 189 27.17 -3.48 -40.84
C VAL L 189 28.43 -2.61 -40.84
N MET L 190 28.48 -1.70 -39.89
CA MET L 190 29.49 -0.67 -39.91
C MET L 190 30.73 -1.28 -39.27
N GLU L 191 31.80 -1.60 -40.04
CA GLU L 191 32.91 -2.24 -39.33
C GLU L 191 33.83 -1.17 -38.75
N PRO L 192 34.71 -1.53 -37.78
CA PRO L 192 35.57 -0.53 -37.12
C PRO L 192 36.65 0.12 -38.02
N ILE M 4 12.70 18.27 -25.10
CA ILE M 4 13.84 18.34 -24.18
C ILE M 4 15.08 19.16 -24.68
N PRO M 5 15.52 19.05 -25.94
CA PRO M 5 16.82 19.66 -26.30
C PRO M 5 16.74 21.17 -26.51
N THR M 6 17.91 21.80 -26.43
CA THR M 6 18.09 23.25 -26.52
C THR M 6 18.75 23.66 -27.84
N VAL M 7 18.38 24.76 -28.43
CA VAL M 7 19.03 24.97 -29.71
C VAL M 7 20.20 25.93 -29.56
N TYR M 18 16.60 28.76 -26.45
CA TYR M 18 15.29 28.14 -26.70
C TYR M 18 15.30 26.63 -26.45
N ASP M 19 14.21 26.07 -25.90
CA ASP M 19 13.99 24.63 -26.06
C ASP M 19 13.47 24.37 -27.49
N ILE M 20 13.45 23.09 -27.91
CA ILE M 20 13.12 22.79 -29.30
C ILE M 20 11.70 23.28 -29.64
N TYR M 21 10.75 23.19 -28.69
CA TYR M 21 9.38 23.63 -29.01
C TYR M 21 9.28 25.15 -29.06
N SER M 22 10.06 25.84 -28.22
CA SER M 22 10.10 27.30 -28.29
C SER M 22 10.69 27.76 -29.61
N ARG M 23 11.71 27.04 -30.10
CA ARG M 23 12.27 27.35 -31.40
C ARG M 23 11.24 27.18 -32.51
N LEU M 24 10.43 26.11 -32.47
CA LEU M 24 9.41 25.96 -33.51
C LEU M 24 8.28 26.99 -33.36
N LEU M 25 7.96 27.40 -32.13
CA LEU M 25 6.94 28.44 -31.95
C LEU M 25 7.35 29.74 -32.63
N LYS M 26 8.67 30.03 -32.68
CA LYS M 26 9.16 31.17 -33.44
C LYS M 26 8.72 31.12 -34.90
N ASP M 27 8.59 29.93 -35.48
CA ASP M 27 8.07 29.74 -36.85
C ASP M 27 6.55 29.49 -36.87
N ARG M 28 5.82 29.83 -35.80
CA ARG M 28 4.36 29.71 -35.76
C ARG M 28 3.90 28.25 -35.82
N ILE M 29 4.71 27.34 -35.30
CA ILE M 29 4.36 25.93 -35.16
C ILE M 29 4.07 25.65 -33.69
N ILE M 30 2.87 25.11 -33.43
CA ILE M 30 2.48 24.64 -32.10
C ILE M 30 2.41 23.11 -32.13
N MET M 31 3.02 22.46 -31.13
CA MET M 31 3.04 20.99 -31.05
C MET M 31 2.07 20.54 -29.96
N LEU M 32 0.97 19.91 -30.36
CA LEU M 32 0.05 19.27 -29.42
C LEU M 32 0.36 17.78 -29.43
N GLY M 33 1.14 17.32 -28.45
CA GLY M 33 1.66 15.97 -28.49
C GLY M 33 1.36 15.16 -27.24
N SER M 34 0.19 15.38 -26.64
CA SER M 34 -0.12 14.72 -25.39
C SER M 34 -1.64 14.68 -25.21
N GLN M 35 -2.05 14.18 -24.04
CA GLN M 35 -3.45 14.22 -23.58
C GLN M 35 -3.87 15.66 -23.40
N ILE M 36 -5.11 15.94 -23.73
CA ILE M 36 -5.64 17.30 -23.64
C ILE M 36 -6.32 17.45 -22.28
N ASP M 37 -5.65 18.14 -21.37
CA ASP M 37 -6.20 18.51 -20.09
C ASP M 37 -6.16 20.04 -19.99
N ASP M 38 -6.53 20.56 -18.82
CA ASP M 38 -6.63 22.01 -18.67
C ASP M 38 -5.28 22.71 -18.82
N ASN M 39 -4.19 22.09 -18.35
CA ASN M 39 -2.88 22.74 -18.46
C ASN M 39 -2.43 22.80 -19.92
N VAL M 40 -2.62 21.68 -20.64
CA VAL M 40 -2.30 21.63 -22.07
C VAL M 40 -3.10 22.67 -22.84
N ALA M 41 -4.40 22.78 -22.54
CA ALA M 41 -5.24 23.75 -23.24
C ALA M 41 -4.80 25.16 -22.92
N ASN M 42 -4.52 25.44 -21.63
CA ASN M 42 -4.00 26.76 -21.24
C ASN M 42 -2.77 27.14 -22.06
N SER M 43 -1.84 26.21 -22.22
CA SER M 43 -0.62 26.49 -22.96
C SER M 43 -0.93 26.72 -24.45
N ILE M 44 -1.74 25.84 -25.05
CA ILE M 44 -2.03 25.96 -26.47
C ILE M 44 -2.79 27.26 -26.76
N VAL M 45 -3.80 27.56 -25.94
CA VAL M 45 -4.53 28.81 -26.09
C VAL M 45 -3.58 29.99 -26.00
N SER M 46 -2.68 29.96 -25.01
CA SER M 46 -1.73 31.05 -24.82
C SER M 46 -0.82 31.19 -26.02
N GLN M 47 -0.39 30.06 -26.61
CA GLN M 47 0.47 30.14 -27.79
C GLN M 47 -0.30 30.70 -28.98
N LEU M 48 -1.57 30.32 -29.13
CA LEU M 48 -2.39 30.86 -30.21
C LEU M 48 -2.56 32.37 -30.05
N LEU M 49 -2.94 32.82 -28.85
CA LEU M 49 -3.11 34.25 -28.62
C LEU M 49 -1.81 35.00 -28.89
N PHE M 50 -0.68 34.44 -28.45
CA PHE M 50 0.60 35.09 -28.67
C PHE M 50 0.95 35.17 -30.15
N LEU M 51 0.76 34.07 -30.89
CA LEU M 51 1.08 34.09 -32.33
C LEU M 51 0.23 35.11 -33.07
N GLN M 52 -1.03 35.26 -32.67
CA GLN M 52 -1.91 36.24 -33.29
C GLN M 52 -1.46 37.67 -32.98
N ALA M 53 -1.07 37.92 -31.72
CA ALA M 53 -0.57 39.24 -31.36
C ALA M 53 0.71 39.56 -32.13
N GLN M 54 1.50 38.55 -32.50
CA GLN M 54 2.75 38.82 -33.21
C GLN M 54 2.46 39.19 -34.65
N ASP M 55 1.49 38.51 -35.27
CA ASP M 55 1.14 38.69 -36.68
C ASP M 55 -0.24 38.10 -36.87
N SER M 56 -1.22 38.95 -37.17
CA SER M 56 -2.60 38.51 -37.26
C SER M 56 -2.95 37.93 -38.63
N GLU M 57 -1.97 37.89 -39.55
CA GLU M 57 -2.20 37.54 -40.96
C GLU M 57 -1.53 36.25 -41.41
N LYS M 58 -0.42 35.84 -40.79
CA LYS M 58 0.30 34.63 -41.16
C LYS M 58 -0.33 33.38 -40.57
N ASP M 59 -0.35 32.31 -41.35
CA ASP M 59 -0.87 31.02 -40.88
C ASP M 59 -0.14 30.54 -39.63
N ILE M 60 -0.87 29.77 -38.81
CA ILE M 60 -0.31 29.01 -37.69
C ILE M 60 -0.37 27.54 -38.05
N TYR M 61 0.60 26.76 -37.59
CA TYR M 61 0.59 25.32 -37.84
C TYR M 61 0.48 24.56 -36.53
N LEU M 62 -0.57 23.76 -36.40
CA LEU M 62 -0.85 22.98 -35.19
C LEU M 62 -0.68 21.51 -35.53
N TYR M 63 0.43 20.92 -35.07
CA TYR M 63 0.63 19.48 -35.20
C TYR M 63 -0.11 18.77 -34.06
N ILE M 64 -0.79 17.68 -34.40
CA ILE M 64 -1.65 16.98 -33.45
C ILE M 64 -1.23 15.52 -33.41
N ASN M 65 -0.70 15.09 -32.27
CA ASN M 65 -0.49 13.68 -31.93
C ASN M 65 -1.06 13.53 -30.51
N SER M 66 -2.31 13.10 -30.40
CA SER M 66 -3.01 13.16 -29.13
C SER M 66 -4.03 12.04 -28.99
N PRO M 67 -4.08 11.36 -27.85
CA PRO M 67 -5.14 10.37 -27.61
C PRO M 67 -6.48 10.99 -27.22
N GLY M 68 -6.54 12.32 -27.05
CA GLY M 68 -7.76 12.97 -26.66
C GLY M 68 -7.66 13.61 -25.29
N GLY M 69 -8.80 13.79 -24.67
CA GLY M 69 -8.81 14.32 -23.31
C GLY M 69 -10.13 15.01 -22.99
N SER M 70 -10.03 16.02 -22.12
CA SER M 70 -11.19 16.73 -21.58
C SER M 70 -11.95 17.46 -22.70
N VAL M 71 -13.27 17.35 -22.67
CA VAL M 71 -14.07 18.02 -23.70
C VAL M 71 -13.98 19.54 -23.53
N THR M 72 -14.09 20.03 -22.30
CA THR M 72 -14.04 21.48 -22.11
C THR M 72 -12.65 22.01 -22.39
N ALA M 73 -11.59 21.30 -22.00
CA ALA M 73 -10.25 21.76 -22.39
C ALA M 73 -10.11 21.82 -23.91
N GLY M 74 -10.64 20.81 -24.61
CA GLY M 74 -10.60 20.82 -26.05
C GLY M 74 -11.37 21.98 -26.66
N PHE M 75 -12.50 22.35 -26.03
CA PHE M 75 -13.28 23.47 -26.55
C PHE M 75 -12.61 24.80 -26.28
N ALA M 76 -11.84 24.91 -25.20
CA ALA M 76 -11.04 26.12 -25.03
C ALA M 76 -10.11 26.31 -26.22
N ILE M 77 -9.46 25.23 -26.68
CA ILE M 77 -8.60 25.30 -27.85
C ILE M 77 -9.44 25.55 -29.10
N TYR M 78 -10.53 24.79 -29.27
CA TYR M 78 -11.35 24.92 -30.47
C TYR M 78 -11.87 26.34 -30.64
N ASP M 79 -12.46 26.92 -29.59
CA ASP M 79 -13.04 28.26 -29.74
C ASP M 79 -11.95 29.29 -29.97
N THR M 80 -10.76 29.09 -29.40
CA THR M 80 -9.66 30.02 -29.67
C THR M 80 -9.24 29.96 -31.13
N ILE M 81 -9.16 28.75 -31.70
CA ILE M 81 -8.84 28.63 -33.13
C ILE M 81 -9.84 29.42 -33.96
N GLN M 82 -11.14 29.24 -33.70
CA GLN M 82 -12.14 29.93 -34.51
C GLN M 82 -12.19 31.42 -34.21
N HIS M 83 -11.70 31.86 -33.05
CA HIS M 83 -11.76 33.26 -32.70
C HIS M 83 -10.69 34.09 -33.40
N ILE M 84 -9.44 33.59 -33.43
CA ILE M 84 -8.32 34.41 -33.87
C ILE M 84 -8.36 34.62 -35.38
N LYS M 85 -7.74 35.73 -35.83
CA LYS M 85 -7.72 36.05 -37.26
C LYS M 85 -6.89 35.06 -38.08
N PRO M 86 -5.68 34.66 -37.69
CA PRO M 86 -4.90 33.75 -38.54
C PRO M 86 -5.61 32.41 -38.76
N ASP M 87 -5.47 31.88 -39.96
CA ASP M 87 -5.78 30.50 -40.22
C ASP M 87 -4.87 29.60 -39.40
N VAL M 88 -5.46 28.53 -38.87
CA VAL M 88 -4.71 27.51 -38.13
C VAL M 88 -4.78 26.23 -38.96
N GLN M 89 -3.64 25.83 -39.53
CA GLN M 89 -3.56 24.55 -40.19
C GLN M 89 -3.40 23.44 -39.14
N THR M 90 -4.03 22.30 -39.37
CA THR M 90 -3.91 21.15 -38.48
C THR M 90 -3.26 20.01 -39.24
N ILE M 91 -2.25 19.39 -38.64
CA ILE M 91 -1.50 18.29 -39.25
C ILE M 91 -1.49 17.14 -38.25
N CYS M 92 -2.14 16.04 -38.61
CA CYS M 92 -2.15 14.87 -37.74
C CYS M 92 -0.92 14.00 -38.02
N ILE M 93 -0.10 13.77 -37.00
CA ILE M 93 0.97 12.79 -37.07
C ILE M 93 0.75 11.76 -35.98
N GLY M 94 0.93 10.48 -36.31
CA GLY M 94 0.77 9.44 -35.31
C GLY M 94 -0.70 9.13 -35.06
N MET M 95 -1.36 9.93 -34.24
CA MET M 95 -2.73 9.60 -33.85
C MET M 95 -3.45 10.89 -33.47
N ALA M 96 -4.69 11.06 -33.97
CA ALA M 96 -5.65 12.04 -33.45
C ALA M 96 -6.91 11.28 -33.07
N ALA M 97 -7.12 11.10 -31.77
CA ALA M 97 -8.23 10.29 -31.27
C ALA M 97 -9.14 11.16 -30.43
N SER M 98 -10.45 10.92 -30.53
CA SER M 98 -11.41 11.52 -29.60
C SER M 98 -11.28 13.04 -29.75
N MET M 99 -11.06 13.79 -28.68
CA MET M 99 -10.96 15.24 -28.80
C MET M 99 -9.79 15.65 -29.69
N GLY M 100 -8.79 14.77 -29.84
CA GLY M 100 -7.72 15.06 -30.79
C GLY M 100 -8.23 15.08 -32.22
N SER M 101 -9.11 14.14 -32.58
CA SER M 101 -9.65 14.17 -33.94
C SER M 101 -10.64 15.33 -34.10
N PHE M 102 -11.33 15.70 -33.02
CA PHE M 102 -12.20 16.87 -33.09
C PHE M 102 -11.41 18.14 -33.41
N LEU M 103 -10.25 18.33 -32.77
CA LEU M 103 -9.43 19.51 -33.04
C LEU M 103 -8.79 19.45 -34.43
N LEU M 104 -8.41 18.25 -34.89
CA LEU M 104 -7.91 18.10 -36.26
C LEU M 104 -8.93 18.60 -37.26
N ALA M 105 -10.20 18.22 -37.08
CA ALA M 105 -11.30 18.66 -37.95
C ALA M 105 -11.55 20.16 -37.83
N ALA M 106 -11.01 20.80 -36.80
CA ALA M 106 -11.28 22.21 -36.53
C ALA M 106 -10.33 23.16 -37.26
N GLY M 107 -9.30 22.66 -37.93
CA GLY M 107 -8.39 23.54 -38.66
C GLY M 107 -9.10 24.29 -39.78
N ALA M 108 -8.43 25.34 -40.25
CA ALA M 108 -8.93 26.11 -41.40
C ALA M 108 -9.30 25.19 -42.56
N LYS M 109 -10.51 25.35 -43.08
CA LYS M 109 -10.98 24.46 -44.14
C LYS M 109 -10.05 24.56 -45.35
N GLY M 110 -9.68 23.40 -45.91
CA GLY M 110 -8.62 23.33 -46.90
C GLY M 110 -7.22 23.17 -46.34
N LYS M 111 -7.00 23.38 -45.04
CA LYS M 111 -5.67 23.29 -44.47
C LYS M 111 -5.62 22.27 -43.31
N ARG M 112 -6.37 21.18 -43.43
CA ARG M 112 -6.39 20.10 -42.46
C ARG M 112 -5.77 18.86 -43.10
N PHE M 113 -4.71 18.35 -42.48
CA PHE M 113 -3.87 17.31 -43.08
C PHE M 113 -3.64 16.15 -42.11
N ALA M 114 -3.29 15.01 -42.69
CA ALA M 114 -2.74 13.90 -41.93
C ALA M 114 -1.61 13.30 -42.76
N LEU M 115 -0.56 12.84 -42.08
CA LEU M 115 0.49 12.09 -42.76
C LEU M 115 -0.04 10.70 -43.11
N PRO M 116 0.57 10.01 -44.07
CA PRO M 116 -0.12 8.84 -44.67
C PRO M 116 -0.42 7.71 -43.68
N ASN M 117 0.41 7.48 -42.67
CA ASN M 117 0.18 6.38 -41.73
C ASN M 117 -0.41 6.84 -40.41
N ALA M 118 -0.75 8.12 -40.31
CA ALA M 118 -1.43 8.63 -39.12
C ALA M 118 -2.80 7.99 -38.98
N GLU M 119 -3.26 7.86 -37.74
CA GLU M 119 -4.52 7.22 -37.42
C GLU M 119 -5.47 8.24 -36.83
N VAL M 120 -6.74 8.16 -37.21
CA VAL M 120 -7.76 9.03 -36.65
C VAL M 120 -8.80 8.13 -36.00
N MET M 121 -9.26 8.51 -34.80
CA MET M 121 -10.32 7.75 -34.15
C MET M 121 -11.38 8.71 -33.61
N ILE M 122 -12.65 8.37 -33.86
CA ILE M 122 -13.77 9.15 -33.37
C ILE M 122 -14.66 8.24 -32.53
N HIS M 123 -15.27 8.81 -31.50
CA HIS M 123 -16.20 8.08 -30.63
C HIS M 123 -16.98 9.09 -29.80
N GLN M 124 -17.87 8.60 -28.97
CA GLN M 124 -18.72 9.47 -28.19
C GLN M 124 -18.05 9.83 -26.87
N PRO M 125 -18.52 10.87 -26.18
CA PRO M 125 -17.92 11.26 -24.89
C PRO M 125 -18.04 10.16 -23.84
N LEU M 126 -17.13 10.21 -22.86
CA LEU M 126 -17.10 9.30 -21.73
C LEU M 126 -17.10 10.10 -20.44
N GLY M 127 -17.72 9.55 -19.41
CA GLY M 127 -17.76 10.25 -18.15
C GLY M 127 -18.14 9.34 -17.03
N GLY M 128 -18.52 9.95 -15.93
CA GLY M 128 -18.93 9.22 -14.75
C GLY M 128 -19.85 10.10 -13.95
N ALA M 129 -20.65 9.46 -13.10
CA ALA M 129 -21.64 10.13 -12.30
C ALA M 129 -21.86 9.31 -11.04
N GLN M 130 -21.95 9.97 -9.90
CA GLN M 130 -22.11 9.26 -8.65
C GLN M 130 -22.97 10.13 -7.73
N GLY M 131 -23.94 9.52 -7.06
CA GLY M 131 -24.74 10.22 -6.08
C GLY M 131 -26.21 9.85 -6.17
N GLN M 132 -27.05 10.81 -5.80
CA GLN M 132 -28.49 10.59 -5.85
C GLN M 132 -28.98 10.45 -7.29
N ALA M 133 -30.12 9.75 -7.44
CA ALA M 133 -30.78 9.63 -8.74
C ALA M 133 -30.86 10.98 -9.44
N THR M 134 -31.27 12.02 -8.71
CA THR M 134 -31.37 13.37 -9.25
C THR M 134 -30.04 13.85 -9.83
N GLU M 135 -28.93 13.58 -9.12
CA GLU M 135 -27.62 14.04 -9.58
C GLU M 135 -27.16 13.23 -10.78
N ILE M 136 -27.44 11.92 -10.79
CA ILE M 136 -27.10 11.11 -11.95
C ILE M 136 -27.88 11.57 -13.16
N GLU M 137 -29.15 11.94 -12.97
CA GLU M 137 -29.93 12.52 -14.05
C GLU M 137 -29.27 13.80 -14.59
N ILE M 138 -28.88 14.72 -13.69
CA ILE M 138 -28.24 15.95 -14.12
C ILE M 138 -26.99 15.66 -14.93
N ALA M 139 -26.15 14.73 -14.45
CA ALA M 139 -24.93 14.40 -15.16
C ALA M 139 -25.22 13.76 -16.50
N ALA M 140 -26.23 12.88 -16.56
CA ALA M 140 -26.58 12.24 -17.83
C ALA M 140 -27.05 13.30 -18.85
N ASN M 141 -27.94 14.20 -18.43
CA ASN M 141 -28.41 15.23 -19.36
C ASN M 141 -27.25 16.08 -19.84
N HIS M 142 -26.34 16.43 -18.93
CA HIS M 142 -25.17 17.21 -19.33
C HIS M 142 -24.34 16.50 -20.40
N ILE M 143 -23.99 15.23 -20.18
CA ILE M 143 -23.07 14.61 -21.12
C ILE M 143 -23.78 14.33 -22.45
N LEU M 144 -25.10 14.06 -22.40
CA LEU M 144 -25.85 13.90 -23.65
C LEU M 144 -25.93 15.22 -24.43
N LYS M 145 -26.18 16.33 -23.73
CA LYS M 145 -26.19 17.62 -24.41
C LYS M 145 -24.79 17.95 -24.96
N THR M 146 -23.75 17.54 -24.25
CA THR M 146 -22.40 17.78 -24.75
C THR M 146 -22.14 16.97 -26.01
N ARG M 147 -22.68 15.74 -26.06
CA ARG M 147 -22.52 14.92 -27.26
C ARG M 147 -23.23 15.55 -28.45
N GLU M 148 -24.43 16.11 -28.24
CA GLU M 148 -25.15 16.79 -29.31
C GLU M 148 -24.36 17.99 -29.81
N LYS M 149 -23.81 18.80 -28.89
CA LYS M 149 -22.97 19.93 -29.29
C LYS M 149 -21.80 19.46 -30.15
N LEU M 150 -21.11 18.40 -29.73
CA LEU M 150 -19.96 17.89 -30.48
C LEU M 150 -20.39 17.38 -31.85
N ASN M 151 -21.53 16.68 -31.93
CA ASN M 151 -22.00 16.12 -33.20
C ASN M 151 -22.40 17.22 -34.17
N ARG M 152 -23.09 18.25 -33.67
CA ARG M 152 -23.49 19.37 -34.52
C ARG M 152 -22.26 20.02 -35.14
N ILE M 153 -21.26 20.34 -34.32
CA ILE M 153 -20.04 20.96 -34.83
C ILE M 153 -19.32 20.02 -35.81
N LEU M 154 -19.17 18.75 -35.44
CA LEU M 154 -18.49 17.82 -36.33
C LEU M 154 -19.23 17.66 -37.65
N SER M 155 -20.56 17.69 -37.60
CA SER M 155 -21.36 17.67 -38.82
C SER M 155 -21.03 18.85 -39.72
N GLU M 156 -20.97 20.07 -39.16
CA GLU M 156 -20.63 21.23 -39.98
C GLU M 156 -19.18 21.20 -40.46
N ARG M 157 -18.22 20.63 -39.69
CA ARG M 157 -16.84 20.61 -40.17
C ARG M 157 -16.58 19.52 -41.21
N THR M 158 -17.37 18.45 -41.21
CA THR M 158 -17.11 17.34 -42.11
C THR M 158 -18.07 17.27 -43.28
N GLY M 159 -19.24 17.89 -43.18
CA GLY M 159 -20.28 17.69 -44.17
C GLY M 159 -21.13 16.46 -43.97
N GLN M 160 -20.84 15.61 -42.98
CA GLN M 160 -21.71 14.48 -42.71
C GLN M 160 -22.93 14.93 -41.92
N SER M 161 -24.02 14.19 -42.06
CA SER M 161 -25.21 14.48 -41.28
C SER M 161 -24.97 14.15 -39.80
N ILE M 162 -25.74 14.83 -38.94
CA ILE M 162 -25.69 14.55 -37.52
C ILE M 162 -26.03 13.09 -37.23
N GLU M 163 -27.03 12.53 -37.93
CA GLU M 163 -27.36 11.11 -37.73
C GLU M 163 -26.18 10.21 -38.05
N LYS M 164 -25.51 10.48 -39.17
CA LYS M 164 -24.36 9.64 -39.50
C LYS M 164 -23.26 9.79 -38.45
N ILE M 165 -22.95 11.02 -38.03
CA ILE M 165 -21.96 11.23 -36.97
C ILE M 165 -22.34 10.41 -35.74
N GLN M 166 -23.62 10.46 -35.36
CA GLN M 166 -24.08 9.76 -34.17
C GLN M 166 -23.85 8.25 -34.31
N GLN M 167 -24.25 7.70 -35.47
CA GLN M 167 -24.07 6.27 -35.76
C GLN M 167 -22.57 5.89 -35.74
N ASP M 168 -21.72 6.71 -36.33
CA ASP M 168 -20.30 6.39 -36.49
C ASP M 168 -19.49 6.62 -35.22
N THR M 169 -20.06 7.19 -34.16
CA THR M 169 -19.33 7.41 -32.94
C THR M 169 -19.88 6.58 -31.79
N ASP M 170 -20.88 5.74 -32.04
CA ASP M 170 -21.46 4.94 -30.97
C ASP M 170 -20.40 4.09 -30.28
N ARG M 171 -19.47 3.52 -31.06
CA ARG M 171 -18.30 2.81 -30.56
C ARG M 171 -17.06 3.43 -31.15
N ASP M 172 -15.89 3.05 -30.59
CA ASP M 172 -14.61 3.46 -31.15
C ASP M 172 -14.56 3.14 -32.64
N ASN M 173 -14.30 4.17 -33.44
CA ASN M 173 -14.27 4.07 -34.89
C ASN M 173 -12.90 4.54 -35.37
N PHE M 174 -12.04 3.60 -35.76
CA PHE M 174 -10.72 3.94 -36.30
C PHE M 174 -10.75 4.16 -37.81
N LEU M 175 -10.06 5.23 -38.24
CA LEU M 175 -9.96 5.61 -39.65
C LEU M 175 -8.50 5.77 -40.03
N THR M 176 -8.12 5.23 -41.19
CA THR M 176 -6.86 5.59 -41.83
C THR M 176 -6.90 7.06 -42.27
N ALA M 177 -5.72 7.60 -42.59
CA ALA M 177 -5.66 8.96 -43.13
C ALA M 177 -6.56 9.10 -44.36
N ALA M 178 -6.50 8.14 -45.29
CA ALA M 178 -7.32 8.22 -46.49
C ALA M 178 -8.80 8.19 -46.14
N GLU M 179 -9.20 7.34 -45.19
CA GLU M 179 -10.58 7.30 -44.75
C GLU M 179 -10.98 8.60 -44.06
N ALA M 180 -10.06 9.20 -43.31
CA ALA M 180 -10.34 10.48 -42.66
C ALA M 180 -10.61 11.57 -43.70
N LYS M 181 -9.86 11.55 -44.81
CA LYS M 181 -10.10 12.52 -45.88
C LYS M 181 -11.46 12.28 -46.54
N GLU M 182 -11.82 11.02 -46.77
CA GLU M 182 -13.11 10.73 -47.39
C GLU M 182 -14.24 11.07 -46.44
N TYR M 183 -13.96 11.01 -45.17
CA TYR M 183 -14.98 11.34 -44.19
C TYR M 183 -15.23 12.85 -44.09
N GLY M 184 -14.26 13.67 -44.47
CA GLY M 184 -14.32 15.10 -44.24
C GLY M 184 -13.63 15.59 -42.99
N LEU M 185 -12.91 14.73 -42.27
CA LEU M 185 -12.19 15.16 -41.07
C LEU M 185 -10.94 15.95 -41.43
N ILE M 186 -10.30 15.62 -42.56
CA ILE M 186 -9.18 16.37 -43.11
C ILE M 186 -9.47 16.65 -44.58
N ASP M 187 -8.62 17.50 -45.17
CA ASP M 187 -8.75 17.85 -46.57
C ASP M 187 -7.78 17.08 -47.48
N GLU M 188 -6.58 16.77 -46.98
CA GLU M 188 -5.53 16.16 -47.79
C GLU M 188 -4.67 15.24 -46.93
N VAL M 189 -4.25 14.12 -47.52
CA VAL M 189 -3.17 13.30 -47.01
C VAL M 189 -1.87 13.81 -47.60
N MET M 190 -0.93 14.11 -46.74
CA MET M 190 0.26 14.83 -47.15
C MET M 190 1.22 13.78 -47.70
N GLU M 191 1.45 13.71 -49.03
CA GLU M 191 2.33 12.62 -49.46
C GLU M 191 3.78 13.08 -49.38
N PRO M 192 4.75 12.15 -49.39
CA PRO M 192 6.18 12.53 -49.24
C PRO M 192 6.79 13.33 -50.40
N ILE N 4 4.09 26.13 -20.82
CA ILE N 4 5.42 25.52 -20.93
C ILE N 4 6.43 26.24 -21.88
N PRO N 5 6.05 26.72 -23.09
CA PRO N 5 7.05 27.19 -24.04
C PRO N 5 7.59 28.59 -23.71
N THR N 6 8.77 28.87 -24.29
CA THR N 6 9.52 30.11 -24.07
C THR N 6 9.50 31.01 -25.32
N VAL N 7 9.45 32.34 -25.03
CA VAL N 7 9.51 33.48 -25.97
C VAL N 7 10.69 34.40 -25.62
N ILE N 8 11.45 34.81 -26.66
CA ILE N 8 12.71 35.65 -26.68
C ILE N 8 13.30 36.19 -25.36
N ALA N 17 13.91 36.91 -22.11
CA ALA N 17 13.24 35.59 -21.95
C ALA N 17 12.10 35.51 -20.95
N TYR N 18 11.04 34.98 -21.51
CA TYR N 18 9.70 34.81 -20.96
C TYR N 18 9.14 33.40 -21.20
N ASP N 19 8.38 32.84 -20.25
CA ASP N 19 7.46 31.75 -20.61
C ASP N 19 6.23 32.35 -21.31
N ILE N 20 5.41 31.49 -21.92
CA ILE N 20 4.30 32.01 -22.73
C ILE N 20 3.33 32.84 -21.87
N TYR N 21 3.11 32.45 -20.61
CA TYR N 21 2.17 33.21 -19.77
C TYR N 21 2.77 34.53 -19.32
N SER N 22 4.08 34.56 -19.08
CA SER N 22 4.75 35.81 -18.76
C SER N 22 4.70 36.77 -19.94
N ARG N 23 4.85 36.24 -21.16
CA ARG N 23 4.71 37.06 -22.34
C ARG N 23 3.31 37.67 -22.46
N LEU N 24 2.25 36.88 -22.18
CA LEU N 24 0.91 37.47 -22.23
C LEU N 24 0.66 38.45 -21.09
N LEU N 25 1.27 38.23 -19.92
CA LEU N 25 1.12 39.18 -18.82
C LEU N 25 1.66 40.56 -19.20
N LYS N 26 2.70 40.60 -20.05
CA LYS N 26 3.19 41.87 -20.59
C LYS N 26 2.09 42.66 -21.30
N ASP N 27 1.13 41.96 -21.94
CA ASP N 27 -0.03 42.60 -22.56
C ASP N 27 -1.25 42.65 -21.63
N ARG N 28 -1.05 42.53 -20.31
CA ARG N 28 -2.14 42.65 -19.33
C ARG N 28 -3.16 41.54 -19.45
N ILE N 29 -2.73 40.36 -19.90
CA ILE N 29 -3.57 39.16 -19.96
C ILE N 29 -3.15 38.23 -18.83
N ILE N 30 -4.11 37.85 -17.98
CA ILE N 30 -3.92 36.84 -16.94
C ILE N 30 -4.69 35.58 -17.33
N MET N 31 -4.04 34.42 -17.24
CA MET N 31 -4.66 33.14 -17.61
C MET N 31 -4.99 32.37 -16.33
N LEU N 32 -6.29 32.22 -16.03
CA LEU N 32 -6.75 31.37 -14.93
C LEU N 32 -7.23 30.07 -15.55
N GLY N 33 -6.36 29.05 -15.54
CA GLY N 33 -6.65 27.84 -16.30
C GLY N 33 -6.58 26.57 -15.46
N SER N 34 -7.00 26.66 -14.20
CA SER N 34 -6.87 25.52 -13.30
C SER N 34 -7.88 25.66 -12.18
N GLN N 35 -7.92 24.63 -11.30
CA GLN N 35 -8.59 24.70 -10.01
C GLN N 35 -8.11 25.94 -9.24
N ILE N 36 -9.02 26.57 -8.47
CA ILE N 36 -8.71 27.76 -7.68
C ILE N 36 -8.43 27.30 -6.25
N ASP N 37 -7.16 27.31 -5.89
CA ASP N 37 -6.70 27.07 -4.54
C ASP N 37 -5.91 28.29 -4.08
N ASP N 38 -5.33 28.20 -2.88
CA ASP N 38 -4.64 29.36 -2.31
C ASP N 38 -3.43 29.79 -3.14
N ASN N 39 -2.69 28.84 -3.73
CA ASN N 39 -1.51 29.23 -4.52
C ASN N 39 -1.93 29.93 -5.80
N VAL N 40 -2.95 29.39 -6.47
CA VAL N 40 -3.50 30.02 -7.68
C VAL N 40 -4.00 31.43 -7.38
N ALA N 41 -4.73 31.60 -6.26
CA ALA N 41 -5.24 32.92 -5.91
C ALA N 41 -4.09 33.87 -5.61
N ASN N 42 -3.06 33.37 -4.92
CA ASN N 42 -1.93 34.21 -4.57
C ASN N 42 -1.28 34.74 -5.84
N SER N 43 -1.12 33.87 -6.83
CA SER N 43 -0.52 34.29 -8.10
C SER N 43 -1.40 35.29 -8.84
N ILE N 44 -2.70 35.00 -8.94
CA ILE N 44 -3.60 35.87 -9.69
C ILE N 44 -3.68 37.24 -9.01
N VAL N 45 -3.84 37.25 -7.68
CA VAL N 45 -3.87 38.51 -6.95
C VAL N 45 -2.59 39.29 -7.20
N SER N 46 -1.44 38.61 -7.14
CA SER N 46 -0.16 39.27 -7.36
C SER N 46 -0.07 39.83 -8.77
N GLN N 47 -0.59 39.11 -9.76
CA GLN N 47 -0.56 39.63 -11.13
C GLN N 47 -1.47 40.84 -11.26
N LEU N 48 -2.63 40.82 -10.62
CA LEU N 48 -3.53 41.96 -10.65
C LEU N 48 -2.88 43.19 -10.01
N LEU N 49 -2.31 43.02 -8.82
CA LEU N 49 -1.64 44.14 -8.15
C LEU N 49 -0.52 44.68 -9.02
N PHE N 50 0.26 43.78 -9.63
CA PHE N 50 1.38 44.23 -10.46
C PHE N 50 0.88 44.98 -11.70
N LEU N 51 -0.15 44.47 -12.37
CA LEU N 51 -0.66 45.15 -13.56
C LEU N 51 -1.18 46.54 -13.21
N GLN N 52 -1.80 46.69 -12.04
CA GLN N 52 -2.30 47.98 -11.61
C GLN N 52 -1.16 48.94 -11.30
N ALA N 53 -0.10 48.45 -10.65
CA ALA N 53 1.06 49.29 -10.38
C ALA N 53 1.73 49.74 -11.67
N GLN N 54 1.61 48.94 -12.74
CA GLN N 54 2.26 49.30 -13.99
C GLN N 54 1.47 50.40 -14.70
N ASP N 55 0.14 50.32 -14.64
CA ASP N 55 -0.76 51.25 -15.32
C ASP N 55 -2.11 51.09 -14.67
N SER N 56 -2.57 52.13 -13.98
CA SER N 56 -3.81 52.04 -13.24
C SER N 56 -5.05 52.31 -14.09
N GLU N 57 -4.88 52.58 -15.41
CA GLU N 57 -5.98 52.99 -16.28
C GLU N 57 -6.31 51.98 -17.38
N LYS N 58 -5.34 51.22 -17.85
CA LYS N 58 -5.57 50.26 -18.94
C LYS N 58 -6.29 49.01 -18.43
N ASP N 59 -7.22 48.50 -19.25
CA ASP N 59 -7.94 47.28 -18.93
C ASP N 59 -6.99 46.10 -18.70
N ILE N 60 -7.44 45.16 -17.86
CA ILE N 60 -6.80 43.87 -17.67
C ILE N 60 -7.73 42.81 -18.28
N TYR N 61 -7.15 41.76 -18.84
CA TYR N 61 -7.95 40.67 -19.41
C TYR N 61 -7.70 39.37 -18.65
N LEU N 62 -8.76 38.82 -18.06
CA LEU N 62 -8.68 37.60 -17.26
C LEU N 62 -9.43 36.50 -18.01
N TYR N 63 -8.67 35.57 -18.60
CA TYR N 63 -9.26 34.40 -19.22
C TYR N 63 -9.52 33.35 -18.14
N ILE N 64 -10.69 32.72 -18.21
CA ILE N 64 -11.13 31.79 -17.17
C ILE N 64 -11.49 30.47 -17.83
N ASN N 65 -10.71 29.43 -17.53
CA ASN N 65 -11.04 28.04 -17.82
C ASN N 65 -10.77 27.29 -16.51
N SER N 66 -11.82 27.08 -15.71
CA SER N 66 -11.62 26.60 -14.35
C SER N 66 -12.80 25.77 -13.86
N PRO N 67 -12.55 24.62 -13.23
CA PRO N 67 -13.65 23.86 -12.63
C PRO N 67 -14.11 24.41 -11.29
N GLY N 68 -13.45 25.44 -10.77
CA GLY N 68 -13.82 26.01 -9.49
C GLY N 68 -12.73 25.83 -8.46
N GLY N 69 -13.15 25.87 -7.20
CA GLY N 69 -12.19 25.62 -6.12
C GLY N 69 -12.65 26.28 -4.82
N SER N 70 -11.66 26.67 -4.02
CA SER N 70 -11.88 27.19 -2.68
C SER N 70 -12.66 28.51 -2.72
N VAL N 71 -13.65 28.64 -1.84
CA VAL N 71 -14.44 29.87 -1.81
C VAL N 71 -13.59 31.04 -1.35
N THR N 72 -12.79 30.84 -0.29
CA THR N 72 -11.99 31.95 0.20
C THR N 72 -10.89 32.31 -0.79
N ALA N 73 -10.27 31.32 -1.44
CA ALA N 73 -9.29 31.67 -2.49
C ALA N 73 -9.96 32.47 -3.59
N GLY N 74 -11.18 32.07 -3.99
CA GLY N 74 -11.89 32.82 -5.01
C GLY N 74 -12.23 34.23 -4.57
N PHE N 75 -12.54 34.42 -3.29
CA PHE N 75 -12.84 35.76 -2.80
C PHE N 75 -11.60 36.63 -2.71
N ALA N 76 -10.43 36.04 -2.47
CA ALA N 76 -9.20 36.83 -2.56
C ALA N 76 -9.08 37.44 -3.95
N ILE N 77 -9.36 36.64 -4.99
CA ILE N 77 -9.33 37.16 -6.36
C ILE N 77 -10.45 38.15 -6.58
N TYR N 78 -11.68 37.79 -6.16
CA TYR N 78 -12.85 38.65 -6.39
C TYR N 78 -12.64 40.03 -5.77
N ASP N 79 -12.24 40.08 -4.50
CA ASP N 79 -12.11 41.38 -3.84
C ASP N 79 -10.97 42.19 -4.44
N THR N 80 -9.92 41.51 -4.92
CA THR N 80 -8.84 42.24 -5.58
C THR N 80 -9.33 42.86 -6.90
N ILE N 81 -10.13 42.12 -7.68
CA ILE N 81 -10.71 42.69 -8.89
C ILE N 81 -11.50 43.96 -8.57
N GLN N 82 -12.38 43.90 -7.56
CA GLN N 82 -13.19 45.07 -7.24
C GLN N 82 -12.38 46.18 -6.60
N HIS N 83 -11.21 45.87 -6.03
CA HIS N 83 -10.42 46.89 -5.35
C HIS N 83 -9.64 47.76 -6.34
N ILE N 84 -9.00 47.14 -7.33
CA ILE N 84 -8.04 47.85 -8.17
C ILE N 84 -8.76 48.81 -9.12
N LYS N 85 -8.03 49.86 -9.55
CA LYS N 85 -8.62 50.87 -10.44
C LYS N 85 -8.92 50.31 -11.84
N PRO N 86 -8.02 49.55 -12.50
CA PRO N 86 -8.34 49.08 -13.85
C PRO N 86 -9.58 48.19 -13.89
N ASP N 87 -10.35 48.34 -14.96
CA ASP N 87 -11.36 47.35 -15.30
C ASP N 87 -10.70 46.02 -15.60
N VAL N 88 -11.34 44.94 -15.14
CA VAL N 88 -10.90 43.59 -15.42
C VAL N 88 -11.96 42.94 -16.28
N GLN N 89 -11.63 42.70 -17.56
CA GLN N 89 -12.52 41.93 -18.41
C GLN N 89 -12.36 40.45 -18.10
N THR N 90 -13.46 39.70 -18.15
CA THR N 90 -13.43 38.26 -17.94
C THR N 90 -13.91 37.58 -19.22
N ILE N 91 -13.15 36.57 -19.65
CA ILE N 91 -13.44 35.82 -20.87
C ILE N 91 -13.44 34.34 -20.52
N CYS N 92 -14.61 33.72 -20.62
CA CYS N 92 -14.72 32.29 -20.34
C CYS N 92 -14.38 31.50 -21.60
N ILE N 93 -13.37 30.64 -21.53
CA ILE N 93 -13.09 29.66 -22.57
C ILE N 93 -13.16 28.26 -21.95
N GLY N 94 -13.79 27.34 -22.65
CA GLY N 94 -13.87 25.97 -22.14
C GLY N 94 -14.93 25.83 -21.06
N MET N 95 -14.58 26.04 -19.79
CA MET N 95 -15.50 25.90 -18.65
C MET N 95 -15.25 26.98 -17.61
N ALA N 96 -16.33 27.60 -17.10
CA ALA N 96 -16.28 28.33 -15.82
C ALA N 96 -17.34 27.71 -14.91
N ALA N 97 -16.89 26.92 -13.94
CA ALA N 97 -17.80 26.19 -13.06
C ALA N 97 -17.60 26.66 -11.64
N SER N 98 -18.71 26.73 -10.88
CA SER N 98 -18.64 26.93 -9.43
C SER N 98 -17.92 28.26 -9.20
N MET N 99 -16.84 28.31 -8.41
CA MET N 99 -16.18 29.58 -8.18
C MET N 99 -15.61 30.17 -9.46
N GLY N 100 -15.38 29.34 -10.47
CA GLY N 100 -14.98 29.87 -11.76
C GLY N 100 -16.07 30.70 -12.39
N SER N 101 -17.33 30.26 -12.30
CA SER N 101 -18.41 31.07 -12.86
C SER N 101 -18.67 32.30 -11.99
N PHE N 102 -18.43 32.19 -10.68
CA PHE N 102 -18.55 33.36 -9.81
C PHE N 102 -17.56 34.44 -10.23
N LEU N 103 -16.31 34.07 -10.52
CA LEU N 103 -15.32 35.07 -10.94
C LEU N 103 -15.61 35.62 -12.34
N LEU N 104 -16.13 34.78 -13.24
CA LEU N 104 -16.56 35.25 -14.55
C LEU N 104 -17.59 36.37 -14.41
N ALA N 105 -18.58 36.18 -13.53
CA ALA N 105 -19.60 37.19 -13.26
C ALA N 105 -19.04 38.42 -12.59
N ALA N 106 -17.80 38.35 -12.08
CA ALA N 106 -17.21 39.45 -11.33
C ALA N 106 -16.47 40.45 -12.20
N GLY N 107 -16.32 40.19 -13.51
CA GLY N 107 -15.64 41.15 -14.37
C GLY N 107 -16.38 42.48 -14.46
N ALA N 108 -15.66 43.49 -14.95
CA ALA N 108 -16.26 44.81 -15.19
C ALA N 108 -17.56 44.68 -15.97
N LYS N 109 -18.63 45.29 -15.46
CA LYS N 109 -19.93 45.16 -16.12
C LYS N 109 -19.85 45.71 -17.55
N GLY N 110 -20.40 44.96 -18.50
CA GLY N 110 -20.20 45.20 -19.91
C GLY N 110 -18.98 44.55 -20.52
N LYS N 111 -18.05 44.03 -19.72
CA LYS N 111 -16.83 43.42 -20.25
C LYS N 111 -16.67 41.98 -19.77
N ARG N 112 -17.78 41.24 -19.65
CA ARG N 112 -17.79 39.83 -19.26
C ARG N 112 -18.25 39.02 -20.46
N PHE N 113 -17.40 38.08 -20.91
CA PHE N 113 -17.60 37.37 -22.16
C PHE N 113 -17.46 35.86 -21.97
N ALA N 114 -18.04 35.13 -22.91
CA ALA N 114 -17.77 33.71 -23.08
C ALA N 114 -17.68 33.43 -24.56
N LEU N 115 -16.79 32.51 -24.94
CA LEU N 115 -16.73 32.05 -26.32
C LEU N 115 -17.94 31.14 -26.57
N PRO N 116 -18.33 30.95 -27.84
CA PRO N 116 -19.67 30.39 -28.10
C PRO N 116 -19.90 28.99 -27.54
N ASN N 117 -18.88 28.13 -27.47
CA ASN N 117 -19.06 26.77 -26.98
C ASN N 117 -18.57 26.58 -25.56
N ALA N 118 -18.19 27.67 -24.89
CA ALA N 118 -17.80 27.61 -23.49
C ALA N 118 -19.01 27.24 -22.63
N GLU N 119 -18.75 26.57 -21.51
CA GLU N 119 -19.79 26.09 -20.62
C GLU N 119 -19.68 26.82 -19.28
N VAL N 120 -20.82 27.16 -18.71
CA VAL N 120 -20.86 27.79 -17.40
C VAL N 120 -21.68 26.88 -16.49
N MET N 121 -21.21 26.68 -15.26
CA MET N 121 -21.98 25.89 -14.30
C MET N 121 -22.02 26.60 -12.96
N ILE N 122 -23.22 26.65 -12.37
CA ILE N 122 -23.39 27.26 -11.05
C ILE N 122 -24.01 26.23 -10.13
N HIS N 123 -23.64 26.28 -8.86
CA HIS N 123 -24.20 25.38 -7.84
C HIS N 123 -23.85 25.96 -6.46
N GLN N 124 -24.28 25.27 -5.44
CA GLN N 124 -24.09 25.75 -4.07
C GLN N 124 -22.74 25.26 -3.54
N PRO N 125 -22.23 25.88 -2.46
CA PRO N 125 -20.96 25.43 -1.89
C PRO N 125 -21.01 24.01 -1.38
N LEU N 126 -19.82 23.39 -1.31
CA LEU N 126 -19.63 22.03 -0.81
C LEU N 126 -18.59 22.06 0.29
N GLY N 127 -18.75 21.18 1.26
CA GLY N 127 -17.79 21.13 2.34
C GLY N 127 -17.90 19.85 3.12
N GLY N 128 -17.31 19.87 4.30
CA GLY N 128 -17.33 18.73 5.18
C GLY N 128 -17.16 19.23 6.59
N ALA N 129 -17.59 18.39 7.53
CA ALA N 129 -17.56 18.72 8.94
C ALA N 129 -17.44 17.42 9.71
N GLN N 130 -16.67 17.47 10.77
CA GLN N 130 -16.38 16.28 11.55
C GLN N 130 -16.14 16.67 13.00
N GLY N 131 -16.76 15.93 13.90
CA GLY N 131 -16.49 16.16 15.30
C GLY N 131 -17.76 16.15 16.14
N GLN N 132 -17.73 16.91 17.22
CA GLN N 132 -18.88 17.02 18.11
C GLN N 132 -20.05 17.71 17.41
N ALA N 133 -21.27 17.39 17.88
CA ALA N 133 -22.48 18.07 17.42
C ALA N 133 -22.27 19.59 17.36
N THR N 134 -21.70 20.15 18.42
CA THR N 134 -21.45 21.58 18.49
C THR N 134 -20.57 22.05 17.33
N GLU N 135 -19.52 21.26 16.99
CA GLU N 135 -18.62 21.67 15.91
C GLU N 135 -19.29 21.51 14.56
N ILE N 136 -20.10 20.47 14.39
CA ILE N 136 -20.83 20.31 13.13
C ILE N 136 -21.81 21.46 12.95
N GLU N 137 -22.45 21.88 14.05
CA GLU N 137 -23.30 23.07 14.00
C GLU N 137 -22.52 24.30 13.55
N ILE N 138 -21.35 24.55 14.15
CA ILE N 138 -20.54 25.71 13.75
C ILE N 138 -20.20 25.63 12.27
N ALA N 139 -19.79 24.47 11.78
CA ALA N 139 -19.43 24.34 10.37
C ALA N 139 -20.64 24.53 9.48
N ALA N 140 -21.80 24.00 9.87
CA ALA N 140 -23.01 24.18 9.08
C ALA N 140 -23.38 25.66 8.98
N ASN N 141 -23.39 26.37 10.12
CA ASN N 141 -23.73 27.80 10.08
C ASN N 141 -22.76 28.55 9.21
N HIS N 142 -21.47 28.23 9.31
CA HIS N 142 -20.48 28.87 8.46
C HIS N 142 -20.78 28.69 6.97
N ILE N 143 -20.99 27.43 6.53
CA ILE N 143 -21.12 27.23 5.10
C ILE N 143 -22.46 27.80 4.60
N LEU N 144 -23.50 27.79 5.44
CA LEU N 144 -24.75 28.41 5.05
C LEU N 144 -24.62 29.92 4.95
N LYS N 145 -23.91 30.56 5.89
CA LYS N 145 -23.67 31.99 5.78
C LYS N 145 -22.81 32.31 4.56
N THR N 146 -21.88 31.41 4.23
CA THR N 146 -21.07 31.62 3.03
C THR N 146 -21.92 31.56 1.78
N ARG N 147 -22.90 30.64 1.77
CA ARG N 147 -23.79 30.53 0.62
C ARG N 147 -24.63 31.79 0.45
N GLU N 148 -25.11 32.36 1.57
CA GLU N 148 -25.87 33.61 1.50
C GLU N 148 -25.02 34.74 0.95
N LYS N 149 -23.77 34.85 1.44
CA LYS N 149 -22.85 35.86 0.91
C LYS N 149 -22.67 35.70 -0.61
N LEU N 150 -22.45 34.47 -1.07
CA LEU N 150 -22.26 34.24 -2.50
C LEU N 150 -23.52 34.58 -3.30
N ASN N 151 -24.70 34.22 -2.76
CA ASN N 151 -25.96 34.48 -3.46
C ASN N 151 -26.25 35.97 -3.57
N ARG N 152 -26.00 36.71 -2.47
CA ARG N 152 -26.22 38.15 -2.48
C ARG N 152 -25.35 38.80 -3.55
N ILE N 153 -24.06 38.47 -3.57
CA ILE N 153 -23.17 39.04 -4.59
C ILE N 153 -23.60 38.63 -5.99
N LEU N 154 -23.88 37.34 -6.19
CA LEU N 154 -24.30 36.89 -7.51
C LEU N 154 -25.60 37.57 -7.96
N SER N 155 -26.51 37.80 -7.01
CA SER N 155 -27.72 38.54 -7.31
C SER N 155 -27.41 39.93 -7.83
N GLU N 156 -26.44 40.62 -7.19
CA GLU N 156 -26.08 41.96 -7.63
C GLU N 156 -25.42 41.91 -8.99
N ARG N 157 -24.57 40.93 -9.22
CA ARG N 157 -23.83 40.92 -10.49
C ARG N 157 -24.69 40.48 -11.67
N THR N 158 -25.75 39.72 -11.44
CA THR N 158 -26.55 39.20 -12.53
C THR N 158 -27.89 39.90 -12.70
N GLY N 159 -28.38 40.59 -11.67
CA GLY N 159 -29.73 41.10 -11.70
C GLY N 159 -30.81 40.10 -11.32
N GLN N 160 -30.48 38.84 -11.08
CA GLN N 160 -31.48 37.89 -10.61
C GLN N 160 -31.73 38.08 -9.13
N SER N 161 -32.93 37.71 -8.69
CA SER N 161 -33.24 37.77 -7.27
C SER N 161 -32.45 36.71 -6.51
N ILE N 162 -32.24 36.97 -5.22
CA ILE N 162 -31.58 35.99 -4.36
C ILE N 162 -32.36 34.69 -4.33
N GLU N 163 -33.69 34.74 -4.35
CA GLU N 163 -34.49 33.53 -4.30
C GLU N 163 -34.30 32.70 -5.56
N LYS N 164 -34.21 33.37 -6.72
CA LYS N 164 -33.95 32.64 -7.96
C LYS N 164 -32.55 32.05 -7.95
N ILE N 165 -31.53 32.81 -7.52
CA ILE N 165 -30.17 32.27 -7.41
C ILE N 165 -30.18 31.02 -6.53
N GLN N 166 -30.88 31.09 -5.40
CA GLN N 166 -30.91 29.97 -4.47
C GLN N 166 -31.52 28.74 -5.13
N GLN N 167 -32.65 28.92 -5.77
CA GLN N 167 -33.31 27.82 -6.49
C GLN N 167 -32.43 27.23 -7.59
N ASP N 168 -31.76 28.10 -8.38
CA ASP N 168 -30.98 27.66 -9.53
C ASP N 168 -29.62 27.07 -9.15
N THR N 169 -29.23 27.12 -7.89
CA THR N 169 -27.95 26.54 -7.48
C THR N 169 -28.13 25.35 -6.55
N ASP N 170 -29.38 24.95 -6.28
CA ASP N 170 -29.59 23.83 -5.37
C ASP N 170 -28.87 22.58 -5.85
N ARG N 171 -28.88 22.34 -7.17
CA ARG N 171 -28.11 21.27 -7.80
C ARG N 171 -27.24 21.88 -8.89
N ASP N 172 -26.29 21.08 -9.39
CA ASP N 172 -25.48 21.49 -10.54
C ASP N 172 -26.37 21.97 -11.68
N ASN N 173 -26.12 23.19 -12.11
CA ASN N 173 -26.91 23.85 -13.16
C ASN N 173 -25.95 24.26 -14.29
N PHE N 174 -25.97 23.51 -15.39
CA PHE N 174 -25.16 23.83 -16.56
C PHE N 174 -25.86 24.80 -17.50
N LEU N 175 -25.10 25.79 -17.98
CA LEU N 175 -25.59 26.82 -18.90
C LEU N 175 -24.66 26.89 -20.11
N THR N 176 -25.25 26.97 -21.30
CA THR N 176 -24.52 27.38 -22.50
C THR N 176 -24.10 28.83 -22.36
N ALA N 177 -23.17 29.25 -23.23
CA ALA N 177 -22.78 30.66 -23.27
C ALA N 177 -24.00 31.57 -23.47
N ALA N 178 -24.89 31.22 -24.40
CA ALA N 178 -26.07 32.04 -24.65
C ALA N 178 -26.95 32.10 -23.41
N GLU N 179 -27.14 30.96 -22.73
CA GLU N 179 -27.92 30.94 -21.50
C GLU N 179 -27.24 31.76 -20.40
N ALA N 180 -25.91 31.73 -20.35
CA ALA N 180 -25.19 32.53 -19.37
C ALA N 180 -25.41 34.02 -19.60
N LYS N 181 -25.47 34.44 -20.88
CA LYS N 181 -25.74 35.85 -21.18
C LYS N 181 -27.17 36.22 -20.76
N GLU N 182 -28.13 35.41 -21.18
CA GLU N 182 -29.50 35.62 -20.76
C GLU N 182 -29.62 35.69 -19.21
N TYR N 183 -28.83 34.87 -18.49
CA TYR N 183 -28.90 34.83 -17.03
C TYR N 183 -28.33 36.10 -16.40
N GLY N 184 -27.44 36.81 -17.09
CA GLY N 184 -26.72 37.91 -16.49
C GLY N 184 -25.33 37.57 -15.97
N LEU N 185 -24.84 36.34 -16.20
CA LEU N 185 -23.50 35.99 -15.75
C LEU N 185 -22.43 36.61 -16.63
N ILE N 186 -22.71 36.80 -17.91
CA ILE N 186 -21.84 37.51 -18.85
C ILE N 186 -22.69 38.55 -19.58
N ASP N 187 -22.01 39.41 -20.31
CA ASP N 187 -22.67 40.45 -21.10
C ASP N 187 -22.80 40.10 -22.58
N GLU N 188 -21.83 39.38 -23.14
CA GLU N 188 -21.79 39.09 -24.57
C GLU N 188 -21.15 37.72 -24.81
N VAL N 189 -21.66 37.01 -25.82
CA VAL N 189 -21.01 35.87 -26.41
C VAL N 189 -20.15 36.38 -27.56
N MET N 190 -18.88 36.03 -27.53
CA MET N 190 -17.92 36.64 -28.41
C MET N 190 -18.01 35.87 -29.73
N GLU N 191 -18.57 36.45 -30.82
CA GLU N 191 -18.67 35.58 -31.99
C GLU N 191 -17.38 35.68 -32.80
N PRO N 192 -17.11 34.73 -33.72
CA PRO N 192 -15.84 34.73 -34.48
C PRO N 192 -15.64 35.90 -35.46
#